data_5JW0
# 
_entry.id   5JW0 
# 
_audit_conform.dict_name       mmcif_pdbx.dic 
_audit_conform.dict_version    5.387 
_audit_conform.dict_location   http://mmcif.pdb.org/dictionaries/ascii/mmcif_pdbx.dic 
# 
loop_
_database_2.database_id 
_database_2.database_code 
_database_2.pdbx_database_accession 
_database_2.pdbx_DOI 
PDB   5JW0         pdb_00005jw0 10.2210/pdb5jw0/pdb 
WWPDB D_1000221309 ?            ?                   
# 
loop_
_pdbx_audit_revision_history.ordinal 
_pdbx_audit_revision_history.data_content_type 
_pdbx_audit_revision_history.major_revision 
_pdbx_audit_revision_history.minor_revision 
_pdbx_audit_revision_history.revision_date 
1 'Structure model' 1 0 2016-09-14 
2 'Structure model' 1 1 2016-10-26 
3 'Structure model' 1 2 2024-03-06 
# 
_pdbx_audit_revision_details.ordinal             1 
_pdbx_audit_revision_details.revision_ordinal    1 
_pdbx_audit_revision_details.data_content_type   'Structure model' 
_pdbx_audit_revision_details.provider            repository 
_pdbx_audit_revision_details.type                'Initial release' 
_pdbx_audit_revision_details.description         ? 
_pdbx_audit_revision_details.details             ? 
# 
loop_
_pdbx_audit_revision_group.ordinal 
_pdbx_audit_revision_group.revision_ordinal 
_pdbx_audit_revision_group.data_content_type 
_pdbx_audit_revision_group.group 
1 2 'Structure model' 'Database references'  
2 3 'Structure model' 'Data collection'      
3 3 'Structure model' 'Database references'  
4 3 'Structure model' 'Derived calculations' 
5 3 'Structure model' 'Structure summary'    
# 
loop_
_pdbx_audit_revision_category.ordinal 
_pdbx_audit_revision_category.revision_ordinal 
_pdbx_audit_revision_category.data_content_type 
_pdbx_audit_revision_category.category 
1 3 'Structure model' chem_comp              
2 3 'Structure model' chem_comp_atom         
3 3 'Structure model' chem_comp_bond         
4 3 'Structure model' citation               
5 3 'Structure model' database_2             
6 3 'Structure model' pdbx_struct_conn_angle 
7 3 'Structure model' pdbx_struct_oper_list  
8 3 'Structure model' struct_conn            
# 
loop_
_pdbx_audit_revision_item.ordinal 
_pdbx_audit_revision_item.revision_ordinal 
_pdbx_audit_revision_item.data_content_type 
_pdbx_audit_revision_item.item 
1  3 'Structure model' '_chem_comp.pdbx_synonyms'                    
2  3 'Structure model' '_citation.journal_id_CSD'                    
3  3 'Structure model' '_database_2.pdbx_DOI'                        
4  3 'Structure model' '_database_2.pdbx_database_accession'         
5  3 'Structure model' '_pdbx_struct_conn_angle.ptnr1_auth_asym_id'  
6  3 'Structure model' '_pdbx_struct_conn_angle.ptnr1_auth_comp_id'  
7  3 'Structure model' '_pdbx_struct_conn_angle.ptnr1_auth_seq_id'   
8  3 'Structure model' '_pdbx_struct_conn_angle.ptnr1_label_asym_id' 
9  3 'Structure model' '_pdbx_struct_conn_angle.ptnr1_label_atom_id' 
10 3 'Structure model' '_pdbx_struct_conn_angle.ptnr1_label_comp_id' 
11 3 'Structure model' '_pdbx_struct_conn_angle.ptnr1_label_seq_id'  
12 3 'Structure model' '_pdbx_struct_conn_angle.ptnr2_auth_asym_id'  
13 3 'Structure model' '_pdbx_struct_conn_angle.ptnr2_auth_seq_id'   
14 3 'Structure model' '_pdbx_struct_conn_angle.ptnr2_label_asym_id' 
15 3 'Structure model' '_pdbx_struct_conn_angle.ptnr3_auth_asym_id'  
16 3 'Structure model' '_pdbx_struct_conn_angle.ptnr3_auth_comp_id'  
17 3 'Structure model' '_pdbx_struct_conn_angle.ptnr3_auth_seq_id'   
18 3 'Structure model' '_pdbx_struct_conn_angle.ptnr3_label_asym_id' 
19 3 'Structure model' '_pdbx_struct_conn_angle.ptnr3_label_atom_id' 
20 3 'Structure model' '_pdbx_struct_conn_angle.ptnr3_label_comp_id' 
21 3 'Structure model' '_pdbx_struct_conn_angle.value'               
22 3 'Structure model' '_pdbx_struct_oper_list.symmetry_operation'   
23 3 'Structure model' '_struct_conn.pdbx_dist_value'                
24 3 'Structure model' '_struct_conn.ptnr1_auth_asym_id'             
25 3 'Structure model' '_struct_conn.ptnr1_auth_comp_id'             
26 3 'Structure model' '_struct_conn.ptnr1_auth_seq_id'              
27 3 'Structure model' '_struct_conn.ptnr1_label_asym_id'            
28 3 'Structure model' '_struct_conn.ptnr1_label_atom_id'            
29 3 'Structure model' '_struct_conn.ptnr1_label_comp_id'            
30 3 'Structure model' '_struct_conn.ptnr1_label_seq_id'             
31 3 'Structure model' '_struct_conn.ptnr2_auth_asym_id'             
32 3 'Structure model' '_struct_conn.ptnr2_auth_comp_id'             
33 3 'Structure model' '_struct_conn.ptnr2_auth_seq_id'              
34 3 'Structure model' '_struct_conn.ptnr2_label_asym_id'            
35 3 'Structure model' '_struct_conn.ptnr2_label_atom_id'            
36 3 'Structure model' '_struct_conn.ptnr2_label_comp_id'            
# 
_pdbx_database_status.status_code                     REL 
_pdbx_database_status.status_code_sf                  REL 
_pdbx_database_status.status_code_mr                  ? 
_pdbx_database_status.entry_id                        5JW0 
_pdbx_database_status.recvd_initial_deposition_date   2016-05-11 
_pdbx_database_status.SG_entry                        N 
_pdbx_database_status.deposit_site                    RCSB 
_pdbx_database_status.process_site                    RCSB 
_pdbx_database_status.status_code_cs                  ? 
_pdbx_database_status.methods_development_category    ? 
_pdbx_database_status.pdb_format_compatible           Y 
_pdbx_database_status.status_code_nmr_data            ? 
# 
loop_
_pdbx_database_related.content_type 
_pdbx_database_related.db_id 
_pdbx_database_related.db_name 
_pdbx_database_related.details 
unspecified 5JW2 PDB . 
unspecified 5JVW PDB . 
unspecified 5JVT PDB . 
# 
loop_
_audit_author.name 
_audit_author.pdbx_ordinal 
'Hou, C.'        1 
'Rohr, J.'       2 
'Tsodikov, O.V.' 3 
# 
_citation.abstract                  ? 
_citation.abstract_id_CAS           ? 
_citation.book_id_ISBN              ? 
_citation.book_publisher            ? 
_citation.book_publisher_city       ? 
_citation.book_title                ? 
_citation.coordinate_linkage        ? 
_citation.country                   UK 
_citation.database_id_Medline       ? 
_citation.details                   ? 
_citation.id                        primary 
_citation.journal_abbrev            'Nucleic Acids Res.' 
_citation.journal_id_ASTM           NARHAD 
_citation.journal_id_CSD            0389 
_citation.journal_id_ISSN           1362-4962 
_citation.journal_full              ? 
_citation.journal_issue             ? 
_citation.journal_volume            44 
_citation.language                  ? 
_citation.page_first                8990 
_citation.page_last                 9004 
_citation.title                     
'Structures of mithramycin analogues bound to DNA and implications for targeting transcription factor FLI1.' 
_citation.year                      2016 
_citation.database_id_CSD           ? 
_citation.pdbx_database_id_DOI      10.1093/nar/gkw761 
_citation.pdbx_database_id_PubMed   27587584 
_citation.unpublished_flag          ? 
# 
loop_
_citation_author.citation_id 
_citation_author.name 
_citation_author.ordinal 
_citation_author.identifier_ORCID 
primary 'Hou, C.'        1 ? 
primary 'Weidenbach, S.' 2 ? 
primary 'Cano, K.E.'     3 ? 
primary 'Wang, Z.'       4 ? 
primary 'Mitra, P.'      5 ? 
primary 'Ivanov, D.N.'   6 ? 
primary 'Rohr, J.'       7 ? 
primary 'Tsodikov, O.V.' 8 ? 
# 
loop_
_entity.id 
_entity.type 
_entity.src_method 
_entity.pdbx_description 
_entity.formula_weight 
_entity.pdbx_number_of_molecules 
_entity.pdbx_ec 
_entity.pdbx_mutation 
_entity.pdbx_fragment 
_entity.details 
1 polymer     syn 
;DNA (5'-D(P*AP*GP*GP*GP*TP*AP*CP*CP*CP*T)-3')
;
3045.005 2  ? ? ? ? 
2 non-polymer syn 'Plicamycin, mithramycin analogue MTM SA-Phe'   1188.267 4  ? ? ? ? 
3 non-polymer syn 'ZINC ION'                                      65.409   6  ? ? ? ? 
4 water       nat water                                           18.015   10 ? ? ? ? 
# 
_entity_poly.entity_id                      1 
_entity_poly.type                           polydeoxyribonucleotide 
_entity_poly.nstd_linkage                   no 
_entity_poly.nstd_monomer                   no 
_entity_poly.pdbx_seq_one_letter_code       '(DA)(DG)(DG)(DG)(DT)(DA)(DC)(DC)(DC)(DT)' 
_entity_poly.pdbx_seq_one_letter_code_can   AGGGTACCCT 
_entity_poly.pdbx_strand_id                 A,B 
_entity_poly.pdbx_target_identifier         ? 
# 
loop_
_pdbx_entity_nonpoly.entity_id 
_pdbx_entity_nonpoly.name 
_pdbx_entity_nonpoly.comp_id 
2 'Plicamycin, mithramycin analogue MTM SA-Phe' 6O7 
3 'ZINC ION'                                    ZN  
4 water                                         HOH 
# 
loop_
_entity_poly_seq.entity_id 
_entity_poly_seq.num 
_entity_poly_seq.mon_id 
_entity_poly_seq.hetero 
1 1  DA n 
1 2  DG n 
1 3  DG n 
1 4  DG n 
1 5  DT n 
1 6  DA n 
1 7  DC n 
1 8  DC n 
1 9  DC n 
1 10 DT n 
# 
_pdbx_entity_src_syn.entity_id              1 
_pdbx_entity_src_syn.pdbx_src_id            1 
_pdbx_entity_src_syn.pdbx_alt_source_flag   sample 
_pdbx_entity_src_syn.pdbx_beg_seq_num       1 
_pdbx_entity_src_syn.pdbx_end_seq_num       10 
_pdbx_entity_src_syn.organism_scientific    'synthetic construct' 
_pdbx_entity_src_syn.organism_common_name   ? 
_pdbx_entity_src_syn.ncbi_taxonomy_id       32360 
_pdbx_entity_src_syn.details                ? 
# 
loop_
_chem_comp.id 
_chem_comp.type 
_chem_comp.mon_nstd_flag 
_chem_comp.name 
_chem_comp.pdbx_synonyms 
_chem_comp.formula 
_chem_comp.formula_weight 
6O7 non-polymer   . 'Plicamycin, mithramycin analogue MTM SA-Phe' 
;methyl (2S)-2-({(2S)-2-[(2R,3S)-3-{[(2S,4R,5R,6R)-4-{[(2S,4R,5S,6R)-4-{[(2S,4S,5R,6R)-4,5-dihydroxy-4,6-dimethyltetrahydro-2H-p yran-2-yl]oxy}-5-hydroxy-6-methyltetrahydro-2H-pyran-2-yl]oxy}-5-hydroxy-6-methyltetrahydro-2H-pyran-2-yl]oxy}-7-{[(2S,4 R,5R,6R)-4-{[(2S,4R,5S,6R)-4,5-dihydroxy-6-methyltetrahydro-2H-pyran-2-yl]oxy}-5-hydroxy-6-methyltetrahydro-2H-pyran-2-y l]oxy}-5,10-dihydroxy-6-methyl-4-oxo-1,2,3,4-tetrahydroanthracen-2-yl]-2-methoxyacetyl}amino)-3-phenylpropanoate (non-preferred name)
;
'C59 H81 N O24'   1188.267 
DA  'DNA linking' y "2'-DEOXYADENOSINE-5'-MONOPHOSPHATE"          ? 'C10 H14 N5 O6 P' 331.222  
DC  'DNA linking' y "2'-DEOXYCYTIDINE-5'-MONOPHOSPHATE"           ? 'C9 H14 N3 O7 P'  307.197  
DG  'DNA linking' y "2'-DEOXYGUANOSINE-5'-MONOPHOSPHATE"          ? 'C10 H14 N5 O7 P' 347.221  
DT  'DNA linking' y "THYMIDINE-5'-MONOPHOSPHATE"                  ? 'C10 H15 N2 O8 P' 322.208  
HOH non-polymer   . WATER                                         ? 'H2 O'            18.015   
ZN  non-polymer   . 'ZINC ION'                                    ? 'Zn 2'            65.409   
# 
loop_
_pdbx_poly_seq_scheme.asym_id 
_pdbx_poly_seq_scheme.entity_id 
_pdbx_poly_seq_scheme.seq_id 
_pdbx_poly_seq_scheme.mon_id 
_pdbx_poly_seq_scheme.ndb_seq_num 
_pdbx_poly_seq_scheme.pdb_seq_num 
_pdbx_poly_seq_scheme.auth_seq_num 
_pdbx_poly_seq_scheme.pdb_mon_id 
_pdbx_poly_seq_scheme.auth_mon_id 
_pdbx_poly_seq_scheme.pdb_strand_id 
_pdbx_poly_seq_scheme.pdb_ins_code 
_pdbx_poly_seq_scheme.hetero 
A 1 1  DA 1  4  4  DA DA A . n 
A 1 2  DG 2  5  5  DG DG A . n 
A 1 3  DG 3  6  6  DG DG A . n 
A 1 4  DG 4  7  7  DG DG A . n 
A 1 5  DT 5  8  8  DT DT A . n 
A 1 6  DA 6  9  9  DA DA A . n 
A 1 7  DC 7  10 10 DC DC A . n 
A 1 8  DC 8  11 11 DC DC A . n 
A 1 9  DC 9  12 12 DC DC A . n 
A 1 10 DT 10 13 13 DT DT A . n 
B 1 1  DA 1  -2 -2 DA DA B . n 
B 1 2  DG 2  -1 -1 DG DG B . n 
B 1 3  DG 3  0  0  DG DG B . n 
B 1 4  DG 4  1  1  DG DG B . n 
B 1 5  DT 5  2  2  DT DT B . n 
B 1 6  DA 6  3  3  DA DA B . n 
B 1 7  DC 7  4  4  DC DC B . n 
B 1 8  DC 8  5  5  DC DC B . n 
B 1 9  DC 9  6  6  DC DC B . n 
B 1 10 DT 10 7  7  DT DT B . n 
# 
loop_
_pdbx_nonpoly_scheme.asym_id 
_pdbx_nonpoly_scheme.entity_id 
_pdbx_nonpoly_scheme.mon_id 
_pdbx_nonpoly_scheme.ndb_seq_num 
_pdbx_nonpoly_scheme.pdb_seq_num 
_pdbx_nonpoly_scheme.auth_seq_num 
_pdbx_nonpoly_scheme.pdb_mon_id 
_pdbx_nonpoly_scheme.auth_mon_id 
_pdbx_nonpoly_scheme.pdb_strand_id 
_pdbx_nonpoly_scheme.pdb_ins_code 
C 2 6O7 1 101 1  6O7 MTF A . 
D 2 6O7 1 102 1  6O7 MTF A . 
E 2 6O7 1 103 1  6O7 MTF A . 
F 3 ZN  1 104 6  ZN  ZN  A . 
G 3 ZN  1 105 1  ZN  ZN  A . 
H 3 ZN  1 106 2  ZN  ZN  A . 
I 3 ZN  1 107 4  ZN  ZN  A . 
J 3 ZN  1 108 5  ZN  ZN  A . 
K 2 6O7 1 101 1  6O7 MTF B . 
L 3 ZN  1 102 3  ZN  ZN  B . 
M 4 HOH 1 201 4  HOH HOH A . 
M 4 HOH 2 202 10 HOH HOH A . 
M 4 HOH 3 203 1  HOH HOH A . 
M 4 HOH 4 204 3  HOH HOH A . 
M 4 HOH 5 205 2  HOH HOH A . 
M 4 HOH 6 206 9  HOH HOH A . 
M 4 HOH 7 207 8  HOH HOH A . 
N 4 HOH 1 201 6  HOH HOH B . 
N 4 HOH 2 202 7  HOH HOH B . 
N 4 HOH 3 203 5  HOH HOH B . 
# 
loop_
_software.citation_id 
_software.classification 
_software.compiler_name 
_software.compiler_version 
_software.contact_author 
_software.contact_author_email 
_software.date 
_software.description 
_software.dependencies 
_software.hardware 
_software.language 
_software.location 
_software.mods 
_software.name 
_software.os 
_software.os_version 
_software.type 
_software.version 
_software.pdbx_ordinal 
? refinement       ? ? ? ? ? ? ? ? ? ? ? REFMAC   ? ? ? 5.8.0071 1 
? 'data reduction' ? ? ? ? ? ? ? ? ? ? ? HKL-2000 ? ? ? .        2 
? 'data scaling'   ? ? ? ? ? ? ? ? ? ? ? HKL-2000 ? ? ? .        3 
? phasing          ? ? ? ? ? ? ? ? ? ? ? PHASER   ? ? ? .        4 
# 
_cell.angle_alpha                  90.00 
_cell.angle_alpha_esd              ? 
_cell.angle_beta                   90.00 
_cell.angle_beta_esd               ? 
_cell.angle_gamma                  90.00 
_cell.angle_gamma_esd              ? 
_cell.entry_id                     5JW0 
_cell.details                      ? 
_cell.formula_units_Z              ? 
_cell.length_a                     50.564 
_cell.length_a_esd                 ? 
_cell.length_b                     50.564 
_cell.length_b_esd                 ? 
_cell.length_c                     125.243 
_cell.length_c_esd                 ? 
_cell.volume                       ? 
_cell.volume_esd                   ? 
_cell.Z_PDB                        16 
_cell.reciprocal_angle_alpha       ? 
_cell.reciprocal_angle_beta        ? 
_cell.reciprocal_angle_gamma       ? 
_cell.reciprocal_angle_alpha_esd   ? 
_cell.reciprocal_angle_beta_esd    ? 
_cell.reciprocal_angle_gamma_esd   ? 
_cell.reciprocal_length_a          ? 
_cell.reciprocal_length_b          ? 
_cell.reciprocal_length_c          ? 
_cell.reciprocal_length_a_esd      ? 
_cell.reciprocal_length_b_esd      ? 
_cell.reciprocal_length_c_esd      ? 
_cell.pdbx_unique_axis             ? 
# 
_symmetry.entry_id                         5JW0 
_symmetry.cell_setting                     ? 
_symmetry.Int_Tables_number                96 
_symmetry.space_group_name_Hall            ? 
_symmetry.space_group_name_H-M             'P 43 21 2' 
_symmetry.pdbx_full_space_group_name_H-M   ? 
# 
_exptl.absorpt_coefficient_mu     ? 
_exptl.absorpt_correction_T_max   ? 
_exptl.absorpt_correction_T_min   ? 
_exptl.absorpt_correction_type    ? 
_exptl.absorpt_process_details    ? 
_exptl.entry_id                   5JW0 
_exptl.crystals_number            1 
_exptl.details                    ? 
_exptl.method                     'X-RAY DIFFRACTION' 
_exptl.method_details             ? 
# 
_exptl_crystal.colour                      ? 
_exptl_crystal.density_diffrn              ? 
_exptl_crystal.density_Matthews            6.57 
_exptl_crystal.density_method              ? 
_exptl_crystal.density_percent_sol         81.29 
_exptl_crystal.description                 ? 
_exptl_crystal.F_000                       ? 
_exptl_crystal.id                          1 
_exptl_crystal.preparation                 ? 
_exptl_crystal.size_max                    ? 
_exptl_crystal.size_mid                    ? 
_exptl_crystal.size_min                    ? 
_exptl_crystal.size_rad                    ? 
_exptl_crystal.colour_lustre               ? 
_exptl_crystal.colour_modifier             ? 
_exptl_crystal.colour_primary              ? 
_exptl_crystal.density_meas                ? 
_exptl_crystal.density_meas_esd            ? 
_exptl_crystal.density_meas_gt             ? 
_exptl_crystal.density_meas_lt             ? 
_exptl_crystal.density_meas_temp           ? 
_exptl_crystal.density_meas_temp_esd       ? 
_exptl_crystal.density_meas_temp_gt        ? 
_exptl_crystal.density_meas_temp_lt        ? 
_exptl_crystal.pdbx_crystal_image_url      ? 
_exptl_crystal.pdbx_crystal_image_format   ? 
_exptl_crystal.pdbx_mosaicity              ? 
_exptl_crystal.pdbx_mosaicity_esd          ? 
# 
_exptl_crystal_grow.apparatus       ? 
_exptl_crystal_grow.atmosphere      ? 
_exptl_crystal_grow.crystal_id      1 
_exptl_crystal_grow.details         ? 
_exptl_crystal_grow.method          'VAPOR DIFFUSION, HANGING DROP' 
_exptl_crystal_grow.method_ref      ? 
_exptl_crystal_grow.pH              6.0 
_exptl_crystal_grow.pressure        ? 
_exptl_crystal_grow.pressure_esd    ? 
_exptl_crystal_grow.seeding         ? 
_exptl_crystal_grow.seeding_ref     ? 
_exptl_crystal_grow.temp            294 
_exptl_crystal_grow.temp_details    ? 
_exptl_crystal_grow.temp_esd        ? 
_exptl_crystal_grow.time            ? 
_exptl_crystal_grow.pdbx_details    'Incubation against against 35% v/v 2-methyl-2,4-pentanediol' 
_exptl_crystal_grow.pdbx_pH_range   ? 
# 
_diffrn.ambient_environment    ? 
_diffrn.ambient_temp           100 
_diffrn.ambient_temp_details   ? 
_diffrn.ambient_temp_esd       ? 
_diffrn.crystal_id             1 
_diffrn.crystal_support        ? 
_diffrn.crystal_treatment      ? 
_diffrn.details                ? 
_diffrn.id                     1 
_diffrn.ambient_pressure       ? 
_diffrn.ambient_pressure_esd   ? 
_diffrn.ambient_pressure_gt    ? 
_diffrn.ambient_pressure_lt    ? 
_diffrn.ambient_temp_gt        ? 
_diffrn.ambient_temp_lt        ? 
# 
_diffrn_detector.details                      ? 
_diffrn_detector.detector                     CCD 
_diffrn_detector.diffrn_id                    1 
_diffrn_detector.type                         'MARMOSAIC 300 mm CCD' 
_diffrn_detector.area_resol_mean              ? 
_diffrn_detector.dtime                        ? 
_diffrn_detector.pdbx_frames_total            ? 
_diffrn_detector.pdbx_collection_time_total   ? 
_diffrn_detector.pdbx_collection_date         2014-07-14 
# 
_diffrn_radiation.collimation                      ? 
_diffrn_radiation.diffrn_id                        1 
_diffrn_radiation.filter_edge                      ? 
_diffrn_radiation.inhomogeneity                    ? 
_diffrn_radiation.monochromator                    ? 
_diffrn_radiation.polarisn_norm                    ? 
_diffrn_radiation.polarisn_ratio                   ? 
_diffrn_radiation.probe                            ? 
_diffrn_radiation.type                             ? 
_diffrn_radiation.xray_symbol                      ? 
_diffrn_radiation.wavelength_id                    1 
_diffrn_radiation.pdbx_monochromatic_or_laue_m_l   M 
_diffrn_radiation.pdbx_wavelength_list             ? 
_diffrn_radiation.pdbx_wavelength                  ? 
_diffrn_radiation.pdbx_diffrn_protocol             'SINGLE WAVELENGTH' 
_diffrn_radiation.pdbx_analyzer                    ? 
_diffrn_radiation.pdbx_scattering_type             x-ray 
# 
_diffrn_radiation_wavelength.id           1 
_diffrn_radiation_wavelength.wavelength   0.98 
_diffrn_radiation_wavelength.wt           1.0 
# 
_diffrn_source.current                     ? 
_diffrn_source.details                     ? 
_diffrn_source.diffrn_id                   1 
_diffrn_source.power                       ? 
_diffrn_source.size                        ? 
_diffrn_source.source                      SYNCHROTRON 
_diffrn_source.target                      ? 
_diffrn_source.type                        'APS BEAMLINE 21-ID-D' 
_diffrn_source.voltage                     ? 
_diffrn_source.take-off_angle              ? 
_diffrn_source.pdbx_wavelength_list        0.98 
_diffrn_source.pdbx_wavelength             ? 
_diffrn_source.pdbx_synchrotron_beamline   21-ID-D 
_diffrn_source.pdbx_synchrotron_site       APS 
# 
_reflns.B_iso_Wilson_estimate            ? 
_reflns.entry_id                         5JW0 
_reflns.data_reduction_details           ? 
_reflns.data_reduction_method            ? 
_reflns.d_resolution_high                2.4 
_reflns.d_resolution_low                 50.0 
_reflns.details                          ? 
_reflns.limit_h_max                      ? 
_reflns.limit_h_min                      ? 
_reflns.limit_k_max                      ? 
_reflns.limit_k_min                      ? 
_reflns.limit_l_max                      ? 
_reflns.limit_l_min                      ? 
_reflns.number_all                       ? 
_reflns.number_obs                       6349 
_reflns.observed_criterion               ? 
_reflns.observed_criterion_F_max         ? 
_reflns.observed_criterion_F_min         ? 
_reflns.observed_criterion_I_max         ? 
_reflns.observed_criterion_I_min         ? 
_reflns.observed_criterion_sigma_F       ? 
_reflns.observed_criterion_sigma_I       ? 
_reflns.percent_possible_obs             97.7 
_reflns.R_free_details                   ? 
_reflns.Rmerge_F_all                     ? 
_reflns.Rmerge_F_obs                     ? 
_reflns.Friedel_coverage                 ? 
_reflns.number_gt                        ? 
_reflns.threshold_expression             ? 
_reflns.pdbx_redundancy                  9.3 
_reflns.pdbx_Rmerge_I_obs                0.078 
_reflns.pdbx_Rmerge_I_all                ? 
_reflns.pdbx_Rsym_value                  ? 
_reflns.pdbx_netI_over_av_sigmaI         ? 
_reflns.pdbx_netI_over_sigmaI            35.9 
_reflns.pdbx_res_netI_over_av_sigmaI_2   ? 
_reflns.pdbx_res_netI_over_sigmaI_2      ? 
_reflns.pdbx_chi_squared                 ? 
_reflns.pdbx_scaling_rejects             ? 
_reflns.pdbx_d_res_high_opt              ? 
_reflns.pdbx_d_res_low_opt               ? 
_reflns.pdbx_d_res_opt_method            ? 
_reflns.phase_calculation_details        ? 
_reflns.pdbx_Rrim_I_all                  ? 
_reflns.pdbx_Rpim_I_all                  ? 
_reflns.pdbx_d_opt                       ? 
_reflns.pdbx_number_measured_all         ? 
_reflns.pdbx_diffrn_id                   1 
_reflns.pdbx_ordinal                     1 
_reflns.pdbx_CC_half                     ? 
_reflns.pdbx_R_split                     ? 
# 
_reflns_shell.d_res_high                  . 
_reflns_shell.d_res_low                   ? 
_reflns_shell.meanI_over_sigI_all         ? 
_reflns_shell.meanI_over_sigI_obs         ? 
_reflns_shell.number_measured_all         ? 
_reflns_shell.number_measured_obs         ? 
_reflns_shell.number_possible             ? 
_reflns_shell.number_unique_all           ? 
_reflns_shell.number_unique_obs           ? 
_reflns_shell.percent_possible_all        ? 
_reflns_shell.percent_possible_obs        ? 
_reflns_shell.Rmerge_F_all                ? 
_reflns_shell.Rmerge_F_obs                ? 
_reflns_shell.Rmerge_I_all                ? 
_reflns_shell.Rmerge_I_obs                ? 
_reflns_shell.meanI_over_sigI_gt          ? 
_reflns_shell.meanI_over_uI_all           ? 
_reflns_shell.meanI_over_uI_gt            ? 
_reflns_shell.number_measured_gt          ? 
_reflns_shell.number_unique_gt            ? 
_reflns_shell.percent_possible_gt         ? 
_reflns_shell.Rmerge_F_gt                 ? 
_reflns_shell.Rmerge_I_gt                 ? 
_reflns_shell.pdbx_redundancy             ? 
_reflns_shell.pdbx_Rsym_value             ? 
_reflns_shell.pdbx_chi_squared            ? 
_reflns_shell.pdbx_netI_over_sigmaI_all   ? 
_reflns_shell.pdbx_netI_over_sigmaI_obs   ? 
_reflns_shell.pdbx_Rrim_I_all             ? 
_reflns_shell.pdbx_Rpim_I_all             ? 
_reflns_shell.pdbx_rejects                ? 
_reflns_shell.pdbx_ordinal                1 
_reflns_shell.pdbx_diffrn_id              1 
_reflns_shell.pdbx_CC_half                ? 
_reflns_shell.pdbx_R_split                ? 
# 
_refine.aniso_B[1][1]                            0.96 
_refine.aniso_B[1][2]                            0.00 
_refine.aniso_B[1][3]                            0.00 
_refine.aniso_B[2][2]                            0.96 
_refine.aniso_B[2][3]                            0.00 
_refine.aniso_B[3][3]                            -1.93 
_refine.B_iso_max                                ? 
_refine.B_iso_mean                               42.923 
_refine.B_iso_min                                ? 
_refine.correlation_coeff_Fo_to_Fc               0.891 
_refine.correlation_coeff_Fo_to_Fc_free          0.880 
_refine.details                                  'HYDROGENS HAVE BEEN ADDED IN THE RIDING POSITIONS' 
_refine.diff_density_max                         ? 
_refine.diff_density_max_esd                     ? 
_refine.diff_density_min                         ? 
_refine.diff_density_min_esd                     ? 
_refine.diff_density_rms                         ? 
_refine.diff_density_rms_esd                     ? 
_refine.entry_id                                 5JW0 
_refine.pdbx_refine_id                           'X-RAY DIFFRACTION' 
_refine.ls_abs_structure_details                 ? 
_refine.ls_abs_structure_Flack                   ? 
_refine.ls_abs_structure_Flack_esd               ? 
_refine.ls_abs_structure_Rogers                  ? 
_refine.ls_abs_structure_Rogers_esd              ? 
_refine.ls_d_res_high                            2.40 
_refine.ls_d_res_low                             40.00 
_refine.ls_extinction_coef                       ? 
_refine.ls_extinction_coef_esd                   ? 
_refine.ls_extinction_expression                 ? 
_refine.ls_extinction_method                     ? 
_refine.ls_goodness_of_fit_all                   ? 
_refine.ls_goodness_of_fit_all_esd               ? 
_refine.ls_goodness_of_fit_obs                   ? 
_refine.ls_goodness_of_fit_obs_esd               ? 
_refine.ls_hydrogen_treatment                    ? 
_refine.ls_matrix_type                           ? 
_refine.ls_number_constraints                    ? 
_refine.ls_number_parameters                     ? 
_refine.ls_number_reflns_all                     ? 
_refine.ls_number_reflns_obs                     6349 
_refine.ls_number_reflns_R_free                  373 
_refine.ls_number_reflns_R_work                  ? 
_refine.ls_number_restraints                     ? 
_refine.ls_percent_reflns_obs                    98.25 
_refine.ls_percent_reflns_R_free                 5.5 
_refine.ls_R_factor_all                          ? 
_refine.ls_R_factor_obs                          0.26353 
_refine.ls_R_factor_R_free                       0.28905 
_refine.ls_R_factor_R_free_error                 ? 
_refine.ls_R_factor_R_free_error_details         ? 
_refine.ls_R_factor_R_work                       0.26190 
_refine.ls_R_Fsqd_factor_obs                     ? 
_refine.ls_R_I_factor_obs                        ? 
_refine.ls_redundancy_reflns_all                 ? 
_refine.ls_redundancy_reflns_obs                 ? 
_refine.ls_restrained_S_all                      ? 
_refine.ls_restrained_S_obs                      ? 
_refine.ls_shift_over_esd_max                    ? 
_refine.ls_shift_over_esd_mean                   ? 
_refine.ls_structure_factor_coef                 ? 
_refine.ls_weighting_details                     ? 
_refine.ls_weighting_scheme                      ? 
_refine.ls_wR_factor_all                         ? 
_refine.ls_wR_factor_obs                         ? 
_refine.ls_wR_factor_R_free                      ? 
_refine.ls_wR_factor_R_work                      ? 
_refine.occupancy_max                            ? 
_refine.occupancy_min                            ? 
_refine.solvent_model_details                    ? 
_refine.solvent_model_param_bsol                 ? 
_refine.solvent_model_param_ksol                 ? 
_refine.ls_R_factor_gt                           ? 
_refine.ls_goodness_of_fit_gt                    ? 
_refine.ls_goodness_of_fit_ref                   ? 
_refine.ls_shift_over_su_max                     ? 
_refine.ls_shift_over_su_max_lt                  ? 
_refine.ls_shift_over_su_mean                    ? 
_refine.ls_shift_over_su_mean_lt                 ? 
_refine.pdbx_ls_sigma_I                          ? 
_refine.pdbx_ls_sigma_F                          ? 
_refine.pdbx_ls_sigma_Fsqd                       ? 
_refine.pdbx_data_cutoff_high_absF               ? 
_refine.pdbx_data_cutoff_high_rms_absF           ? 
_refine.pdbx_data_cutoff_low_absF                ? 
_refine.pdbx_isotropic_thermal_model             ? 
_refine.pdbx_ls_cross_valid_method               THROUGHOUT 
_refine.pdbx_method_to_determine_struct          SAD 
_refine.pdbx_starting_model                      ? 
_refine.pdbx_stereochemistry_target_values       ? 
_refine.pdbx_R_Free_selection_details            RANDOM 
_refine.pdbx_stereochem_target_val_spec_case     ? 
_refine.pdbx_overall_ESU_R                       0.309 
_refine.pdbx_overall_ESU_R_Free                  0.246 
_refine.pdbx_solvent_vdw_probe_radii             1.20 
_refine.pdbx_solvent_ion_probe_radii             0.80 
_refine.pdbx_solvent_shrinkage_radii             0.80 
_refine.pdbx_real_space_R                        ? 
_refine.pdbx_density_correlation                 ? 
_refine.pdbx_pd_number_of_powder_patterns        ? 
_refine.pdbx_pd_number_of_points                 ? 
_refine.pdbx_pd_meas_number_of_points            ? 
_refine.pdbx_pd_proc_ls_prof_R_factor            ? 
_refine.pdbx_pd_proc_ls_prof_wR_factor           ? 
_refine.pdbx_pd_Marquardt_correlation_coeff      ? 
_refine.pdbx_pd_Fsqrd_R_factor                   ? 
_refine.pdbx_pd_ls_matrix_band_width             ? 
_refine.pdbx_overall_phase_error                 ? 
_refine.pdbx_overall_SU_R_free_Cruickshank_DPI   ? 
_refine.pdbx_overall_SU_R_free_Blow_DPI          ? 
_refine.pdbx_overall_SU_R_Blow_DPI               ? 
_refine.pdbx_TLS_residual_ADP_flag               ? 
_refine.pdbx_diffrn_id                           1 
_refine.overall_SU_B                             7.213 
_refine.overall_SU_ML                            0.170 
_refine.overall_SU_R_Cruickshank_DPI             ? 
_refine.overall_SU_R_free                        ? 
_refine.overall_FOM_free_R_set                   ? 
_refine.overall_FOM_work_R_set                   ? 
_refine.pdbx_average_fsc_overall                 ? 
_refine.pdbx_average_fsc_work                    ? 
_refine.pdbx_average_fsc_free                    ? 
# 
_refine_hist.pdbx_refine_id                   'X-RAY DIFFRACTION' 
_refine_hist.cycle_id                         1 
_refine_hist.pdbx_number_atoms_protein        0 
_refine_hist.pdbx_number_atoms_nucleic_acid   407 
_refine_hist.pdbx_number_atoms_ligand         342 
_refine_hist.number_atoms_solvent             10 
_refine_hist.number_atoms_total               759 
_refine_hist.d_res_high                       2.40 
_refine_hist.d_res_low                        40.00 
# 
loop_
_refine_ls_restr.pdbx_refine_id 
_refine_ls_restr.criterion 
_refine_ls_restr.dev_ideal 
_refine_ls_restr.dev_ideal_target 
_refine_ls_restr.number 
_refine_ls_restr.rejects 
_refine_ls_restr.type 
_refine_ls_restr.weight 
_refine_ls_restr.pdbx_restraint_function 
'X-RAY DIFFRACTION' ? 0.009 0.015  845  ? r_bond_refined_d             ? ? 
'X-RAY DIFFRACTION' ? 0.008 0.020  517  ? r_bond_other_d               ? ? 
'X-RAY DIFFRACTION' ? 1.745 1.978  1250 ? r_angle_refined_deg          ? ? 
'X-RAY DIFFRACTION' ? 2.224 3.000  1233 ? r_angle_other_deg            ? ? 
'X-RAY DIFFRACTION' ? ?     ?      ?    ? r_dihedral_angle_1_deg       ? ? 
'X-RAY DIFFRACTION' ? ?     ?      ?    ? r_dihedral_angle_2_deg       ? ? 
'X-RAY DIFFRACTION' ? ?     ?      ?    ? r_dihedral_angle_3_deg       ? ? 
'X-RAY DIFFRACTION' ? ?     ?      ?    ? r_dihedral_angle_4_deg       ? ? 
'X-RAY DIFFRACTION' ? 0.063 0.200  152  ? r_chiral_restr               ? ? 
'X-RAY DIFFRACTION' ? 0.012 0.020  392  ? r_gen_planes_refined         ? ? 
'X-RAY DIFFRACTION' ? 0.002 0.020  138  ? r_gen_planes_other           ? ? 
'X-RAY DIFFRACTION' ? ?     ?      ?    ? r_nbd_refined                ? ? 
'X-RAY DIFFRACTION' ? ?     ?      ?    ? r_nbd_other                  ? ? 
'X-RAY DIFFRACTION' ? ?     ?      ?    ? r_nbtor_refined              ? ? 
'X-RAY DIFFRACTION' ? ?     ?      ?    ? r_nbtor_other                ? ? 
'X-RAY DIFFRACTION' ? ?     ?      ?    ? r_xyhbond_nbd_refined        ? ? 
'X-RAY DIFFRACTION' ? ?     ?      ?    ? r_xyhbond_nbd_other          ? ? 
'X-RAY DIFFRACTION' ? ?     ?      ?    ? r_metal_ion_refined          ? ? 
'X-RAY DIFFRACTION' ? ?     ?      ?    ? r_metal_ion_other            ? ? 
'X-RAY DIFFRACTION' ? ?     ?      ?    ? r_symmetry_vdw_refined       ? ? 
'X-RAY DIFFRACTION' ? ?     ?      ?    ? r_symmetry_vdw_other         ? ? 
'X-RAY DIFFRACTION' ? ?     ?      ?    ? r_symmetry_hbond_refined     ? ? 
'X-RAY DIFFRACTION' ? ?     ?      ?    ? r_symmetry_hbond_other       ? ? 
'X-RAY DIFFRACTION' ? ?     ?      ?    ? r_symmetry_metal_ion_refined ? ? 
'X-RAY DIFFRACTION' ? ?     ?      ?    ? r_symmetry_metal_ion_other   ? ? 
'X-RAY DIFFRACTION' ? ?     ?      ?    ? r_mcbond_it                  ? ? 
'X-RAY DIFFRACTION' ? 0.244 3.838  1    ? r_mcbond_other               ? ? 
'X-RAY DIFFRACTION' ? ?     ?      ?    ? r_mcangle_it                 ? ? 
'X-RAY DIFFRACTION' ? ?     ?      ?    ? r_mcangle_other              ? ? 
'X-RAY DIFFRACTION' ? 3.529 4.429  845  ? r_scbond_it                  ? ? 
'X-RAY DIFFRACTION' ? 3.349 4.427  836  ? r_scbond_other               ? ? 
'X-RAY DIFFRACTION' ? ?     ?      ?    ? r_scangle_it                 ? ? 
'X-RAY DIFFRACTION' ? 4.291 6.627  1251 ? r_scangle_other              ? ? 
'X-RAY DIFFRACTION' ? 5.658 45.909 1145 ? r_long_range_B_refined       ? ? 
'X-RAY DIFFRACTION' ? 5.654 45.911 1145 ? r_long_range_B_other         ? ? 
'X-RAY DIFFRACTION' ? ?     ?      ?    ? r_rigid_bond_restr           ? ? 
'X-RAY DIFFRACTION' ? ?     ?      ?    ? r_sphericity_free            ? ? 
'X-RAY DIFFRACTION' ? ?     ?      ?    ? r_sphericity_bonded          ? ? 
# 
_refine_ls_shell.pdbx_refine_id                   'X-RAY DIFFRACTION' 
_refine_ls_shell.d_res_high                       2.402 
_refine_ls_shell.d_res_low                        2.464 
_refine_ls_shell.number_reflns_all                ? 
_refine_ls_shell.number_reflns_obs                ? 
_refine_ls_shell.number_reflns_R_free             34 
_refine_ls_shell.number_reflns_R_work             426 
_refine_ls_shell.percent_reflns_obs               97.46 
_refine_ls_shell.percent_reflns_R_free            ? 
_refine_ls_shell.R_factor_all                     ? 
_refine_ls_shell.R_factor_obs                     ? 
_refine_ls_shell.R_factor_R_free                  0.407 
_refine_ls_shell.R_factor_R_free_error            ? 
_refine_ls_shell.R_factor_R_work                  0.367 
_refine_ls_shell.redundancy_reflns_all            ? 
_refine_ls_shell.redundancy_reflns_obs            ? 
_refine_ls_shell.wR_factor_all                    ? 
_refine_ls_shell.wR_factor_obs                    ? 
_refine_ls_shell.wR_factor_R_free                 ? 
_refine_ls_shell.wR_factor_R_work                 ? 
_refine_ls_shell.pdbx_total_number_of_bins_used   20 
_refine_ls_shell.pdbx_phase_error                 ? 
_refine_ls_shell.pdbx_fsc_work                    ? 
_refine_ls_shell.pdbx_fsc_free                    ? 
# 
_struct.entry_id                     5JW0 
_struct.title                        'Crystal structure of mithramycin analogue MTM SA-Phe in complex with a 10-mer DNA AGGGTACCCT' 
_struct.pdbx_model_details           ? 
_struct.pdbx_formula_weight          ? 
_struct.pdbx_formula_weight_method   ? 
_struct.pdbx_model_type_details      ? 
_struct.pdbx_CASP_flag               N 
# 
_struct_keywords.entry_id        5JW0 
_struct_keywords.text            
'anti-cancer agent, DNA binding, natural product, transcription factor, Ewing sarcoma, dna-antibiotic complex' 
_struct_keywords.pdbx_keywords   dna/antibiotic 
# 
loop_
_struct_asym.id 
_struct_asym.pdbx_blank_PDB_chainid_flag 
_struct_asym.pdbx_modified 
_struct_asym.entity_id 
_struct_asym.details 
A N N 1 ? 
B N N 1 ? 
C N N 2 ? 
D N N 2 ? 
E N N 2 ? 
F N N 3 ? 
G N N 3 ? 
H N N 3 ? 
I N N 3 ? 
J N N 3 ? 
K N N 2 ? 
L N N 3 ? 
M N N 4 ? 
N N N 4 ? 
# 
_struct_ref.id                         1 
_struct_ref.db_name                    PDB 
_struct_ref.db_code                    5JW0 
_struct_ref.pdbx_db_accession          5JW0 
_struct_ref.pdbx_db_isoform            ? 
_struct_ref.entity_id                  1 
_struct_ref.pdbx_seq_one_letter_code   ? 
_struct_ref.pdbx_align_begin           1 
# 
loop_
_struct_ref_seq.align_id 
_struct_ref_seq.ref_id 
_struct_ref_seq.pdbx_PDB_id_code 
_struct_ref_seq.pdbx_strand_id 
_struct_ref_seq.seq_align_beg 
_struct_ref_seq.pdbx_seq_align_beg_ins_code 
_struct_ref_seq.seq_align_end 
_struct_ref_seq.pdbx_seq_align_end_ins_code 
_struct_ref_seq.pdbx_db_accession 
_struct_ref_seq.db_align_beg 
_struct_ref_seq.pdbx_db_align_beg_ins_code 
_struct_ref_seq.db_align_end 
_struct_ref_seq.pdbx_db_align_end_ins_code 
_struct_ref_seq.pdbx_auth_seq_align_beg 
_struct_ref_seq.pdbx_auth_seq_align_end 
1 1 5JW0 A 1 ? 10 ? 5JW0 4  ? 13 ? 4  13 
2 1 5JW0 B 1 ? 10 ? 5JW0 -2 ? 7  ? -2 7  
# 
_pdbx_struct_assembly.id                   1 
_pdbx_struct_assembly.details              author_and_software_defined_assembly 
_pdbx_struct_assembly.method_details       PISA 
_pdbx_struct_assembly.oligomeric_details   dimeric 
_pdbx_struct_assembly.oligomeric_count     2 
# 
loop_
_pdbx_struct_assembly_prop.biol_id 
_pdbx_struct_assembly_prop.type 
_pdbx_struct_assembly_prop.value 
_pdbx_struct_assembly_prop.details 
1 'ABSA (A^2)' 2860 ? 
1 MORE         -185 ? 
1 'SSA (A^2)'  5680 ? 
# 
_pdbx_struct_assembly_gen.assembly_id       1 
_pdbx_struct_assembly_gen.oper_expression   1 
_pdbx_struct_assembly_gen.asym_id_list      A,B,C,D,E,F,G,H,I,J,K,L,M,N 
# 
_pdbx_struct_oper_list.id                   1 
_pdbx_struct_oper_list.type                 'identity operation' 
_pdbx_struct_oper_list.name                 1_555 
_pdbx_struct_oper_list.symmetry_operation   x,y,z 
_pdbx_struct_oper_list.matrix[1][1]         1.0000000000 
_pdbx_struct_oper_list.matrix[1][2]         0.0000000000 
_pdbx_struct_oper_list.matrix[1][3]         0.0000000000 
_pdbx_struct_oper_list.vector[1]            0.0000000000 
_pdbx_struct_oper_list.matrix[2][1]         0.0000000000 
_pdbx_struct_oper_list.matrix[2][2]         1.0000000000 
_pdbx_struct_oper_list.matrix[2][3]         0.0000000000 
_pdbx_struct_oper_list.vector[2]            0.0000000000 
_pdbx_struct_oper_list.matrix[3][1]         0.0000000000 
_pdbx_struct_oper_list.matrix[3][2]         0.0000000000 
_pdbx_struct_oper_list.matrix[3][3]         1.0000000000 
_pdbx_struct_oper_list.vector[3]            0.0000000000 
# 
_struct_biol.id        1 
_struct_biol.details   '1 complex of 2 MTM SA-Phe dimers bound to one double-stranded DNA oligomer' 
# 
loop_
_struct_conn.id 
_struct_conn.conn_type_id 
_struct_conn.pdbx_leaving_atom_flag 
_struct_conn.pdbx_PDB_id 
_struct_conn.ptnr1_label_asym_id 
_struct_conn.ptnr1_label_comp_id 
_struct_conn.ptnr1_label_seq_id 
_struct_conn.ptnr1_label_atom_id 
_struct_conn.pdbx_ptnr1_label_alt_id 
_struct_conn.pdbx_ptnr1_PDB_ins_code 
_struct_conn.pdbx_ptnr1_standard_comp_id 
_struct_conn.ptnr1_symmetry 
_struct_conn.ptnr2_label_asym_id 
_struct_conn.ptnr2_label_comp_id 
_struct_conn.ptnr2_label_seq_id 
_struct_conn.ptnr2_label_atom_id 
_struct_conn.pdbx_ptnr2_label_alt_id 
_struct_conn.pdbx_ptnr2_PDB_ins_code 
_struct_conn.ptnr1_auth_asym_id 
_struct_conn.ptnr1_auth_comp_id 
_struct_conn.ptnr1_auth_seq_id 
_struct_conn.ptnr2_auth_asym_id 
_struct_conn.ptnr2_auth_comp_id 
_struct_conn.ptnr2_auth_seq_id 
_struct_conn.ptnr2_symmetry 
_struct_conn.pdbx_ptnr3_label_atom_id 
_struct_conn.pdbx_ptnr3_label_seq_id 
_struct_conn.pdbx_ptnr3_label_comp_id 
_struct_conn.pdbx_ptnr3_label_asym_id 
_struct_conn.pdbx_ptnr3_label_alt_id 
_struct_conn.pdbx_ptnr3_PDB_ins_code 
_struct_conn.details 
_struct_conn.pdbx_dist_value 
_struct_conn.pdbx_value_order 
_struct_conn.pdbx_role 
metalc1  metalc ? ? A DG  2  N7  ? ? ? 1_555 J ZN  .  ZN  ? ? A DG  5   A ZN  108 1_555 ? ? ? ? ? ? ?            2.100 ? ? 
metalc2  metalc ? ? A DG  3  N7  ? ? ? 1_555 G ZN  .  ZN  ? ? A DG  6   A ZN  105 1_555 ? ? ? ? ? ? ?            2.074 ? ? 
metalc3  metalc ? ? A DA  6  N7  ? ? ? 1_555 I ZN  .  ZN  ? ? A DA  9   A ZN  107 1_555 ? ? ? ? ? ? ?            2.090 ? ? 
metalc4  metalc ? ? C 6O7 .  O14 ? ? ? 1_555 F ZN  .  ZN  ? ? A 6O7 101 A ZN  104 1_555 ? ? ? ? ? ? ?            2.030 ? ? 
metalc5  metalc ? ? C 6O7 .  O15 ? ? ? 1_555 F ZN  .  ZN  ? ? A 6O7 101 A ZN  104 1_555 ? ? ? ? ? ? ?            1.980 ? ? 
metalc6  metalc ? ? D 6O7 .  O14 ? ? ? 1_555 F ZN  .  ZN  ? ? A 6O7 102 A ZN  104 1_555 ? ? ? ? ? ? ?            1.998 ? ? 
metalc7  metalc ? ? D 6O7 .  O15 ? ? ? 1_555 F ZN  .  ZN  ? ? A 6O7 102 A ZN  104 1_555 ? ? ? ? ? ? ?            1.950 ? ? 
metalc8  metalc ? ? E 6O7 .  O14 ? ? ? 1_555 H ZN  .  ZN  ? ? A 6O7 103 A ZN  106 1_555 ? ? ? ? ? ? ?            2.008 ? ? 
metalc9  metalc ? ? E 6O7 .  O15 ? ? ? 1_555 H ZN  .  ZN  ? ? A 6O7 103 A ZN  106 1_555 ? ? ? ? ? ? ?            1.962 ? ? 
metalc10 metalc ? ? F ZN  .  ZN  ? ? ? 1_555 M HOH .  O   ? ? A ZN  104 A HOH 204 1_555 ? ? ? ? ? ? ?            1.967 ? ? 
metalc11 metalc ? ? F ZN  .  ZN  ? ? ? 1_555 M HOH .  O   ? ? A ZN  104 A HOH 205 1_555 ? ? ? ? ? ? ?            2.019 ? ? 
metalc12 metalc ? ? G ZN  .  ZN  ? ? ? 1_555 M HOH .  O   ? ? A ZN  105 A HOH 206 1_555 ? ? ? ? ? ? ?            1.996 ? ? 
metalc13 metalc ? ? G ZN  .  ZN  ? ? ? 1_555 M HOH .  O   ? ? A ZN  105 A HOH 207 1_555 ? ? ? ? ? ? ?            1.995 ? ? 
metalc14 metalc ? ? H ZN  .  ZN  ? ? ? 1_555 M HOH .  O   ? ? A ZN  106 A HOH 201 1_555 ? ? ? ? ? ? ?            1.992 ? ? 
metalc15 metalc ? ? H ZN  .  ZN  ? ? ? 1_555 M HOH .  O   ? ? A ZN  106 A HOH 203 1_555 ? ? ? ? ? ? ?            1.987 ? ? 
metalc16 metalc ? ? H ZN  .  ZN  ? ? ? 1_555 K 6O7 .  O15 ? ? A ZN  106 B 6O7 101 1_555 ? ? ? ? ? ? ?            1.974 ? ? 
metalc17 metalc ? ? H ZN  .  ZN  ? ? ? 1_555 K 6O7 .  O14 ? ? A ZN  106 B 6O7 101 1_555 ? ? ? ? ? ? ?            2.011 ? ? 
metalc18 metalc ? ? J ZN  .  ZN  ? ? ? 1_555 M HOH .  O   ? ? A ZN  108 A HOH 202 1_555 ? ? ? ? ? ? ?            1.988 ? ? 
metalc19 metalc ? ? B DG  3  N7  ? ? ? 1_555 L ZN  .  ZN  ? ? B DG  0   B ZN  102 1_555 ? ? ? ? ? ? ?            2.101 ? ? 
metalc20 metalc ? ? L ZN  .  ZN  ? ? ? 1_555 N HOH .  O   ? ? B ZN  102 B HOH 201 1_555 ? ? ? ? ? ? ?            1.977 ? ? 
metalc21 metalc ? ? L ZN  .  ZN  ? ? ? 1_555 N HOH .  O   ? ? B ZN  102 B HOH 202 1_555 ? ? ? ? ? ? ?            1.994 ? ? 
metalc22 metalc ? ? L ZN  .  ZN  ? ? ? 1_555 N HOH .  O   ? ? B ZN  102 B HOH 203 1_555 ? ? ? ? ? ? ?            2.017 ? ? 
hydrog1  hydrog ? ? A DA  1  N1  ? ? ? 1_555 B DT  10 N3  ? ? A DA  4   B DT  7   1_555 ? ? ? ? ? ? WATSON-CRICK ?     ? ? 
hydrog2  hydrog ? ? A DA  1  N6  ? ? ? 1_555 B DT  10 O4  ? ? A DA  4   B DT  7   1_555 ? ? ? ? ? ? WATSON-CRICK ?     ? ? 
hydrog3  hydrog ? ? A DG  2  N1  ? ? ? 1_555 B DC  9  N3  ? ? A DG  5   B DC  6   1_555 ? ? ? ? ? ? WATSON-CRICK ?     ? ? 
hydrog4  hydrog ? ? A DG  2  N2  ? ? ? 1_555 B DC  9  O2  ? ? A DG  5   B DC  6   1_555 ? ? ? ? ? ? WATSON-CRICK ?     ? ? 
hydrog5  hydrog ? ? A DG  2  O6  ? ? ? 1_555 B DC  9  N4  ? ? A DG  5   B DC  6   1_555 ? ? ? ? ? ? WATSON-CRICK ?     ? ? 
hydrog6  hydrog ? ? A DG  3  N1  ? ? ? 1_555 B DC  8  N3  ? ? A DG  6   B DC  5   1_555 ? ? ? ? ? ? WATSON-CRICK ?     ? ? 
hydrog7  hydrog ? ? A DG  3  N2  ? ? ? 1_555 B DC  8  O2  ? ? A DG  6   B DC  5   1_555 ? ? ? ? ? ? WATSON-CRICK ?     ? ? 
hydrog8  hydrog ? ? A DG  3  O6  ? ? ? 1_555 B DC  8  N4  ? ? A DG  6   B DC  5   1_555 ? ? ? ? ? ? WATSON-CRICK ?     ? ? 
hydrog9  hydrog ? ? A DG  4  N1  ? ? ? 1_555 B DC  7  N3  ? ? A DG  7   B DC  4   1_555 ? ? ? ? ? ? WATSON-CRICK ?     ? ? 
hydrog10 hydrog ? ? A DG  4  N2  ? ? ? 1_555 B DC  7  O2  ? ? A DG  7   B DC  4   1_555 ? ? ? ? ? ? WATSON-CRICK ?     ? ? 
hydrog11 hydrog ? ? A DG  4  O6  ? ? ? 1_555 B DC  7  N4  ? ? A DG  7   B DC  4   1_555 ? ? ? ? ? ? WATSON-CRICK ?     ? ? 
hydrog12 hydrog ? ? A DT  5  N3  ? ? ? 1_555 B DA  6  N1  ? ? A DT  8   B DA  3   1_555 ? ? ? ? ? ? WATSON-CRICK ?     ? ? 
hydrog13 hydrog ? ? A DT  5  O4  ? ? ? 1_555 B DA  6  N6  ? ? A DT  8   B DA  3   1_555 ? ? ? ? ? ? WATSON-CRICK ?     ? ? 
hydrog14 hydrog ? ? A DA  6  N1  ? ? ? 1_555 B DT  5  N3  ? ? A DA  9   B DT  2   1_555 ? ? ? ? ? ? WATSON-CRICK ?     ? ? 
hydrog15 hydrog ? ? A DA  6  N6  ? ? ? 1_555 B DT  5  O4  ? ? A DA  9   B DT  2   1_555 ? ? ? ? ? ? WATSON-CRICK ?     ? ? 
hydrog16 hydrog ? ? A DC  7  N3  ? ? ? 1_555 B DG  4  N1  ? ? A DC  10  B DG  1   1_555 ? ? ? ? ? ? WATSON-CRICK ?     ? ? 
hydrog17 hydrog ? ? A DC  7  N4  ? ? ? 1_555 B DG  4  O6  ? ? A DC  10  B DG  1   1_555 ? ? ? ? ? ? WATSON-CRICK ?     ? ? 
hydrog18 hydrog ? ? A DC  7  O2  ? ? ? 1_555 B DG  4  N2  ? ? A DC  10  B DG  1   1_555 ? ? ? ? ? ? WATSON-CRICK ?     ? ? 
hydrog19 hydrog ? ? A DC  8  N3  ? ? ? 1_555 B DG  3  N1  ? ? A DC  11  B DG  0   1_555 ? ? ? ? ? ? WATSON-CRICK ?     ? ? 
hydrog20 hydrog ? ? A DC  8  N4  ? ? ? 1_555 B DG  3  O6  ? ? A DC  11  B DG  0   1_555 ? ? ? ? ? ? WATSON-CRICK ?     ? ? 
hydrog21 hydrog ? ? A DC  8  O2  ? ? ? 1_555 B DG  3  N2  ? ? A DC  11  B DG  0   1_555 ? ? ? ? ? ? WATSON-CRICK ?     ? ? 
hydrog22 hydrog ? ? A DC  9  N3  ? ? ? 1_555 B DG  2  N1  ? ? A DC  12  B DG  -1  1_555 ? ? ? ? ? ? WATSON-CRICK ?     ? ? 
hydrog23 hydrog ? ? A DC  9  N4  ? ? ? 1_555 B DG  2  O6  ? ? A DC  12  B DG  -1  1_555 ? ? ? ? ? ? WATSON-CRICK ?     ? ? 
hydrog24 hydrog ? ? A DC  9  O2  ? ? ? 1_555 B DG  2  N2  ? ? A DC  12  B DG  -1  1_555 ? ? ? ? ? ? WATSON-CRICK ?     ? ? 
hydrog25 hydrog ? ? A DT  10 N3  ? ? ? 1_555 B DA  1  N1  ? ? A DT  13  B DA  -2  1_555 ? ? ? ? ? ? WATSON-CRICK ?     ? ? 
hydrog26 hydrog ? ? A DT  10 O4  ? ? ? 1_555 B DA  1  N6  ? ? A DT  13  B DA  -2  1_555 ? ? ? ? ? ? WATSON-CRICK ?     ? ? 
# 
loop_
_struct_conn_type.id 
_struct_conn_type.criteria 
_struct_conn_type.reference 
metalc ? ? 
hydrog ? ? 
# 
loop_
_pdbx_struct_conn_angle.id 
_pdbx_struct_conn_angle.ptnr1_label_atom_id 
_pdbx_struct_conn_angle.ptnr1_label_alt_id 
_pdbx_struct_conn_angle.ptnr1_label_asym_id 
_pdbx_struct_conn_angle.ptnr1_label_comp_id 
_pdbx_struct_conn_angle.ptnr1_label_seq_id 
_pdbx_struct_conn_angle.ptnr1_auth_atom_id 
_pdbx_struct_conn_angle.ptnr1_auth_asym_id 
_pdbx_struct_conn_angle.ptnr1_auth_comp_id 
_pdbx_struct_conn_angle.ptnr1_auth_seq_id 
_pdbx_struct_conn_angle.ptnr1_PDB_ins_code 
_pdbx_struct_conn_angle.ptnr1_symmetry 
_pdbx_struct_conn_angle.ptnr2_label_atom_id 
_pdbx_struct_conn_angle.ptnr2_label_alt_id 
_pdbx_struct_conn_angle.ptnr2_label_asym_id 
_pdbx_struct_conn_angle.ptnr2_label_comp_id 
_pdbx_struct_conn_angle.ptnr2_label_seq_id 
_pdbx_struct_conn_angle.ptnr2_auth_atom_id 
_pdbx_struct_conn_angle.ptnr2_auth_asym_id 
_pdbx_struct_conn_angle.ptnr2_auth_comp_id 
_pdbx_struct_conn_angle.ptnr2_auth_seq_id 
_pdbx_struct_conn_angle.ptnr2_PDB_ins_code 
_pdbx_struct_conn_angle.ptnr2_symmetry 
_pdbx_struct_conn_angle.ptnr3_label_atom_id 
_pdbx_struct_conn_angle.ptnr3_label_alt_id 
_pdbx_struct_conn_angle.ptnr3_label_asym_id 
_pdbx_struct_conn_angle.ptnr3_label_comp_id 
_pdbx_struct_conn_angle.ptnr3_label_seq_id 
_pdbx_struct_conn_angle.ptnr3_auth_atom_id 
_pdbx_struct_conn_angle.ptnr3_auth_asym_id 
_pdbx_struct_conn_angle.ptnr3_auth_comp_id 
_pdbx_struct_conn_angle.ptnr3_auth_seq_id 
_pdbx_struct_conn_angle.ptnr3_PDB_ins_code 
_pdbx_struct_conn_angle.ptnr3_symmetry 
_pdbx_struct_conn_angle.value 
_pdbx_struct_conn_angle.value_esd 
1  N7  ? A DG  2 ? A DG  5   ? 1_555 ZN ? J ZN . ? A ZN 108 ? 1_555 O   ? M HOH . ? A HOH 202 ? 1_555 108.3 ? 
2  N7  ? A DG  3 ? A DG  6   ? 1_555 ZN ? G ZN . ? A ZN 105 ? 1_555 O   ? M HOH . ? A HOH 206 ? 1_555 86.2  ? 
3  N7  ? A DG  3 ? A DG  6   ? 1_555 ZN ? G ZN . ? A ZN 105 ? 1_555 O   ? M HOH . ? A HOH 207 ? 1_555 116.1 ? 
4  O   ? M HOH . ? A HOH 206 ? 1_555 ZN ? G ZN . ? A ZN 105 ? 1_555 O   ? M HOH . ? A HOH 207 ? 1_555 156.5 ? 
5  O14 ? C 6O7 . ? A 6O7 101 ? 1_555 ZN ? F ZN . ? A ZN 104 ? 1_555 O15 ? C 6O7 . ? A 6O7 101 ? 1_555 78.0  ? 
6  O14 ? C 6O7 . ? A 6O7 101 ? 1_555 ZN ? F ZN . ? A ZN 104 ? 1_555 O14 ? D 6O7 . ? A 6O7 102 ? 1_555 73.3  ? 
7  O15 ? C 6O7 . ? A 6O7 101 ? 1_555 ZN ? F ZN . ? A ZN 104 ? 1_555 O14 ? D 6O7 . ? A 6O7 102 ? 1_555 96.6  ? 
8  O14 ? C 6O7 . ? A 6O7 101 ? 1_555 ZN ? F ZN . ? A ZN 104 ? 1_555 O15 ? D 6O7 . ? A 6O7 102 ? 1_555 88.4  ? 
9  O15 ? C 6O7 . ? A 6O7 101 ? 1_555 ZN ? F ZN . ? A ZN 104 ? 1_555 O15 ? D 6O7 . ? A 6O7 102 ? 1_555 166.4 ? 
10 O14 ? D 6O7 . ? A 6O7 102 ? 1_555 ZN ? F ZN . ? A ZN 104 ? 1_555 O15 ? D 6O7 . ? A 6O7 102 ? 1_555 80.2  ? 
11 O14 ? C 6O7 . ? A 6O7 101 ? 1_555 ZN ? F ZN . ? A ZN 104 ? 1_555 O   ? M HOH . ? A HOH 204 ? 1_555 92.8  ? 
12 O15 ? C 6O7 . ? A 6O7 101 ? 1_555 ZN ? F ZN . ? A ZN 104 ? 1_555 O   ? M HOH . ? A HOH 204 ? 1_555 80.9  ? 
13 O14 ? D 6O7 . ? A 6O7 102 ? 1_555 ZN ? F ZN . ? A ZN 104 ? 1_555 O   ? M HOH . ? A HOH 204 ? 1_555 166.1 ? 
14 O15 ? D 6O7 . ? A 6O7 102 ? 1_555 ZN ? F ZN . ? A ZN 104 ? 1_555 O   ? M HOH . ? A HOH 204 ? 1_555 99.0  ? 
15 O14 ? C 6O7 . ? A 6O7 101 ? 1_555 ZN ? F ZN . ? A ZN 104 ? 1_555 O   ? M HOH . ? A HOH 205 ? 1_555 157.2 ? 
16 O15 ? C 6O7 . ? A 6O7 101 ? 1_555 ZN ? F ZN . ? A ZN 104 ? 1_555 O   ? M HOH . ? A HOH 205 ? 1_555 84.5  ? 
17 O14 ? D 6O7 . ? A 6O7 102 ? 1_555 ZN ? F ZN . ? A ZN 104 ? 1_555 O   ? M HOH . ? A HOH 205 ? 1_555 94.4  ? 
18 O15 ? D 6O7 . ? A 6O7 102 ? 1_555 ZN ? F ZN . ? A ZN 104 ? 1_555 O   ? M HOH . ? A HOH 205 ? 1_555 108.8 ? 
19 O   ? M HOH . ? A HOH 204 ? 1_555 ZN ? F ZN . ? A ZN 104 ? 1_555 O   ? M HOH . ? A HOH 205 ? 1_555 98.9  ? 
20 O14 ? E 6O7 . ? A 6O7 103 ? 1_555 ZN ? H ZN . ? A ZN 106 ? 1_555 O15 ? E 6O7 . ? A 6O7 103 ? 1_555 86.4  ? 
21 O14 ? E 6O7 . ? A 6O7 103 ? 1_555 ZN ? H ZN . ? A ZN 106 ? 1_555 O   ? M HOH . ? A HOH 201 ? 1_555 107.2 ? 
22 O15 ? E 6O7 . ? A 6O7 103 ? 1_555 ZN ? H ZN . ? A ZN 106 ? 1_555 O   ? M HOH . ? A HOH 201 ? 1_555 99.1  ? 
23 O14 ? E 6O7 . ? A 6O7 103 ? 1_555 ZN ? H ZN . ? A ZN 106 ? 1_555 O   ? M HOH . ? A HOH 203 ? 1_555 155.0 ? 
24 O15 ? E 6O7 . ? A 6O7 103 ? 1_555 ZN ? H ZN . ? A ZN 106 ? 1_555 O   ? M HOH . ? A HOH 203 ? 1_555 75.5  ? 
25 O   ? M HOH . ? A HOH 201 ? 1_555 ZN ? H ZN . ? A ZN 106 ? 1_555 O   ? M HOH . ? A HOH 203 ? 1_555 92.8  ? 
26 O14 ? E 6O7 . ? A 6O7 103 ? 1_555 ZN ? H ZN . ? A ZN 106 ? 1_555 O15 ? K 6O7 . ? B 6O7 101 ? 1_555 94.8  ? 
27 O15 ? E 6O7 . ? A 6O7 103 ? 1_555 ZN ? H ZN . ? A ZN 106 ? 1_555 O15 ? K 6O7 . ? B 6O7 101 ? 1_555 169.7 ? 
28 O   ? M HOH . ? A HOH 201 ? 1_555 ZN ? H ZN . ? A ZN 106 ? 1_555 O15 ? K 6O7 . ? B 6O7 101 ? 1_555 90.3  ? 
29 O   ? M HOH . ? A HOH 203 ? 1_555 ZN ? H ZN . ? A ZN 106 ? 1_555 O15 ? K 6O7 . ? B 6O7 101 ? 1_555 100.0 ? 
30 O14 ? E 6O7 . ? A 6O7 103 ? 1_555 ZN ? H ZN . ? A ZN 106 ? 1_555 O14 ? K 6O7 . ? B 6O7 101 ? 1_555 82.9  ? 
31 O15 ? E 6O7 . ? A 6O7 103 ? 1_555 ZN ? H ZN . ? A ZN 106 ? 1_555 O14 ? K 6O7 . ? B 6O7 101 ? 1_555 87.7  ? 
32 O   ? M HOH . ? A HOH 201 ? 1_555 ZN ? H ZN . ? A ZN 106 ? 1_555 O14 ? K 6O7 . ? B 6O7 101 ? 1_555 168.0 ? 
33 O   ? M HOH . ? A HOH 203 ? 1_555 ZN ? H ZN . ? A ZN 106 ? 1_555 O14 ? K 6O7 . ? B 6O7 101 ? 1_555 79.4  ? 
34 O15 ? K 6O7 . ? B 6O7 101 ? 1_555 ZN ? H ZN . ? A ZN 106 ? 1_555 O14 ? K 6O7 . ? B 6O7 101 ? 1_555 82.3  ? 
35 N7  ? B DG  3 ? B DG  0   ? 1_555 ZN ? L ZN . ? B ZN 102 ? 1_555 O   ? N HOH . ? B HOH 201 ? 1_555 91.5  ? 
36 N7  ? B DG  3 ? B DG  0   ? 1_555 ZN ? L ZN . ? B ZN 102 ? 1_555 O   ? N HOH . ? B HOH 202 ? 1_555 91.0  ? 
37 O   ? N HOH . ? B HOH 201 ? 1_555 ZN ? L ZN . ? B ZN 102 ? 1_555 O   ? N HOH . ? B HOH 202 ? 1_555 146.2 ? 
38 N7  ? B DG  3 ? B DG  0   ? 1_555 ZN ? L ZN . ? B ZN 102 ? 1_555 O   ? N HOH . ? B HOH 203 ? 1_555 176.3 ? 
39 O   ? N HOH . ? B HOH 201 ? 1_555 ZN ? L ZN . ? B ZN 102 ? 1_555 O   ? N HOH . ? B HOH 203 ? 1_555 84.9  ? 
40 O   ? N HOH . ? B HOH 202 ? 1_555 ZN ? L ZN . ? B ZN 102 ? 1_555 O   ? N HOH . ? B HOH 203 ? 1_555 91.6  ? 
# 
loop_
_struct_site.id 
_struct_site.pdbx_evidence_code 
_struct_site.pdbx_auth_asym_id 
_struct_site.pdbx_auth_comp_id 
_struct_site.pdbx_auth_seq_id 
_struct_site.pdbx_auth_ins_code 
_struct_site.pdbx_num_residues 
_struct_site.details 
AC1 Software A 6O7 101 ? 13 'binding site for residue 6O7 A 101' 
AC2 Software A 6O7 102 ? 12 'binding site for residue 6O7 A 102' 
AC3 Software A 6O7 103 ? 12 'binding site for residue 6O7 A 103' 
AC4 Software A ZN  104 ? 4  'binding site for residue ZN A 104'  
AC5 Software A ZN  105 ? 3  'binding site for residue ZN A 105'  
AC6 Software A ZN  106 ? 4  'binding site for residue ZN A 106'  
AC7 Software A ZN  107 ? 2  'binding site for residue ZN A 107'  
AC8 Software A ZN  108 ? 2  'binding site for residue ZN A 108'  
AC9 Software B 6O7 101 ? 12 'binding site for residue 6O7 B 101' 
AD1 Software B ZN  102 ? 4  'binding site for residue ZN B 102'  
# 
loop_
_struct_site_gen.id 
_struct_site_gen.site_id 
_struct_site_gen.pdbx_num_res 
_struct_site_gen.label_comp_id 
_struct_site_gen.label_asym_id 
_struct_site_gen.label_seq_id 
_struct_site_gen.pdbx_auth_ins_code 
_struct_site_gen.auth_comp_id 
_struct_site_gen.auth_asym_id 
_struct_site_gen.auth_seq_id 
_struct_site_gen.label_atom_id 
_struct_site_gen.label_alt_id 
_struct_site_gen.symmetry 
_struct_site_gen.details 
1  AC1 13 DA  A 1  ? DA  A 4   . ? 1_555 ? 
2  AC1 13 DG  A 3  ? DG  A 6   . ? 1_555 ? 
3  AC1 13 6O7 D .  ? 6O7 A 102 . ? 1_555 ? 
4  AC1 13 6O7 E .  ? 6O7 A 103 . ? 7_455 ? 
5  AC1 13 ZN  F .  ? ZN  A 104 . ? 1_555 ? 
6  AC1 13 HOH M .  ? HOH A 204 . ? 1_555 ? 
7  AC1 13 HOH M .  ? HOH A 205 . ? 1_555 ? 
8  AC1 13 DA  B 1  ? DA  B -2  . ? 3_454 ? 
9  AC1 13 DG  B 2  ? DG  B -1  . ? 3_454 ? 
10 AC1 13 DC  B 8  ? DC  B 5   . ? 1_555 ? 
11 AC1 13 DC  B 9  ? DC  B 6   . ? 1_555 ? 
12 AC1 13 DT  B 10 ? DT  B 7   . ? 1_555 ? 
13 AC1 13 6O7 K .  ? 6O7 B 101 . ? 7_455 ? 
14 AC2 12 DG  A 2  ? DG  A 5   . ? 1_555 ? 
15 AC2 12 DG  A 3  ? DG  A 6   . ? 1_555 ? 
16 AC2 12 DG  A 4  ? DG  A 7   . ? 1_555 ? 
17 AC2 12 DT  A 5  ? DT  A 8   . ? 1_555 ? 
18 AC2 12 DA  A 6  ? DA  A 9   . ? 1_555 ? 
19 AC2 12 6O7 C .  ? 6O7 A 101 . ? 1_555 ? 
20 AC2 12 ZN  F .  ? ZN  A 104 . ? 1_555 ? 
21 AC2 12 HOH M .  ? HOH A 204 . ? 1_555 ? 
22 AC2 12 HOH M .  ? HOH A 205 . ? 1_555 ? 
23 AC2 12 DC  B 7  ? DC  B 4   . ? 1_555 ? 
24 AC2 12 DT  B 10 ? DT  B 7   . ? 1_555 ? 
25 AC2 12 6O7 K .  ? 6O7 B 101 . ? 7_455 ? 
26 AC3 12 DC  A 7  ? DC  A 10  . ? 1_555 ? 
27 AC3 12 DC  A 8  ? DC  A 11  . ? 1_555 ? 
28 AC3 12 DC  A 9  ? DC  A 12  . ? 1_555 ? 
29 AC3 12 DT  A 10 ? DT  A 13  . ? 1_555 ? 
30 AC3 12 6O7 C .  ? 6O7 A 101 . ? 7_565 ? 
31 AC3 12 ZN  H .  ? ZN  A 106 . ? 1_555 ? 
32 AC3 12 HOH M .  ? HOH A 201 . ? 1_555 ? 
33 AC3 12 HOH M .  ? HOH A 203 . ? 1_555 ? 
34 AC3 12 DG  B 2  ? DG  B -1  . ? 1_555 ? 
35 AC3 12 DG  B 4  ? DG  B 1   . ? 1_555 ? 
36 AC3 12 DT  B 5  ? DT  B 2   . ? 1_555 ? 
37 AC3 12 6O7 K .  ? 6O7 B 101 . ? 1_555 ? 
38 AC4 4  6O7 C .  ? 6O7 A 101 . ? 1_555 ? 
39 AC4 4  6O7 D .  ? 6O7 A 102 . ? 1_555 ? 
40 AC4 4  HOH M .  ? HOH A 204 . ? 1_555 ? 
41 AC4 4  HOH M .  ? HOH A 205 . ? 1_555 ? 
42 AC5 3  DG  A 3  ? DG  A 6   . ? 1_555 ? 
43 AC5 3  HOH M .  ? HOH A 206 . ? 1_555 ? 
44 AC5 3  HOH M .  ? HOH A 207 . ? 1_555 ? 
45 AC6 4  6O7 E .  ? 6O7 A 103 . ? 1_555 ? 
46 AC6 4  HOH M .  ? HOH A 201 . ? 1_555 ? 
47 AC6 4  HOH M .  ? HOH A 203 . ? 1_555 ? 
48 AC6 4  6O7 K .  ? 6O7 B 101 . ? 1_555 ? 
49 AC7 2  DT  A 5  ? DT  A 8   . ? 1_555 ? 
50 AC7 2  DA  A 6  ? DA  A 9   . ? 1_555 ? 
51 AC8 2  DG  A 2  ? DG  A 5   . ? 1_555 ? 
52 AC8 2  HOH M .  ? HOH A 202 . ? 1_555 ? 
53 AC9 12 DA  A 6  ? DA  A 9   . ? 1_555 ? 
54 AC9 12 6O7 C .  ? 6O7 A 101 . ? 7_565 ? 
55 AC9 12 6O7 D .  ? 6O7 A 102 . ? 7_565 ? 
56 AC9 12 6O7 E .  ? 6O7 A 103 . ? 1_555 ? 
57 AC9 12 ZN  H .  ? ZN  A 106 . ? 1_555 ? 
58 AC9 12 HOH M .  ? HOH A 201 . ? 1_555 ? 
59 AC9 12 HOH M .  ? HOH A 203 . ? 1_555 ? 
60 AC9 12 DG  B 3  ? DG  B 0   . ? 1_555 ? 
61 AC9 12 DG  B 4  ? DG  B 1   . ? 1_555 ? 
62 AC9 12 DT  B 5  ? DT  B 2   . ? 1_555 ? 
63 AC9 12 DA  B 6  ? DA  B 3   . ? 1_555 ? 
64 AC9 12 DC  B 7  ? DC  B 4   . ? 1_555 ? 
65 AD1 4  DG  B 3  ? DG  B 0   . ? 1_555 ? 
66 AD1 4  HOH N .  ? HOH B 201 . ? 1_555 ? 
67 AD1 4  HOH N .  ? HOH B 202 . ? 1_555 ? 
68 AD1 4  HOH N .  ? HOH B 203 . ? 1_555 ? 
# 
loop_
_chem_comp_atom.comp_id 
_chem_comp_atom.atom_id 
_chem_comp_atom.type_symbol 
_chem_comp_atom.pdbx_aromatic_flag 
_chem_comp_atom.pdbx_stereo_config 
_chem_comp_atom.pdbx_ordinal 
6O7 C      C  N R 1   
6O7 N      N  N N 2   
6O7 O14    O  N N 3   
6O7 C20    C  N N 4   
6O7 C19    C  Y N 5   
6O7 C41    C  Y N 6   
6O7 O15    O  N N 7   
6O7 C42    C  Y N 8   
6O7 C60    C  Y N 9   
6O7 O23    O  N N 10  
6O7 C58    C  Y N 11  
6O7 C59    C  N N 12  
6O7 C45    C  Y N 13  
6O7 O16    O  N N 14  
6O7 C46    C  N S 15  
6O7 O17    O  N N 16  
6O7 C50    C  N R 17  
6O7 C51    C  N N 18  
6O7 C49    C  N R 19  
6O7 O18    O  N N 20  
6O7 C48    C  N R 21  
6O7 O19    O  N N 22  
6O7 C52    C  N S 23  
6O7 O20    O  N N 24  
6O7 C56    C  N R 25  
6O7 C57    C  N N 26  
6O7 C55    C  N S 27  
6O7 O21    O  N N 28  
6O7 C54    C  N R 29  
6O7 O22    O  N N 30  
6O7 C53    C  N N 31  
6O7 C47    C  N N 32  
6O7 C44    C  Y N 33  
6O7 C43    C  Y N 34  
6O7 C18    C  Y N 35  
6O7 C17    C  Y N 36  
6O7 C16    C  N N 37  
6O7 C21    C  N S 38  
6O7 C1     C  N S 39  
6O7 O3     O  N N 40  
6O7 C15    C  N N 41  
6O7 C2     C  N N 42  
6O7 O2     O  N N 43  
6O7 C3     C  N S 44  
6O7 C13    C  N N 45  
6O7 O1     O  N N 46  
6O7 O      O  N N 47  
6O7 C14    C  N N 48  
6O7 C4     C  N N 49  
6O7 C5     C  Y N 50  
6O7 C10    C  Y N 51  
6O7 C9     C  Y N 52  
6O7 C8     C  Y N 53  
6O7 C7     C  Y N 54  
6O7 C6     C  Y N 55  
6O7 O4     O  N N 56  
6O7 C22    C  N S 57  
6O7 O5     O  N N 58  
6O7 C26    C  N R 59  
6O7 C27    C  N N 60  
6O7 C25    C  N R 61  
6O7 O6     O  N N 62  
6O7 C24    C  N R 63  
6O7 C23    C  N N 64  
6O7 O7     O  N N 65  
6O7 C28    C  N S 66  
6O7 O8     O  N N 67  
6O7 C32    C  N R 68  
6O7 C33    C  N N 69  
6O7 C31    C  N S 70  
6O7 O9     O  N N 71  
6O7 C30    C  N R 72  
6O7 C29    C  N N 73  
6O7 O10    O  N N 74  
6O7 C34    C  N S 75  
6O7 O12    O  N N 76  
6O7 C38    C  N R 77  
6O7 C39    C  N N 78  
6O7 C37    C  N R 79  
6O7 O13    O  N N 80  
6O7 C36    C  N S 81  
6O7 C40    C  N N 82  
6O7 O11    O  N N 83  
6O7 C35    C  N N 84  
6O7 H1     H  N N 85  
6O7 H2     H  N N 86  
6O7 H3     H  N N 87  
6O7 H4     H  N N 88  
6O7 H5     H  N N 89  
6O7 H6     H  N N 90  
6O7 H7     H  N N 91  
6O7 H8     H  N N 92  
6O7 H9     H  N N 93  
6O7 H10    H  N N 94  
6O7 H11    H  N N 95  
6O7 H12    H  N N 96  
6O7 H13    H  N N 97  
6O7 H14    H  N N 98  
6O7 H15    H  N N 99  
6O7 H16    H  N N 100 
6O7 H17    H  N N 101 
6O7 H18    H  N N 102 
6O7 H19    H  N N 103 
6O7 H20    H  N N 104 
6O7 H21    H  N N 105 
6O7 H22    H  N N 106 
6O7 H23    H  N N 107 
6O7 H24    H  N N 108 
6O7 H25    H  N N 109 
6O7 H26    H  N N 110 
6O7 H27    H  N N 111 
6O7 H28    H  N N 112 
6O7 H29    H  N N 113 
6O7 H30    H  N N 114 
6O7 H31    H  N N 115 
6O7 H32    H  N N 116 
6O7 H33    H  N N 117 
6O7 H34    H  N N 118 
6O7 H35    H  N N 119 
6O7 H36    H  N N 120 
6O7 H37    H  N N 121 
6O7 H38    H  N N 122 
6O7 H39    H  N N 123 
6O7 H40    H  N N 124 
6O7 H41    H  N N 125 
6O7 H42    H  N N 126 
6O7 H43    H  N N 127 
6O7 H44    H  N N 128 
6O7 H45    H  N N 129 
6O7 H46    H  N N 130 
6O7 H47    H  N N 131 
6O7 H48    H  N N 132 
6O7 H49    H  N N 133 
6O7 H50    H  N N 134 
6O7 H51    H  N N 135 
6O7 H52    H  N N 136 
6O7 H53    H  N N 137 
6O7 H54    H  N N 138 
6O7 H55    H  N N 139 
6O7 H56    H  N N 140 
6O7 H57    H  N N 141 
6O7 H58    H  N N 142 
6O7 H59    H  N N 143 
6O7 H60    H  N N 144 
6O7 H61    H  N N 145 
6O7 H62    H  N N 146 
6O7 H63    H  N N 147 
6O7 H64    H  N N 148 
6O7 H65    H  N N 149 
6O7 H66    H  N N 150 
6O7 H67    H  N N 151 
6O7 H68    H  N N 152 
6O7 H69    H  N N 153 
6O7 H70    H  N N 154 
6O7 H71    H  N N 155 
6O7 H72    H  N N 156 
6O7 H73    H  N N 157 
6O7 H74    H  N N 158 
6O7 H75    H  N N 159 
6O7 H76    H  N N 160 
6O7 H77    H  N N 161 
6O7 H78    H  N N 162 
6O7 H79    H  N N 163 
6O7 H80    H  N N 164 
6O7 H81    H  N N 165 
DA  OP3    O  N N 166 
DA  P      P  N N 167 
DA  OP1    O  N N 168 
DA  OP2    O  N N 169 
DA  "O5'"  O  N N 170 
DA  "C5'"  C  N N 171 
DA  "C4'"  C  N R 172 
DA  "O4'"  O  N N 173 
DA  "C3'"  C  N S 174 
DA  "O3'"  O  N N 175 
DA  "C2'"  C  N N 176 
DA  "C1'"  C  N R 177 
DA  N9     N  Y N 178 
DA  C8     C  Y N 179 
DA  N7     N  Y N 180 
DA  C5     C  Y N 181 
DA  C6     C  Y N 182 
DA  N6     N  N N 183 
DA  N1     N  Y N 184 
DA  C2     C  Y N 185 
DA  N3     N  Y N 186 
DA  C4     C  Y N 187 
DA  HOP3   H  N N 188 
DA  HOP2   H  N N 189 
DA  "H5'"  H  N N 190 
DA  "H5''" H  N N 191 
DA  "H4'"  H  N N 192 
DA  "H3'"  H  N N 193 
DA  "HO3'" H  N N 194 
DA  "H2'"  H  N N 195 
DA  "H2''" H  N N 196 
DA  "H1'"  H  N N 197 
DA  H8     H  N N 198 
DA  H61    H  N N 199 
DA  H62    H  N N 200 
DA  H2     H  N N 201 
DC  OP3    O  N N 202 
DC  P      P  N N 203 
DC  OP1    O  N N 204 
DC  OP2    O  N N 205 
DC  "O5'"  O  N N 206 
DC  "C5'"  C  N N 207 
DC  "C4'"  C  N R 208 
DC  "O4'"  O  N N 209 
DC  "C3'"  C  N S 210 
DC  "O3'"  O  N N 211 
DC  "C2'"  C  N N 212 
DC  "C1'"  C  N R 213 
DC  N1     N  N N 214 
DC  C2     C  N N 215 
DC  O2     O  N N 216 
DC  N3     N  N N 217 
DC  C4     C  N N 218 
DC  N4     N  N N 219 
DC  C5     C  N N 220 
DC  C6     C  N N 221 
DC  HOP3   H  N N 222 
DC  HOP2   H  N N 223 
DC  "H5'"  H  N N 224 
DC  "H5''" H  N N 225 
DC  "H4'"  H  N N 226 
DC  "H3'"  H  N N 227 
DC  "HO3'" H  N N 228 
DC  "H2'"  H  N N 229 
DC  "H2''" H  N N 230 
DC  "H1'"  H  N N 231 
DC  H41    H  N N 232 
DC  H42    H  N N 233 
DC  H5     H  N N 234 
DC  H6     H  N N 235 
DG  OP3    O  N N 236 
DG  P      P  N N 237 
DG  OP1    O  N N 238 
DG  OP2    O  N N 239 
DG  "O5'"  O  N N 240 
DG  "C5'"  C  N N 241 
DG  "C4'"  C  N R 242 
DG  "O4'"  O  N N 243 
DG  "C3'"  C  N S 244 
DG  "O3'"  O  N N 245 
DG  "C2'"  C  N N 246 
DG  "C1'"  C  N R 247 
DG  N9     N  Y N 248 
DG  C8     C  Y N 249 
DG  N7     N  Y N 250 
DG  C5     C  Y N 251 
DG  C6     C  N N 252 
DG  O6     O  N N 253 
DG  N1     N  N N 254 
DG  C2     C  N N 255 
DG  N2     N  N N 256 
DG  N3     N  N N 257 
DG  C4     C  Y N 258 
DG  HOP3   H  N N 259 
DG  HOP2   H  N N 260 
DG  "H5'"  H  N N 261 
DG  "H5''" H  N N 262 
DG  "H4'"  H  N N 263 
DG  "H3'"  H  N N 264 
DG  "HO3'" H  N N 265 
DG  "H2'"  H  N N 266 
DG  "H2''" H  N N 267 
DG  "H1'"  H  N N 268 
DG  H8     H  N N 269 
DG  H1     H  N N 270 
DG  H21    H  N N 271 
DG  H22    H  N N 272 
DT  OP3    O  N N 273 
DT  P      P  N N 274 
DT  OP1    O  N N 275 
DT  OP2    O  N N 276 
DT  "O5'"  O  N N 277 
DT  "C5'"  C  N N 278 
DT  "C4'"  C  N R 279 
DT  "O4'"  O  N N 280 
DT  "C3'"  C  N S 281 
DT  "O3'"  O  N N 282 
DT  "C2'"  C  N N 283 
DT  "C1'"  C  N R 284 
DT  N1     N  N N 285 
DT  C2     C  N N 286 
DT  O2     O  N N 287 
DT  N3     N  N N 288 
DT  C4     C  N N 289 
DT  O4     O  N N 290 
DT  C5     C  N N 291 
DT  C7     C  N N 292 
DT  C6     C  N N 293 
DT  HOP3   H  N N 294 
DT  HOP2   H  N N 295 
DT  "H5'"  H  N N 296 
DT  "H5''" H  N N 297 
DT  "H4'"  H  N N 298 
DT  "H3'"  H  N N 299 
DT  "HO3'" H  N N 300 
DT  "H2'"  H  N N 301 
DT  "H2''" H  N N 302 
DT  "H1'"  H  N N 303 
DT  H3     H  N N 304 
DT  H71    H  N N 305 
DT  H72    H  N N 306 
DT  H73    H  N N 307 
DT  H6     H  N N 308 
HOH O      O  N N 309 
HOH H1     H  N N 310 
HOH H2     H  N N 311 
ZN  ZN     ZN N N 312 
# 
loop_
_chem_comp_bond.comp_id 
_chem_comp_bond.atom_id_1 
_chem_comp_bond.atom_id_2 
_chem_comp_bond.value_order 
_chem_comp_bond.pdbx_aromatic_flag 
_chem_comp_bond.pdbx_stereo_config 
_chem_comp_bond.pdbx_ordinal 
6O7 C40   C36    sing N N 1   
6O7 C36   O11    sing N N 2   
6O7 C36   C35    sing N N 3   
6O7 C36   C37    sing N N 4   
6O7 O13   C37    sing N N 5   
6O7 C35   C34    sing N N 6   
6O7 C37   C38    sing N N 7   
6O7 C57   C56    sing N N 8   
6O7 O21   C55    sing N N 9   
6O7 C34   O10    sing N N 10  
6O7 C34   O12    sing N N 11  
6O7 C38   O12    sing N N 12  
6O7 C38   C39    sing N N 13  
6O7 O10   C30    sing N N 14  
6O7 C56   C55    sing N N 15  
6O7 C56   O20    sing N N 16  
6O7 O9    C31    sing N N 17  
6O7 C9    C10    doub Y N 18  
6O7 C9    C8     sing Y N 19  
6O7 C55   C54    sing N N 20  
6O7 C10   C5     sing Y N 21  
6O7 O1    C13    doub N N 22  
6O7 O20   C52    sing N N 23  
6O7 C30   C29    sing N N 24  
6O7 C30   C31    sing N N 25  
6O7 C8    C7     doub Y N 26  
6O7 O2    C2     doub N N 27  
6O7 C29   C28    sing N N 28  
6O7 C31   C32    sing N N 29  
6O7 C3    C13    sing N N 30  
6O7 C3    N      sing N N 31  
6O7 C3    C4     sing N N 32  
6O7 C13   O      sing N N 33  
6O7 C54   O22    sing N N 34  
6O7 C54   C53    sing N N 35  
6O7 C5    C4     sing N N 36  
6O7 C5    C6     doub Y N 37  
6O7 C2    N      sing N N 38  
6O7 C2    C1     sing N N 39  
6O7 O7    C28    sing N N 40  
6O7 O7    C24    sing N N 41  
6O7 C52   C53    sing N N 42  
6O7 C52   O19    sing N N 43  
6O7 O8    C28    sing N N 44  
6O7 O8    C32    sing N N 45  
6O7 C7    C6     sing Y N 46  
6O7 C32   C33    sing N N 47  
6O7 O18   C49    sing N N 48  
6O7 C1    C      sing N N 49  
6O7 C1    O3     sing N N 50  
6O7 O     C14    sing N N 51  
6O7 C23   C24    sing N N 52  
6O7 C23   C22    sing N N 53  
6O7 C25   C24    sing N N 54  
6O7 C25   O6     sing N N 55  
6O7 C25   C26    sing N N 56  
6O7 O4    C22    sing N N 57  
6O7 O4    C21    sing N N 58  
6O7 O19   C48    sing N N 59  
6O7 C     C16    sing N N 60  
6O7 C     C21    sing N N 61  
6O7 C48   C49    sing N N 62  
6O7 C48   C47    sing N N 63  
6O7 O5    C22    sing N N 64  
6O7 O5    C26    sing N N 65  
6O7 C49   C50    sing N N 66  
6O7 C16   C17    sing N N 67  
6O7 C21   C20    sing N N 68  
6O7 C26   C27    sing N N 69  
6O7 O3    C15    sing N N 70  
6O7 C50   C51    sing N N 71  
6O7 C50   O17    sing N N 72  
6O7 C47   C46    sing N N 73  
6O7 C17   C18    doub Y N 74  
6O7 C17   C19    sing Y N 75  
6O7 C18   C43    sing Y N 76  
6O7 C46   O17    sing N N 77  
6O7 C46   O16    sing N N 78  
6O7 C20   C19    sing N N 79  
6O7 C20   O14    doub N N 80  
6O7 C19   C41    doub Y N 81  
6O7 C43   C44    doub Y N 82  
6O7 C43   C42    sing Y N 83  
6O7 C44   C45    sing Y N 84  
6O7 C41   C42    sing Y N 85  
6O7 C41   O15    sing N N 86  
6O7 C42   C60    doub Y N 87  
6O7 C45   O16    sing N N 88  
6O7 C45   C58    doub Y N 89  
6O7 C60   C58    sing Y N 90  
6O7 C60   O23    sing N N 91  
6O7 C58   C59    sing N N 92  
6O7 C     H1     sing N N 93  
6O7 N     H2     sing N N 94  
6O7 O15   H3     sing N N 95  
6O7 O23   H4     sing N N 96  
6O7 C59   H5     sing N N 97  
6O7 C59   H6     sing N N 98  
6O7 C59   H7     sing N N 99  
6O7 C46   H8     sing N N 100 
6O7 C50   H9     sing N N 101 
6O7 C51   H10    sing N N 102 
6O7 C51   H11    sing N N 103 
6O7 C51   H12    sing N N 104 
6O7 C49   H13    sing N N 105 
6O7 O18   H14    sing N N 106 
6O7 C48   H15    sing N N 107 
6O7 C52   H16    sing N N 108 
6O7 C56   H17    sing N N 109 
6O7 C57   H18    sing N N 110 
6O7 C57   H19    sing N N 111 
6O7 C57   H20    sing N N 112 
6O7 C55   H21    sing N N 113 
6O7 O21   H22    sing N N 114 
6O7 C54   H23    sing N N 115 
6O7 O22   H24    sing N N 116 
6O7 C53   H25    sing N N 117 
6O7 C53   H26    sing N N 118 
6O7 C47   H27    sing N N 119 
6O7 C47   H28    sing N N 120 
6O7 C44   H29    sing N N 121 
6O7 C18   H30    sing N N 122 
6O7 C16   H31    sing N N 123 
6O7 C16   H32    sing N N 124 
6O7 C21   H33    sing N N 125 
6O7 C1    H34    sing N N 126 
6O7 C15   H35    sing N N 127 
6O7 C15   H36    sing N N 128 
6O7 C15   H37    sing N N 129 
6O7 C3    H38    sing N N 130 
6O7 C14   H39    sing N N 131 
6O7 C14   H40    sing N N 132 
6O7 C14   H41    sing N N 133 
6O7 C4    H42    sing N N 134 
6O7 C4    H43    sing N N 135 
6O7 C10   H44    sing N N 136 
6O7 C9    H45    sing N N 137 
6O7 C8    H46    sing N N 138 
6O7 C7    H47    sing N N 139 
6O7 C6    H48    sing N N 140 
6O7 C22   H49    sing N N 141 
6O7 C26   H50    sing N N 142 
6O7 C27   H51    sing N N 143 
6O7 C27   H52    sing N N 144 
6O7 C27   H53    sing N N 145 
6O7 C25   H54    sing N N 146 
6O7 O6    H55    sing N N 147 
6O7 C24   H56    sing N N 148 
6O7 C23   H57    sing N N 149 
6O7 C23   H58    sing N N 150 
6O7 C28   H59    sing N N 151 
6O7 C32   H60    sing N N 152 
6O7 C33   H61    sing N N 153 
6O7 C33   H62    sing N N 154 
6O7 C33   H63    sing N N 155 
6O7 C31   H64    sing N N 156 
6O7 O9    H65    sing N N 157 
6O7 C30   H66    sing N N 158 
6O7 C29   H67    sing N N 159 
6O7 C29   H68    sing N N 160 
6O7 C34   H69    sing N N 161 
6O7 C38   H70    sing N N 162 
6O7 C39   H71    sing N N 163 
6O7 C39   H72    sing N N 164 
6O7 C39   H73    sing N N 165 
6O7 C37   H74    sing N N 166 
6O7 O13   H75    sing N N 167 
6O7 C40   H76    sing N N 168 
6O7 C40   H77    sing N N 169 
6O7 C40   H78    sing N N 170 
6O7 O11   H79    sing N N 171 
6O7 C35   H80    sing N N 172 
6O7 C35   H81    sing N N 173 
DA  OP3   P      sing N N 174 
DA  OP3   HOP3   sing N N 175 
DA  P     OP1    doub N N 176 
DA  P     OP2    sing N N 177 
DA  P     "O5'"  sing N N 178 
DA  OP2   HOP2   sing N N 179 
DA  "O5'" "C5'"  sing N N 180 
DA  "C5'" "C4'"  sing N N 181 
DA  "C5'" "H5'"  sing N N 182 
DA  "C5'" "H5''" sing N N 183 
DA  "C4'" "O4'"  sing N N 184 
DA  "C4'" "C3'"  sing N N 185 
DA  "C4'" "H4'"  sing N N 186 
DA  "O4'" "C1'"  sing N N 187 
DA  "C3'" "O3'"  sing N N 188 
DA  "C3'" "C2'"  sing N N 189 
DA  "C3'" "H3'"  sing N N 190 
DA  "O3'" "HO3'" sing N N 191 
DA  "C2'" "C1'"  sing N N 192 
DA  "C2'" "H2'"  sing N N 193 
DA  "C2'" "H2''" sing N N 194 
DA  "C1'" N9     sing N N 195 
DA  "C1'" "H1'"  sing N N 196 
DA  N9    C8     sing Y N 197 
DA  N9    C4     sing Y N 198 
DA  C8    N7     doub Y N 199 
DA  C8    H8     sing N N 200 
DA  N7    C5     sing Y N 201 
DA  C5    C6     sing Y N 202 
DA  C5    C4     doub Y N 203 
DA  C6    N6     sing N N 204 
DA  C6    N1     doub Y N 205 
DA  N6    H61    sing N N 206 
DA  N6    H62    sing N N 207 
DA  N1    C2     sing Y N 208 
DA  C2    N3     doub Y N 209 
DA  C2    H2     sing N N 210 
DA  N3    C4     sing Y N 211 
DC  OP3   P      sing N N 212 
DC  OP3   HOP3   sing N N 213 
DC  P     OP1    doub N N 214 
DC  P     OP2    sing N N 215 
DC  P     "O5'"  sing N N 216 
DC  OP2   HOP2   sing N N 217 
DC  "O5'" "C5'"  sing N N 218 
DC  "C5'" "C4'"  sing N N 219 
DC  "C5'" "H5'"  sing N N 220 
DC  "C5'" "H5''" sing N N 221 
DC  "C4'" "O4'"  sing N N 222 
DC  "C4'" "C3'"  sing N N 223 
DC  "C4'" "H4'"  sing N N 224 
DC  "O4'" "C1'"  sing N N 225 
DC  "C3'" "O3'"  sing N N 226 
DC  "C3'" "C2'"  sing N N 227 
DC  "C3'" "H3'"  sing N N 228 
DC  "O3'" "HO3'" sing N N 229 
DC  "C2'" "C1'"  sing N N 230 
DC  "C2'" "H2'"  sing N N 231 
DC  "C2'" "H2''" sing N N 232 
DC  "C1'" N1     sing N N 233 
DC  "C1'" "H1'"  sing N N 234 
DC  N1    C2     sing N N 235 
DC  N1    C6     sing N N 236 
DC  C2    O2     doub N N 237 
DC  C2    N3     sing N N 238 
DC  N3    C4     doub N N 239 
DC  C4    N4     sing N N 240 
DC  C4    C5     sing N N 241 
DC  N4    H41    sing N N 242 
DC  N4    H42    sing N N 243 
DC  C5    C6     doub N N 244 
DC  C5    H5     sing N N 245 
DC  C6    H6     sing N N 246 
DG  OP3   P      sing N N 247 
DG  OP3   HOP3   sing N N 248 
DG  P     OP1    doub N N 249 
DG  P     OP2    sing N N 250 
DG  P     "O5'"  sing N N 251 
DG  OP2   HOP2   sing N N 252 
DG  "O5'" "C5'"  sing N N 253 
DG  "C5'" "C4'"  sing N N 254 
DG  "C5'" "H5'"  sing N N 255 
DG  "C5'" "H5''" sing N N 256 
DG  "C4'" "O4'"  sing N N 257 
DG  "C4'" "C3'"  sing N N 258 
DG  "C4'" "H4'"  sing N N 259 
DG  "O4'" "C1'"  sing N N 260 
DG  "C3'" "O3'"  sing N N 261 
DG  "C3'" "C2'"  sing N N 262 
DG  "C3'" "H3'"  sing N N 263 
DG  "O3'" "HO3'" sing N N 264 
DG  "C2'" "C1'"  sing N N 265 
DG  "C2'" "H2'"  sing N N 266 
DG  "C2'" "H2''" sing N N 267 
DG  "C1'" N9     sing N N 268 
DG  "C1'" "H1'"  sing N N 269 
DG  N9    C8     sing Y N 270 
DG  N9    C4     sing Y N 271 
DG  C8    N7     doub Y N 272 
DG  C8    H8     sing N N 273 
DG  N7    C5     sing Y N 274 
DG  C5    C6     sing N N 275 
DG  C5    C4     doub Y N 276 
DG  C6    O6     doub N N 277 
DG  C6    N1     sing N N 278 
DG  N1    C2     sing N N 279 
DG  N1    H1     sing N N 280 
DG  C2    N2     sing N N 281 
DG  C2    N3     doub N N 282 
DG  N2    H21    sing N N 283 
DG  N2    H22    sing N N 284 
DG  N3    C4     sing N N 285 
DT  OP3   P      sing N N 286 
DT  OP3   HOP3   sing N N 287 
DT  P     OP1    doub N N 288 
DT  P     OP2    sing N N 289 
DT  P     "O5'"  sing N N 290 
DT  OP2   HOP2   sing N N 291 
DT  "O5'" "C5'"  sing N N 292 
DT  "C5'" "C4'"  sing N N 293 
DT  "C5'" "H5'"  sing N N 294 
DT  "C5'" "H5''" sing N N 295 
DT  "C4'" "O4'"  sing N N 296 
DT  "C4'" "C3'"  sing N N 297 
DT  "C4'" "H4'"  sing N N 298 
DT  "O4'" "C1'"  sing N N 299 
DT  "C3'" "O3'"  sing N N 300 
DT  "C3'" "C2'"  sing N N 301 
DT  "C3'" "H3'"  sing N N 302 
DT  "O3'" "HO3'" sing N N 303 
DT  "C2'" "C1'"  sing N N 304 
DT  "C2'" "H2'"  sing N N 305 
DT  "C2'" "H2''" sing N N 306 
DT  "C1'" N1     sing N N 307 
DT  "C1'" "H1'"  sing N N 308 
DT  N1    C2     sing N N 309 
DT  N1    C6     sing N N 310 
DT  C2    O2     doub N N 311 
DT  C2    N3     sing N N 312 
DT  N3    C4     sing N N 313 
DT  N3    H3     sing N N 314 
DT  C4    O4     doub N N 315 
DT  C4    C5     sing N N 316 
DT  C5    C7     sing N N 317 
DT  C5    C6     doub N N 318 
DT  C7    H71    sing N N 319 
DT  C7    H72    sing N N 320 
DT  C7    H73    sing N N 321 
DT  C6    H6     sing N N 322 
HOH O     H1     sing N N 323 
HOH O     H2     sing N N 324 
# 
loop_
_ndb_struct_conf_na.entry_id 
_ndb_struct_conf_na.feature 
5JW0 'double helix'        
5JW0 'a-form double helix' 
# 
loop_
_ndb_struct_na_base_pair.model_number 
_ndb_struct_na_base_pair.i_label_asym_id 
_ndb_struct_na_base_pair.i_label_comp_id 
_ndb_struct_na_base_pair.i_label_seq_id 
_ndb_struct_na_base_pair.i_symmetry 
_ndb_struct_na_base_pair.j_label_asym_id 
_ndb_struct_na_base_pair.j_label_comp_id 
_ndb_struct_na_base_pair.j_label_seq_id 
_ndb_struct_na_base_pair.j_symmetry 
_ndb_struct_na_base_pair.shear 
_ndb_struct_na_base_pair.stretch 
_ndb_struct_na_base_pair.stagger 
_ndb_struct_na_base_pair.buckle 
_ndb_struct_na_base_pair.propeller 
_ndb_struct_na_base_pair.opening 
_ndb_struct_na_base_pair.pair_number 
_ndb_struct_na_base_pair.pair_name 
_ndb_struct_na_base_pair.i_auth_asym_id 
_ndb_struct_na_base_pair.i_auth_seq_id 
_ndb_struct_na_base_pair.i_PDB_ins_code 
_ndb_struct_na_base_pair.j_auth_asym_id 
_ndb_struct_na_base_pair.j_auth_seq_id 
_ndb_struct_na_base_pair.j_PDB_ins_code 
_ndb_struct_na_base_pair.hbond_type_28 
_ndb_struct_na_base_pair.hbond_type_12 
1 A DA 1  1_555 B DT 10 1_555 0.334  -0.049 0.127  -5.454  -11.138 -1.009 1  A_DA4:DT7_B   A 4  ? B 7  ? 20 1 
1 A DG 2  1_555 B DC 9  1_555 -0.442 0.103  -0.040 -6.483  -12.846 3.907  2  A_DG5:DC6_B   A 5  ? B 6  ? 19 1 
1 A DG 3  1_555 B DC 8  1_555 -0.136 -0.099 -0.265 -21.205 -1.342  -4.127 3  A_DG6:DC5_B   A 6  ? B 5  ? 19 1 
1 A DG 4  1_555 B DC 7  1_555 -0.178 0.156  -0.218 1.249   -9.312  4.422  4  A_DG7:DC4_B   A 7  ? B 4  ? 19 1 
1 A DT 5  1_555 B DA 6  1_555 -0.235 -0.231 -0.106 10.284  -12.552 2.404  5  A_DT8:DA3_B   A 8  ? B 3  ? 20 1 
1 A DA 6  1_555 B DT 5  1_555 0.464  -0.006 0.337  13.234  -11.770 -3.016 6  A_DA9:DT2_B   A 9  ? B 2  ? 20 1 
1 A DC 7  1_555 B DG 4  1_555 0.611  0.059  0.393  12.413  -17.494 0.974  7  A_DC10:DG1_B  A 10 ? B 1  ? 19 1 
1 A DC 8  1_555 B DG 3  1_555 0.202  -0.023 0.112  6.670   -17.303 3.890  8  A_DC11:DG0_B  A 11 ? B 0  ? 19 1 
1 A DC 9  1_555 B DG 2  1_555 0.264  -0.049 -0.512 12.942  -15.035 -0.052 9  A_DC12:DG-1_B A 12 ? B -1 ? 19 1 
1 A DT 10 1_555 B DA 1  1_555 -0.555 -0.267 -0.252 4.043   -10.847 1.003  10 A_DT13:DA-2_B A 13 ? B -2 ? 20 1 
# 
loop_
_ndb_struct_na_base_pair_step.model_number 
_ndb_struct_na_base_pair_step.i_label_asym_id_1 
_ndb_struct_na_base_pair_step.i_label_comp_id_1 
_ndb_struct_na_base_pair_step.i_label_seq_id_1 
_ndb_struct_na_base_pair_step.i_symmetry_1 
_ndb_struct_na_base_pair_step.j_label_asym_id_1 
_ndb_struct_na_base_pair_step.j_label_comp_id_1 
_ndb_struct_na_base_pair_step.j_label_seq_id_1 
_ndb_struct_na_base_pair_step.j_symmetry_1 
_ndb_struct_na_base_pair_step.i_label_asym_id_2 
_ndb_struct_na_base_pair_step.i_label_comp_id_2 
_ndb_struct_na_base_pair_step.i_label_seq_id_2 
_ndb_struct_na_base_pair_step.i_symmetry_2 
_ndb_struct_na_base_pair_step.j_label_asym_id_2 
_ndb_struct_na_base_pair_step.j_label_comp_id_2 
_ndb_struct_na_base_pair_step.j_label_seq_id_2 
_ndb_struct_na_base_pair_step.j_symmetry_2 
_ndb_struct_na_base_pair_step.shift 
_ndb_struct_na_base_pair_step.slide 
_ndb_struct_na_base_pair_step.rise 
_ndb_struct_na_base_pair_step.tilt 
_ndb_struct_na_base_pair_step.roll 
_ndb_struct_na_base_pair_step.twist 
_ndb_struct_na_base_pair_step.x_displacement 
_ndb_struct_na_base_pair_step.y_displacement 
_ndb_struct_na_base_pair_step.helical_rise 
_ndb_struct_na_base_pair_step.inclination 
_ndb_struct_na_base_pair_step.tip 
_ndb_struct_na_base_pair_step.helical_twist 
_ndb_struct_na_base_pair_step.step_number 
_ndb_struct_na_base_pair_step.step_name 
_ndb_struct_na_base_pair_step.i_auth_asym_id_1 
_ndb_struct_na_base_pair_step.i_auth_seq_id_1 
_ndb_struct_na_base_pair_step.i_PDB_ins_code_1 
_ndb_struct_na_base_pair_step.j_auth_asym_id_1 
_ndb_struct_na_base_pair_step.j_auth_seq_id_1 
_ndb_struct_na_base_pair_step.j_PDB_ins_code_1 
_ndb_struct_na_base_pair_step.i_auth_asym_id_2 
_ndb_struct_na_base_pair_step.i_auth_seq_id_2 
_ndb_struct_na_base_pair_step.i_PDB_ins_code_2 
_ndb_struct_na_base_pair_step.j_auth_asym_id_2 
_ndb_struct_na_base_pair_step.j_auth_seq_id_2 
_ndb_struct_na_base_pair_step.j_PDB_ins_code_2 
1 A DA 1 1_555 B DT 10 1_555 A DG 2  1_555 B DC 9 1_555 1.077  -1.683 3.392 4.096  2.894  26.046 -4.460 -1.229 3.316 6.345  -8.983 
26.516 1 AA_DA4DG5:DC6DT7_BB     A 4  ? B 7  ? A 5  ? B 6  ? 
1 A DG 2 1_555 B DC 9  1_555 A DG 3  1_555 B DC 8 1_555 -0.418 -1.869 3.795 5.078  -1.588 35.438 -2.773 1.528  3.779 -2.591 -8.284 
35.823 2 AA_DG5DG6:DC5DC6_BB     A 5  ? B 6  ? A 6  ? B 5  ? 
1 A DG 3 1_555 B DC 8  1_555 A DG 4  1_555 B DC 7 1_555 -0.449 -0.089 2.891 -0.962 9.394  29.676 -1.753 0.675  2.748 17.783 1.822  
31.110 3 AA_DG6DG7:DC4DC5_BB     A 6  ? B 5  ? A 7  ? B 4  ? 
1 A DG 4 1_555 B DC 7  1_555 A DT 5  1_555 B DA 6 1_555 0.011  -0.416 3.190 -2.517 1.003  31.545 -0.943 -0.472 3.165 1.841  4.618  
31.659 4 AA_DG7DT8:DA3DC4_BB     A 7  ? B 4  ? A 8  ? B 3  ? 
1 A DT 5 1_555 B DA 6  1_555 A DA 6  1_555 B DT 5 1_555 -0.533 -0.468 3.257 -4.325 8.956  33.413 -2.131 0.239  3.077 15.164 7.323  
34.821 5 AA_DT8DA9:DT2DA3_BB     A 8  ? B 3  ? A 9  ? B 2  ? 
1 A DA 6 1_555 B DT 5  1_555 A DC 7  1_555 B DG 4 1_555 1.221  -1.216 3.380 -0.827 -5.054 29.132 -1.248 -2.578 3.501 -9.950 1.629  
29.569 6 AA_DA9DC10:DG1DT2_BB    A 9  ? B 2  ? A 10 ? B 1  ? 
1 A DC 7 1_555 B DG 4  1_555 A DC 8  1_555 B DG 3 1_555 -0.014 -1.930 3.327 1.443  2.995  33.222 -3.852 0.262  3.143 5.222  -2.516 
33.383 7 AA_DC10DC11:DG0DG1_BB   A 10 ? B 1  ? A 11 ? B 0  ? 
1 A DC 8 1_555 B DG 3  1_555 A DC 9  1_555 B DG 2 1_555 -1.608 -1.508 3.081 1.297  13.208 22.669 -6.213 3.827  1.841 30.477 -2.994 
26.225 8 AA_DC11DC12:DG-1DG0_BB  A 11 ? B 0  ? A 12 ? B -1 ? 
1 A DC 9 1_555 B DG 2  1_555 A DT 10 1_555 B DA 1 1_555 0.219  -0.723 3.669 -1.047 3.729  35.095 -1.804 -0.534 3.568 6.160  1.729  
35.301 9 AA_DC12DT13:DA-2DG-1_BB A 12 ? B -1 ? A 13 ? B -2 ? 
# 
_atom_sites.entry_id                    5JW0 
_atom_sites.fract_transf_matrix[1][1]   0.01342934 
_atom_sites.fract_transf_matrix[1][2]   0.01347174 
_atom_sites.fract_transf_matrix[1][3]   0.00541247 
_atom_sites.fract_transf_matrix[2][1]   -0.01444019 
_atom_sites.fract_transf_matrix[2][2]   0.01315816 
_atom_sites.fract_transf_matrix[2][3]   0.00307790 
_atom_sites.fract_transf_matrix[3][1]   -0.00060735 
_atom_sites.fract_transf_matrix[3][2]   -0.00243913 
_atom_sites.fract_transf_matrix[3][3]   0.00757800 
_atom_sites.fract_transf_vector[1]      -0.454921 
_atom_sites.fract_transf_vector[2]      0.010086 
_atom_sites.fract_transf_vector[3]      0.019938 
# 
loop_
_atom_type.symbol 
C  
N  
O  
P  
ZN 
# 
loop_
_atom_site.group_PDB 
_atom_site.id 
_atom_site.type_symbol 
_atom_site.label_atom_id 
_atom_site.label_alt_id 
_atom_site.label_comp_id 
_atom_site.label_asym_id 
_atom_site.label_entity_id 
_atom_site.label_seq_id 
_atom_site.pdbx_PDB_ins_code 
_atom_site.Cartn_x 
_atom_site.Cartn_y 
_atom_site.Cartn_z 
_atom_site.occupancy 
_atom_site.B_iso_or_equiv 
_atom_site.pdbx_formal_charge 
_atom_site.auth_seq_id 
_atom_site.auth_comp_id 
_atom_site.auth_asym_id 
_atom_site.auth_atom_id 
_atom_site.pdbx_PDB_model_num 
ATOM   1   P  P     . DA  A 1 1  ? -9.101  2.173   -13.839 1.00 65.96 ? 4   DA  A P     1 
ATOM   2   O  OP1   . DA  A 1 1  ? -9.950  3.316   -14.311 1.00 73.75 ? 4   DA  A OP1   1 
ATOM   3   O  OP2   . DA  A 1 1  ? -8.343  2.319   -12.561 1.00 65.02 ? 4   DA  A OP2   1 
ATOM   4   O  "O5'" . DA  A 1 1  ? -10.097 0.955   -13.587 1.00 51.78 ? 4   DA  A "O5'" 1 
ATOM   5   C  "C5'" . DA  A 1 1  ? -10.591 0.172   -14.674 1.00 46.03 ? 4   DA  A "C5'" 1 
ATOM   6   C  "C4'" . DA  A 1 1  ? -9.759  -1.081  -14.797 1.00 46.05 ? 4   DA  A "C4'" 1 
ATOM   7   O  "O4'" . DA  A 1 1  ? -8.541  -0.814  -15.535 1.00 39.54 ? 4   DA  A "O4'" 1 
ATOM   8   C  "C3'" . DA  A 1 1  ? -9.263  -1.654  -13.476 1.00 43.33 ? 4   DA  A "C3'" 1 
ATOM   9   O  "O3'" . DA  A 1 1  ? -10.304 -2.265  -12.697 1.00 47.15 ? 4   DA  A "O3'" 1 
ATOM   10  C  "C2'" . DA  A 1 1  ? -8.152  -2.558  -13.961 1.00 39.47 ? 4   DA  A "C2'" 1 
ATOM   11  C  "C1'" . DA  A 1 1  ? -7.541  -1.718  -15.097 1.00 37.37 ? 4   DA  A "C1'" 1 
ATOM   12  N  N9    . DA  A 1 1  ? -6.353  -0.941  -14.750 1.00 38.71 ? 4   DA  A N9    1 
ATOM   13  C  C8    . DA  A 1 1  ? -6.230  0.421   -14.619 1.00 38.04 ? 4   DA  A C8    1 
ATOM   14  N  N7    . DA  A 1 1  ? -5.008  0.820   -14.367 1.00 37.48 ? 4   DA  A N7    1 
ATOM   15  C  C5    . DA  A 1 1  ? -4.274  -0.357  -14.327 1.00 38.24 ? 4   DA  A C5    1 
ATOM   16  C  C6    . DA  A 1 1  ? -2.910  -0.616  -14.098 1.00 41.13 ? 4   DA  A C6    1 
ATOM   17  N  N6    . DA  A 1 1  ? -2.010  0.335   -13.841 1.00 45.82 ? 4   DA  A N6    1 
ATOM   18  N  N1    . DA  A 1 1  ? -2.500  -1.902  -14.129 1.00 37.64 ? 4   DA  A N1    1 
ATOM   19  C  C2    . DA  A 1 1  ? -3.401  -2.856  -14.410 1.00 39.33 ? 4   DA  A C2    1 
ATOM   20  N  N3    . DA  A 1 1  ? -4.709  -2.737  -14.645 1.00 34.27 ? 4   DA  A N3    1 
ATOM   21  C  C4    . DA  A 1 1  ? -5.088  -1.450  -14.571 1.00 38.88 ? 4   DA  A C4    1 
ATOM   22  P  P     . DG  A 1 2  ? -10.272 -2.166  -11.077 1.00 52.30 ? 5   DG  A P     1 
ATOM   23  O  OP1   . DG  A 1 2  ? -11.662 -2.085  -10.591 1.00 50.90 ? 5   DG  A OP1   1 
ATOM   24  O  OP2   . DG  A 1 2  ? -9.294  -1.104  -10.688 1.00 45.01 ? 5   DG  A OP2   1 
ATOM   25  O  "O5'" . DG  A 1 2  ? -9.671  -3.576  -10.639 1.00 52.40 ? 5   DG  A "O5'" 1 
ATOM   26  C  "C5'" . DG  A 1 2  ? -8.579  -3.635  -9.697  1.00 46.96 ? 5   DG  A "C5'" 1 
ATOM   27  C  "C4'" . DG  A 1 2  ? -7.455  -4.488  -10.235 1.00 46.35 ? 5   DG  A "C4'" 1 
ATOM   28  O  "O4'" . DG  A 1 2  ? -6.761  -3.769  -11.273 1.00 44.95 ? 5   DG  A "O4'" 1 
ATOM   29  C  "C3'" . DG  A 1 2  ? -6.378  -4.812  -9.207  1.00 44.64 ? 5   DG  A "C3'" 1 
ATOM   30  O  "O3'" . DG  A 1 2  ? -6.738  -5.961  -8.439  1.00 45.04 ? 5   DG  A "O3'" 1 
ATOM   31  C  "C2'" . DG  A 1 2  ? -5.157  -5.034  -10.071 1.00 43.41 ? 5   DG  A "C2'" 1 
ATOM   32  C  "C1'" . DG  A 1 2  ? -5.359  -4.060  -11.215 1.00 45.45 ? 5   DG  A "C1'" 1 
ATOM   33  N  N9    . DG  A 1 2  ? -4.642  -2.799  -11.047 1.00 44.08 ? 5   DG  A N9    1 
ATOM   34  C  C8    . DG  A 1 2  ? -5.192  -1.542  -10.961 1.00 41.30 ? 5   DG  A C8    1 
ATOM   35  N  N7    . DG  A 1 2  ? -4.299  -0.603  -10.803 1.00 42.56 ? 5   DG  A N7    1 
ATOM   36  C  C5    . DG  A 1 2  ? -3.086  -1.280  -10.792 1.00 40.27 ? 5   DG  A C5    1 
ATOM   37  C  C6    . DG  A 1 2  ? -1.763  -0.792  -10.649 1.00 38.87 ? 5   DG  A C6    1 
ATOM   38  O  O6    . DG  A 1 2  ? -1.379  0.375   -10.528 1.00 35.98 ? 5   DG  A O6    1 
ATOM   39  N  N1    . DG  A 1 2  ? -0.831  -1.826  -10.672 1.00 42.98 ? 5   DG  A N1    1 
ATOM   40  C  C2    . DG  A 1 2  ? -1.130  -3.153  -10.821 1.00 37.38 ? 5   DG  A C2    1 
ATOM   41  N  N2    . DG  A 1 2  ? -0.086  -3.992  -10.823 1.00 35.08 ? 5   DG  A N2    1 
ATOM   42  N  N3    . DG  A 1 2  ? -2.359  -3.623  -10.964 1.00 43.63 ? 5   DG  A N3    1 
ATOM   43  C  C4    . DG  A 1 2  ? -3.282  -2.637  -10.937 1.00 42.67 ? 5   DG  A C4    1 
ATOM   44  P  P     . DG  A 1 3  ? -6.365  -6.041  -6.886  1.00 47.11 ? 6   DG  A P     1 
ATOM   45  O  OP1   . DG  A 1 3  ? -6.941  -7.311  -6.352  1.00 43.56 ? 6   DG  A OP1   1 
ATOM   46  O  OP2   . DG  A 1 3  ? -6.711  -4.744  -6.281  1.00 39.92 ? 6   DG  A OP2   1 
ATOM   47  O  "O5'" . DG  A 1 3  ? -4.774  -6.195  -6.907  1.00 42.58 ? 6   DG  A "O5'" 1 
ATOM   48  C  "C5'" . DG  A 1 3  ? -4.187  -7.308  -7.609  1.00 41.96 ? 6   DG  A "C5'" 1 
ATOM   49  C  "C4'" . DG  A 1 3  ? -2.677  -7.255  -7.554  1.00 43.54 ? 6   DG  A "C4'" 1 
ATOM   50  O  "O4'" . DG  A 1 3  ? -2.202  -6.077  -8.243  1.00 43.31 ? 6   DG  A "O4'" 1 
ATOM   51  C  "C3'" . DG  A 1 3  ? -2.076  -7.147  -6.160  1.00 42.74 ? 6   DG  A "C3'" 1 
ATOM   52  O  "O3'" . DG  A 1 3  ? -1.920  -8.426  -5.540  1.00 40.37 ? 6   DG  A "O3'" 1 
ATOM   53  C  "C2'" . DG  A 1 3  ? -0.733  -6.496  -6.435  1.00 43.63 ? 6   DG  A "C2'" 1 
ATOM   54  C  "C1'" . DG  A 1 3  ? -0.963  -5.670  -7.695  1.00 41.67 ? 6   DG  A "C1'" 1 
ATOM   55  N  N9    . DG  A 1 3  ? -1.017  -4.226  -7.502  1.00 46.08 ? 6   DG  A N9    1 
ATOM   56  C  C8    . DG  A 1 3  ? -2.134  -3.428  -7.516  1.00 45.51 ? 6   DG  A C8    1 
ATOM   57  N  N7    . DG  A 1 3  ? -1.860  -2.163  -7.348  1.00 49.66 ? 6   DG  A N7    1 
ATOM   58  C  C5    . DG  A 1 3  ? -0.475  -2.118  -7.259  1.00 40.81 ? 6   DG  A C5    1 
ATOM   59  C  C6    . DG  A 1 3  ? 0.402   -1.013  -7.087  1.00 43.80 ? 6   DG  A C6    1 
ATOM   60  O  O6    . DG  A 1 3  ? 0.124   0.186   -6.977  1.00 40.99 ? 6   DG  A O6    1 
ATOM   61  N  N1    . DG  A 1 3  ? 1.733   -1.419  -7.040  1.00 44.73 ? 6   DG  A N1    1 
ATOM   62  C  C2    . DG  A 1 3  ? 2.164   -2.720  -7.148  1.00 43.81 ? 6   DG  A C2    1 
ATOM   63  N  N2    . DG  A 1 3  ? 3.487   -2.913  -7.072  1.00 43.93 ? 6   DG  A N2    1 
ATOM   64  N  N3    . DG  A 1 3  ? 1.355   -3.757  -7.300  1.00 41.69 ? 6   DG  A N3    1 
ATOM   65  C  C4    . DG  A 1 3  ? 0.059   -3.386  -7.336  1.00 41.71 ? 6   DG  A C4    1 
ATOM   66  P  P     . DG  A 1 4  ? -1.512  -8.532  -3.999  1.00 40.14 ? 7   DG  A P     1 
ATOM   67  O  OP1   . DG  A 1 4  ? -1.727  -9.930  -3.553  1.00 40.35 ? 7   DG  A OP1   1 
ATOM   68  O  OP2   . DG  A 1 4  ? -2.179  -7.410  -3.252  1.00 36.34 ? 7   DG  A OP2   1 
ATOM   69  O  "O5'" . DG  A 1 4  ? 0.053   -8.228  -3.999  1.00 39.57 ? 7   DG  A "O5'" 1 
ATOM   70  C  "C5'" . DG  A 1 4  ? 1.008   -9.030  -4.720  1.00 40.12 ? 7   DG  A "C5'" 1 
ATOM   71  C  "C4'" . DG  A 1 4  ? 2.419   -8.626  -4.350  1.00 37.82 ? 7   DG  A "C4'" 1 
ATOM   72  O  "O4'" . DG  A 1 4  ? 2.668   -7.230  -4.660  1.00 37.64 ? 7   DG  A "O4'" 1 
ATOM   73  C  "C3'" . DG  A 1 4  ? 2.772   -8.782  -2.874  1.00 40.74 ? 7   DG  A "C3'" 1 
ATOM   74  O  "O3'" . DG  A 1 4  ? 4.163   -9.146  -2.793  1.00 44.66 ? 7   DG  A "O3'" 1 
ATOM   75  C  "C2'" . DG  A 1 4  ? 2.463   -7.406  -2.303  1.00 41.53 ? 7   DG  A "C2'" 1 
ATOM   76  C  "C1'" . DG  A 1 4  ? 2.820   -6.467  -3.460  1.00 41.34 ? 7   DG  A "C1'" 1 
ATOM   77  N  N9    . DG  A 1 4  ? 1.976   -5.277  -3.574  1.00 38.04 ? 7   DG  A N9    1 
ATOM   78  C  C8    . DG  A 1 4  ? 0.603   -5.241  -3.563  1.00 37.27 ? 7   DG  A C8    1 
ATOM   79  N  N7    . DG  A 1 4  ? 0.120   -4.030  -3.662  1.00 39.42 ? 7   DG  A N7    1 
ATOM   80  C  C5    . DG  A 1 4  ? 1.242   -3.219  -3.768  1.00 32.73 ? 7   DG  A C5    1 
ATOM   81  C  C6    . DG  A 1 4  ? 1.346   -1.807  -3.894  1.00 35.44 ? 7   DG  A C6    1 
ATOM   82  O  O6    . DG  A 1 4  ? 0.438   -0.969  -3.978  1.00 35.81 ? 7   DG  A O6    1 
ATOM   83  N  N1    . DG  A 1 4  ? 2.673   -1.391  -3.907  1.00 37.86 ? 7   DG  A N1    1 
ATOM   84  C  C2    . DG  A 1 4  ? 3.763   -2.228  -3.855  1.00 38.42 ? 7   DG  A C2    1 
ATOM   85  N  N2    . DG  A 1 4  ? 4.960   -1.635  -3.909  1.00 37.41 ? 7   DG  A N2    1 
ATOM   86  N  N3    . DG  A 1 4  ? 3.681   -3.549  -3.741  1.00 37.20 ? 7   DG  A N3    1 
ATOM   87  C  C4    . DG  A 1 4  ? 2.398   -3.971  -3.698  1.00 36.42 ? 7   DG  A C4    1 
ATOM   88  P  P     . DT  A 1 5  ? 4.864   -9.391  -1.387  1.00 39.33 ? 8   DT  A P     1 
ATOM   89  O  OP1   . DT  A 1 5  ? 6.083   -10.200 -1.613  1.00 48.23 ? 8   DT  A OP1   1 
ATOM   90  O  OP2   . DT  A 1 5  ? 3.832   -9.817  -0.425  1.00 40.59 ? 8   DT  A OP2   1 
ATOM   91  O  "O5'" . DT  A 1 5  ? 5.364   -7.942  -0.954  1.00 45.01 ? 8   DT  A "O5'" 1 
ATOM   92  C  "C5'" . DT  A 1 5  ? 6.434   -7.291  -1.666  1.00 49.92 ? 8   DT  A "C5'" 1 
ATOM   93  C  "C4'" . DT  A 1 5  ? 6.812   -5.984  -1.004  1.00 46.71 ? 8   DT  A "C4'" 1 
ATOM   94  O  "O4'" . DT  A 1 5  ? 5.813   -4.959  -1.235  1.00 47.01 ? 8   DT  A "O4'" 1 
ATOM   95  C  "C3'" . DT  A 1 5  ? 6.998   -6.064  0.510   1.00 47.61 ? 8   DT  A "C3'" 1 
ATOM   96  O  "O3'" . DT  A 1 5  ? 8.233   -5.416  0.831   1.00 43.17 ? 8   DT  A "O3'" 1 
ATOM   97  C  "C2'" . DT  A 1 5  ? 5.779   -5.339  1.058   1.00 47.04 ? 8   DT  A "C2'" 1 
ATOM   98  C  "C1'" . DT  A 1 5  ? 5.541   -4.296  -0.013  1.00 46.97 ? 8   DT  A "C1'" 1 
ATOM   99  N  N1    . DT  A 1 5  ? 4.179   -3.712  -0.093  1.00 39.87 ? 8   DT  A N1    1 
ATOM   100 C  C2    . DT  A 1 5  ? 4.075   -2.360  -0.333  1.00 42.64 ? 8   DT  A C2    1 
ATOM   101 O  O2    . DT  A 1 5  ? 5.043   -1.625  -0.450  1.00 40.67 ? 8   DT  A O2    1 
ATOM   102 N  N3    . DT  A 1 5  ? 2.787   -1.891  -0.428  1.00 41.32 ? 8   DT  A N3    1 
ATOM   103 C  C4    . DT  A 1 5  ? 1.624   -2.619  -0.297  1.00 39.36 ? 8   DT  A C4    1 
ATOM   104 O  O4    . DT  A 1 5  ? 0.539   -2.051  -0.378  1.00 35.59 ? 8   DT  A O4    1 
ATOM   105 C  C5    . DT  A 1 5  ? 1.807   -4.034  -0.046  1.00 40.90 ? 8   DT  A C5    1 
ATOM   106 C  C7    . DT  A 1 5  ? 0.602   -4.904  0.116   1.00 39.24 ? 8   DT  A C7    1 
ATOM   107 C  C6    . DT  A 1 5  ? 3.059   -4.503  0.032   1.00 38.76 ? 8   DT  A C6    1 
ATOM   108 P  P     . DA  A 1 6  ? 9.031   -5.796  2.158   1.00 48.48 ? 9   DA  A P     1 
ATOM   109 O  OP1   . DA  A 1 6  ? 10.469  -5.953  1.789   1.00 43.19 ? 9   DA  A OP1   1 
ATOM   110 O  OP2   . DA  A 1 6  ? 8.303   -6.897  2.848   1.00 40.83 ? 9   DA  A OP2   1 
ATOM   111 O  "O5'" . DA  A 1 6  ? 8.917   -4.454  3.019   1.00 46.78 ? 9   DA  A "O5'" 1 
ATOM   112 C  "C5'" . DA  A 1 6  ? 9.469   -3.219  2.485   1.00 44.65 ? 9   DA  A "C5'" 1 
ATOM   113 C  "C4'" . DA  A 1 6  ? 8.939   -2.021  3.236   1.00 45.45 ? 9   DA  A "C4'" 1 
ATOM   114 O  "O4'" . DA  A 1 6  ? 7.593   -1.685  2.793   1.00 45.09 ? 9   DA  A "O4'" 1 
ATOM   115 C  "C3'" . DA  A 1 6  ? 8.847   -2.225  4.754   1.00 46.98 ? 9   DA  A "C3'" 1 
ATOM   116 O  "O3'" . DA  A 1 6  ? 9.315   -1.061  5.448   1.00 49.70 ? 9   DA  A "O3'" 1 
ATOM   117 C  "C2'" . DA  A 1 6  ? 7.361   -2.436  4.976   1.00 42.99 ? 9   DA  A "C2'" 1 
ATOM   118 C  "C1'" . DA  A 1 6  ? 6.793   -1.478  3.949   1.00 39.78 ? 9   DA  A "C1'" 1 
ATOM   119 N  N9    . DA  A 1 6  ? 5.384   -1.686  3.599   1.00 37.07 ? 9   DA  A N9    1 
ATOM   120 C  C8    . DA  A 1 6  ? 4.680   -2.867  3.596   1.00 36.21 ? 9   DA  A C8    1 
ATOM   121 N  N7    . DA  A 1 6  ? 3.412   -2.726  3.284   1.00 32.09 ? 9   DA  A N7    1 
ATOM   122 C  C5    . DA  A 1 6  ? 3.253   -1.355  3.154   1.00 34.48 ? 9   DA  A C5    1 
ATOM   123 C  C6    . DA  A 1 6  ? 2.138   -0.555  2.843   1.00 34.78 ? 9   DA  A C6    1 
ATOM   124 N  N6    . DA  A 1 6  ? 0.913   -1.042  2.622   1.00 33.15 ? 9   DA  A N6    1 
ATOM   125 N  N1    . DA  A 1 6  ? 2.322   0.781   2.783   1.00 34.29 ? 9   DA  A N1    1 
ATOM   126 C  C2    . DA  A 1 6  ? 3.550   1.270   2.999   1.00 31.87 ? 9   DA  A C2    1 
ATOM   127 N  N3    . DA  A 1 6  ? 4.674   0.623   3.289   1.00 30.83 ? 9   DA  A N3    1 
ATOM   128 C  C4    . DA  A 1 6  ? 4.459   -0.700  3.346   1.00 34.00 ? 9   DA  A C4    1 
ATOM   129 P  P     . DC  A 1 7  ? 9.774   -1.151  6.974   1.00 56.54 ? 10  DC  A P     1 
ATOM   130 O  OP1   . DC  A 1 7  ? 10.135  0.221   7.425   1.00 60.57 ? 10  DC  A OP1   1 
ATOM   131 O  OP2   . DC  A 1 7  ? 10.779  -2.234  7.072   1.00 57.90 ? 10  DC  A OP2   1 
ATOM   132 O  "O5'" . DC  A 1 7  ? 8.437   -1.549  7.746   1.00 48.93 ? 10  DC  A "O5'" 1 
ATOM   133 C  "C5'" . DC  A 1 7  ? 7.770   -0.640  8.663   1.00 44.16 ? 10  DC  A "C5'" 1 
ATOM   134 C  "C4'" . DC  A 1 7  ? 7.158   0.542   7.944   1.00 44.75 ? 10  DC  A "C4'" 1 
ATOM   135 O  "O4'" . DC  A 1 7  ? 6.344   0.093   6.833   1.00 44.48 ? 10  DC  A "O4'" 1 
ATOM   136 C  "C3'" . DC  A 1 7  ? 6.243   1.411   8.803   1.00 44.38 ? 10  DC  A "C3'" 1 
ATOM   137 O  "O3'" . DC  A 1 7  ? 6.959   2.495   9.430   1.00 47.70 ? 10  DC  A "O3'" 1 
ATOM   138 C  "C2'" . DC  A 1 7  ? 5.241   1.963   7.805   1.00 45.46 ? 10  DC  A "C2'" 1 
ATOM   139 C  "C1'" . DC  A 1 7  ? 5.201   0.928   6.683   1.00 45.71 ? 10  DC  A "C1'" 1 
ATOM   140 N  N1    . DC  A 1 7  ? 4.015   0.054   6.653   1.00 48.72 ? 10  DC  A N1    1 
ATOM   141 C  C2    . DC  A 1 7  ? 2.771   0.595   6.300   1.00 43.16 ? 10  DC  A C2    1 
ATOM   142 O  O2    . DC  A 1 7  ? 2.693   1.805   6.054   1.00 40.56 ? 10  DC  A O2    1 
ATOM   143 N  N3    . DC  A 1 7  ? 1.693   -0.220  6.224   1.00 44.05 ? 10  DC  A N3    1 
ATOM   144 C  C4    . DC  A 1 7  ? 1.824   -1.525  6.477   1.00 42.57 ? 10  DC  A C4    1 
ATOM   145 N  N4    . DC  A 1 7  ? 0.737   -2.289  6.393   1.00 43.66 ? 10  DC  A N4    1 
ATOM   146 C  C5    . DC  A 1 7  ? 3.077   -2.100  6.840   1.00 43.83 ? 10  DC  A C5    1 
ATOM   147 C  C6    . DC  A 1 7  ? 4.137   -1.285  6.909   1.00 43.58 ? 10  DC  A C6    1 
ATOM   148 P  P     . DC  A 1 8  ? 6.514   3.020   10.890  1.00 41.77 ? 11  DC  A P     1 
ATOM   149 O  OP1   . DC  A 1 8  ? 7.348   4.200   11.229  1.00 46.96 ? 11  DC  A OP1   1 
ATOM   150 O  OP2   . DC  A 1 8  ? 6.456   1.850   11.809  1.00 39.76 ? 11  DC  A OP2   1 
ATOM   151 O  "O5'" . DC  A 1 8  ? 5.040   3.556   10.634  1.00 43.07 ? 11  DC  A "O5'" 1 
ATOM   152 C  "C5'" . DC  A 1 8  ? 4.826   4.811   9.989   1.00 39.11 ? 11  DC  A "C5'" 1 
ATOM   153 C  "C4'" . DC  A 1 8  ? 3.354   5.137   9.987   1.00 39.01 ? 11  DC  A "C4'" 1 
ATOM   154 O  "O4'" . DC  A 1 8  ? 2.675   4.235   9.091   1.00 42.16 ? 11  DC  A "O4'" 1 
ATOM   155 C  "C3'" . DC  A 1 8  ? 2.620   4.976   11.313  1.00 40.37 ? 11  DC  A "C3'" 1 
ATOM   156 O  "O3'" . DC  A 1 8  ? 2.779   6.144   12.134  1.00 44.92 ? 11  DC  A "O3'" 1 
ATOM   157 C  "C2'" . DC  A 1 8  ? 1.183   4.791   10.858  1.00 39.12 ? 11  DC  A "C2'" 1 
ATOM   158 C  "C1'" . DC  A 1 8  ? 1.303   4.191   9.456   1.00 38.59 ? 11  DC  A "C1'" 1 
ATOM   159 N  N1    . DC  A 1 8  ? 0.865   2.800   9.393   1.00 38.48 ? 11  DC  A N1    1 
ATOM   160 C  C2    . DC  A 1 8  ? -0.476  2.529   9.077   1.00 41.90 ? 11  DC  A C2    1 
ATOM   161 O  O2    . DC  A 1 8  ? -1.243  3.477   8.825   1.00 36.98 ? 11  DC  A O2    1 
ATOM   162 N  N3    . DC  A 1 8  ? -0.897  1.243   9.037   1.00 37.08 ? 11  DC  A N3    1 
ATOM   163 C  C4    . DC  A 1 8  ? -0.048  0.253   9.328   1.00 37.64 ? 11  DC  A C4    1 
ATOM   164 N  N4    . DC  A 1 8  ? -0.512  -0.998  9.293   1.00 43.37 ? 11  DC  A N4    1 
ATOM   165 C  C5    . DC  A 1 8  ? 1.304   0.505   9.704   1.00 34.45 ? 11  DC  A C5    1 
ATOM   166 C  C6    . DC  A 1 8  ? 1.719   1.780   9.709   1.00 34.59 ? 11  DC  A C6    1 
ATOM   167 P  P     . DC  A 1 9  ? 2.076   6.274   13.580  1.00 39.09 ? 12  DC  A P     1 
ATOM   168 O  OP1   . DC  A 1 9  ? 2.514   7.566   14.175  1.00 49.57 ? 12  DC  A OP1   1 
ATOM   169 O  OP2   . DC  A 1 9  ? 2.283   5.020   14.331  1.00 36.69 ? 12  DC  A OP2   1 
ATOM   170 O  "O5'" . DC  A 1 9  ? 0.523   6.343   13.242  1.00 38.12 ? 12  DC  A "O5'" 1 
ATOM   171 C  "C5'" . DC  A 1 9  ? -0.120  7.543   12.792  1.00 36.02 ? 12  DC  A "C5'" 1 
ATOM   172 C  "C4'" . DC  A 1 9  ? -1.621  7.393   12.873  1.00 37.49 ? 12  DC  A "C4'" 1 
ATOM   173 O  "O4'" . DC  A 1 9  ? -2.068  6.193   12.181  1.00 33.08 ? 12  DC  A "O4'" 1 
ATOM   174 C  "C3'" . DC  A 1 9  ? -2.158  7.291   14.303  1.00 39.25 ? 12  DC  A "C3'" 1 
ATOM   175 O  "O3'" . DC  A 1 9  ? -3.311  8.106   14.478  1.00 40.75 ? 12  DC  A "O3'" 1 
ATOM   176 C  "C2'" . DC  A 1 9  ? -2.546  5.832   14.439  1.00 39.82 ? 12  DC  A "C2'" 1 
ATOM   177 C  "C1'" . DC  A 1 9  ? -2.951  5.476   13.020  1.00 36.58 ? 12  DC  A "C1'" 1 
ATOM   178 N  N1    . DC  A 1 9  ? -2.828  4.045   12.693  1.00 38.13 ? 12  DC  A N1    1 
ATOM   179 C  C2    . DC  A 1 9  ? -3.961  3.355   12.233  1.00 34.90 ? 12  DC  A C2    1 
ATOM   180 O  O2    . DC  A 1 9  ? -5.030  3.967   12.106  1.00 35.81 ? 12  DC  A O2    1 
ATOM   181 N  N3    . DC  A 1 9  ? -3.855  2.049   11.917  1.00 36.55 ? 12  DC  A N3    1 
ATOM   182 C  C4    . DC  A 1 9  ? -2.691  1.416   12.068  1.00 35.99 ? 12  DC  A C4    1 
ATOM   183 N  N4    . DC  A 1 9  ? -2.645  0.124   11.745  1.00 33.66 ? 12  DC  A N4    1 
ATOM   184 C  C5    . DC  A 1 9  ? -1.518  2.091   12.526  1.00 37.07 ? 12  DC  A C5    1 
ATOM   185 C  C6    . DC  A 1 9  ? -1.634  3.393   12.833  1.00 36.84 ? 12  DC  A C6    1 
ATOM   186 P  P     . DT  A 1 10 ? -3.956  8.255   15.915  1.00 48.76 ? 13  DT  A P     1 
ATOM   187 O  OP1   . DT  A 1 10 ? -4.420  9.667   16.048  1.00 47.75 ? 13  DT  A OP1   1 
ATOM   188 O  OP2   . DT  A 1 10 ? -3.013  7.693   16.912  1.00 47.80 ? 13  DT  A OP2   1 
ATOM   189 O  "O5'" . DT  A 1 10 ? -5.169  7.221   15.899  1.00 39.91 ? 13  DT  A "O5'" 1 
ATOM   190 C  "C5'" . DT  A 1 10 ? -6.368  7.453   15.119  1.00 38.63 ? 13  DT  A "C5'" 1 
ATOM   191 C  "C4'" . DT  A 1 10 ? -7.446  6.454   15.489  1.00 40.71 ? 13  DT  A "C4'" 1 
ATOM   192 O  "O4'" . DT  A 1 10 ? -7.089  5.114   15.061  1.00 36.06 ? 13  DT  A "O4'" 1 
ATOM   193 C  "C3'" . DT  A 1 10 ? -7.731  6.354   16.991  1.00 41.26 ? 13  DT  A "C3'" 1 
ATOM   194 O  "O3'" . DT  A 1 10 ? -9.141  6.334   17.207  1.00 45.25 ? 13  DT  A "O3'" 1 
ATOM   195 C  "C2'" . DT  A 1 10 ? -7.060  5.053   17.395  1.00 40.43 ? 13  DT  A "C2'" 1 
ATOM   196 C  "C1'" . DT  A 1 10 ? -7.243  4.214   16.141  1.00 41.43 ? 13  DT  A "C1'" 1 
ATOM   197 N  N1    . DT  A 1 10 ? -6.284  3.109   15.941  1.00 39.94 ? 13  DT  A N1    1 
ATOM   198 C  C2    . DT  A 1 10 ? -6.753  1.891   15.498  1.00 39.54 ? 13  DT  A C2    1 
ATOM   199 O  O2    . DT  A 1 10 ? -7.934  1.655   15.306  1.00 35.91 ? 13  DT  A O2    1 
ATOM   200 N  N3    . DT  A 1 10 ? -5.780  0.943   15.299  1.00 40.93 ? 13  DT  A N3    1 
ATOM   201 C  C4    . DT  A 1 10 ? -4.426  1.080   15.510  1.00 36.83 ? 13  DT  A C4    1 
ATOM   202 O  O4    . DT  A 1 10 ? -3.679  0.139   15.281  1.00 34.97 ? 13  DT  A O4    1 
ATOM   203 C  C5    . DT  A 1 10 ? -4.002  2.387   15.961  1.00 39.57 ? 13  DT  A C5    1 
ATOM   204 C  C7    . DT  A 1 10 ? -2.545  2.640   16.188  1.00 44.75 ? 13  DT  A C7    1 
ATOM   205 C  C6    . DT  A 1 10 ? -4.937  3.328   16.134  1.00 41.09 ? 13  DT  A C6    1 
ATOM   206 O  "O5'" . DA  B 1 1  ? -8.081  -9.075  12.169  1.00 43.29 ? -2  DA  B "O5'" 1 
ATOM   207 C  "C5'" . DA  B 1 1  ? -9.206  -9.212  13.039  1.00 44.14 ? -2  DA  B "C5'" 1 
ATOM   208 C  "C4'" . DA  B 1 1  ? -9.910  -7.891  13.226  1.00 44.24 ? -2  DA  B "C4'" 1 
ATOM   209 O  "O4'" . DA  B 1 1  ? -9.028  -7.182  14.125  1.00 43.63 ? -2  DA  B "O4'" 1 
ATOM   210 C  "C3'" . DA  B 1 1  ? -9.947  -7.028  11.965  1.00 45.79 ? -2  DA  B "C3'" 1 
ATOM   211 O  "O3'" . DA  B 1 1  ? -11.231 -6.879  11.369  1.00 42.85 ? -2  DA  B "O3'" 1 
ATOM   212 C  "C2'" . DA  B 1 1  ? -9.539  -5.647  12.428  1.00 48.13 ? -2  DA  B "C2'" 1 
ATOM   213 C  "C1'" . DA  B 1 1  ? -9.077  -5.794  13.860  1.00 45.47 ? -2  DA  B "C1'" 1 
ATOM   214 N  N9    . DA  B 1 1  ? -7.723  -5.276  13.967  1.00 40.77 ? -2  DA  B N9    1 
ATOM   215 C  C8    . DA  B 1 1  ? -6.550  -5.911  13.646  1.00 43.43 ? -2  DA  B C8    1 
ATOM   216 N  N7    . DA  B 1 1  ? -5.490  -5.146  13.748  1.00 46.06 ? -2  DA  B N7    1 
ATOM   217 C  C5    . DA  B 1 1  ? -6.003  -3.920  14.150  1.00 41.58 ? -2  DA  B C5    1 
ATOM   218 C  C6    . DA  B 1 1  ? -5.389  -2.698  14.461  1.00 41.82 ? -2  DA  B C6    1 
ATOM   219 N  N6    . DA  B 1 1  ? -4.068  -2.499  14.391  1.00 43.70 ? -2  DA  B N6    1 
ATOM   220 N  N1    . DA  B 1 1  ? -6.186  -1.669  14.827  1.00 37.77 ? -2  DA  B N1    1 
ATOM   221 C  C2    . DA  B 1 1  ? -7.513  -1.873  14.882  1.00 42.35 ? -2  DA  B C2    1 
ATOM   222 N  N3    . DA  B 1 1  ? -8.206  -2.987  14.638  1.00 37.82 ? -2  DA  B N3    1 
ATOM   223 C  C4    . DA  B 1 1  ? -7.381  -3.983  14.270  1.00 40.29 ? -2  DA  B C4    1 
ATOM   224 P  P     . DG  B 1 2  ? -11.335 -6.403  9.832   1.00 44.49 ? -1  DG  B P     1 
ATOM   225 O  OP1   . DG  B 1 2  ? -12.382 -7.221  9.167   1.00 55.30 ? -1  DG  B OP1   1 
ATOM   226 O  OP2   . DG  B 1 2  ? -9.977  -6.371  9.235   1.00 35.63 ? -1  DG  B OP2   1 
ATOM   227 O  "O5'" . DG  B 1 2  ? -11.913 -4.923  9.966   1.00 38.16 ? -1  DG  B "O5'" 1 
ATOM   228 C  "C5'" . DG  B 1 2  ? -12.744 -4.514  11.062  1.00 38.45 ? -1  DG  B "C5'" 1 
ATOM   229 C  "C4'" . DG  B 1 2  ? -12.746 -3.007  11.169  1.00 41.11 ? -1  DG  B "C4'" 1 
ATOM   230 O  "O4'" . DG  B 1 2  ? -11.748 -2.581  12.126  1.00 41.14 ? -1  DG  B "O4'" 1 
ATOM   231 C  "C3'" . DG  B 1 2  ? -12.409 -2.261  9.882   1.00 40.73 ? -1  DG  B "C3'" 1 
ATOM   232 O  "O3'" . DG  B 1 2  ? -13.600 -2.087  9.103   1.00 40.82 ? -1  DG  B "O3'" 1 
ATOM   233 C  "C2'" . DG  B 1 2  ? -11.854 -0.952  10.412  1.00 41.19 ? -1  DG  B "C2'" 1 
ATOM   234 C  "C1'" . DG  B 1 2  ? -11.132 -1.382  11.688  1.00 39.74 ? -1  DG  B "C1'" 1 
ATOM   235 N  N9    . DG  B 1 2  ? -9.719  -1.664  11.482  1.00 43.40 ? -1  DG  B N9    1 
ATOM   236 C  C8    . DG  B 1 2  ? -9.160  -2.845  11.058  1.00 41.11 ? -1  DG  B C8    1 
ATOM   237 N  N7    . DG  B 1 2  ? -7.864  -2.775  10.918  1.00 42.34 ? -1  DG  B N7    1 
ATOM   238 C  C5    . DG  B 1 2  ? -7.545  -1.485  11.318  1.00 42.66 ? -1  DG  B C5    1 
ATOM   239 C  C6    . DG  B 1 2  ? -6.288  -0.827  11.387  1.00 43.44 ? -1  DG  B C6    1 
ATOM   240 O  O6    . DG  B 1 2  ? -5.166  -1.277  11.112  1.00 38.62 ? -1  DG  B O6    1 
ATOM   241 N  N1    . DG  B 1 2  ? -6.429  0.504   11.771  1.00 41.47 ? -1  DG  B N1    1 
ATOM   242 C  C2    . DG  B 1 2  ? -7.618  1.110   12.091  1.00 47.81 ? -1  DG  B C2    1 
ATOM   243 N  N2    . DG  B 1 2  ? -7.548  2.393   12.477  1.00 54.86 ? -1  DG  B N2    1 
ATOM   244 N  N3    . DG  B 1 2  ? -8.794  0.506   12.041  1.00 46.06 ? -1  DG  B N3    1 
ATOM   245 C  C4    . DG  B 1 2  ? -8.683  -0.775  11.634  1.00 43.46 ? -1  DG  B C4    1 
ATOM   246 P  P     . DG  B 1 3  ? -13.513 -1.793  7.530   1.00 43.22 ? 0   DG  B P     1 
ATOM   247 O  OP1   . DG  B 1 3  ? -14.905 -1.617  7.017   1.00 46.93 ? 0   DG  B OP1   1 
ATOM   248 O  OP2   . DG  B 1 3  ? -12.622 -2.791  6.904   1.00 37.80 ? 0   DG  B OP2   1 
ATOM   249 O  "O5'" . DG  B 1 3  ? -12.791 -0.369  7.450   1.00 43.43 ? 0   DG  B "O5'" 1 
ATOM   250 C  "C5'" . DG  B 1 3  ? -11.669 -0.175  6.553   1.00 43.78 ? 0   DG  B "C5'" 1 
ATOM   251 C  "C4'" . DG  B 1 3  ? -10.795 0.952   7.048   1.00 45.18 ? 0   DG  B "C4'" 1 
ATOM   252 O  "O4'" . DG  B 1 3  ? -10.002 0.522   8.177   1.00 50.11 ? 0   DG  B "O4'" 1 
ATOM   253 C  "C3'" . DG  B 1 3  ? -9.767  1.489   6.058   1.00 44.04 ? 0   DG  B "C3'" 1 
ATOM   254 O  "O3'" . DG  B 1 3  ? -10.363 2.409   5.134   1.00 44.91 ? 0   DG  B "O3'" 1 
ATOM   255 C  "C2'" . DG  B 1 3  ? -8.805  2.193   6.992   1.00 44.90 ? 0   DG  B "C2'" 1 
ATOM   256 C  "C1'" . DG  B 1 3  ? -8.786  1.267   8.212   1.00 45.25 ? 0   DG  B "C1'" 1 
ATOM   257 N  N9    . DG  B 1 3  ? -7.670  0.328   8.170   1.00 43.01 ? 0   DG  B N9    1 
ATOM   258 C  C8    . DG  B 1 3  ? -7.698  -1.021  7.901   1.00 46.61 ? 0   DG  B C8    1 
ATOM   259 N  N7    . DG  B 1 3  ? -6.508  -1.563  7.878   1.00 46.37 ? 0   DG  B N7    1 
ATOM   260 C  C5    . DG  B 1 3  ? -5.646  -0.505  8.135   1.00 44.51 ? 0   DG  B C5    1 
ATOM   261 C  C6    . DG  B 1 3  ? -4.226  -0.471  8.235   1.00 47.56 ? 0   DG  B C6    1 
ATOM   262 O  O6    . DG  B 1 3  ? -3.420  -1.405  8.137   1.00 39.58 ? 0   DG  B O6    1 
ATOM   263 N  N1    . DG  B 1 3  ? -3.764  0.815   8.501   1.00 49.67 ? 0   DG  B N1    1 
ATOM   264 C  C2    . DG  B 1 3  ? -4.560  1.923   8.664   1.00 47.58 ? 0   DG  B C2    1 
ATOM   265 N  N2    . DG  B 1 3  ? -3.932  3.075   8.911   1.00 52.34 ? 0   DG  B N2    1 
ATOM   266 N  N3    . DG  B 1 3  ? -5.877  1.906   8.564   1.00 52.27 ? 0   DG  B N3    1 
ATOM   267 C  C4    . DG  B 1 3  ? -6.350  0.668   8.308   1.00 45.25 ? 0   DG  B C4    1 
ATOM   268 P  P     . DG  B 1 4  ? -9.631  2.789   3.775   1.00 46.81 ? 1   DG  B P     1 
ATOM   269 O  OP1   . DG  B 1 4  ? -10.523 3.717   3.047   1.00 37.76 ? 1   DG  B OP1   1 
ATOM   270 O  OP2   . DG  B 1 4  ? -9.125  1.517   3.137   1.00 42.06 ? 1   DG  B OP2   1 
ATOM   271 O  "O5'" . DG  B 1 4  ? -8.311  3.539   4.253   1.00 42.21 ? 1   DG  B "O5'" 1 
ATOM   272 C  "C5'" . DG  B 1 4  ? -8.345  4.932   4.571   1.00 42.16 ? 1   DG  B "C5'" 1 
ATOM   273 C  "C4'" . DG  B 1 4  ? -6.975  5.386   5.010   1.00 39.08 ? 1   DG  B "C4'" 1 
ATOM   274 O  "O4'" . DG  B 1 4  ? -6.376  4.400   5.866   1.00 41.54 ? 1   DG  B "O4'" 1 
ATOM   275 C  "C3'" . DG  B 1 4  ? -5.973  5.560   3.885   1.00 38.85 ? 1   DG  B "C3'" 1 
ATOM   276 O  "O3'" . DG  B 1 4  ? -6.148  6.825   3.239   1.00 40.02 ? 1   DG  B "O3'" 1 
ATOM   277 C  "C2'" . DG  B 1 4  ? -4.653  5.446   4.614   1.00 40.85 ? 1   DG  B "C2'" 1 
ATOM   278 C  "C1'" . DG  B 1 4  ? -4.956  4.456   5.727   1.00 42.77 ? 1   DG  B "C1'" 1 
ATOM   279 N  N9    . DG  B 1 4  ? -4.472  3.104   5.472   1.00 43.04 ? 1   DG  B N9    1 
ATOM   280 C  C8    . DG  B 1 4  ? -5.218  1.980   5.210   1.00 38.07 ? 1   DG  B C8    1 
ATOM   281 N  N7    . DG  B 1 4  ? -4.492  0.904   5.076   1.00 43.09 ? 1   DG  B N7    1 
ATOM   282 C  C5    . DG  B 1 4  ? -3.189  1.342   5.269   1.00 44.34 ? 1   DG  B C5    1 
ATOM   283 C  C6    . DG  B 1 4  ? -1.959  0.633   5.208   1.00 42.69 ? 1   DG  B C6    1 
ATOM   284 O  O6    . DG  B 1 4  ? -1.772  -0.571  5.021   1.00 47.36 ? 1   DG  B O6    1 
ATOM   285 N  N1    . DG  B 1 4  ? -0.875  1.468   5.455   1.00 46.21 ? 1   DG  B N1    1 
ATOM   286 C  C2    . DG  B 1 4  ? -0.956  2.814   5.707   1.00 45.79 ? 1   DG  B C2    1 
ATOM   287 N  N2    . DG  B 1 4  ? 0.208   3.446   5.915   1.00 43.40 ? 1   DG  B N2    1 
ATOM   288 N  N3    . DG  B 1 4  ? -2.092  3.491   5.740   1.00 47.88 ? 1   DG  B N3    1 
ATOM   289 C  C4    . DG  B 1 4  ? -3.160  2.699   5.508   1.00 44.43 ? 1   DG  B C4    1 
ATOM   290 P  P     . DT  B 1 5  ? -5.559  7.028   1.788   1.00 40.01 ? 2   DT  B P     1 
ATOM   291 O  OP1   . DT  B 1 5  ? -6.092  8.298   1.272   1.00 42.96 ? 2   DT  B OP1   1 
ATOM   292 O  OP2   . DT  B 1 5  ? -5.782  5.754   1.021   1.00 43.19 ? 2   DT  B OP2   1 
ATOM   293 O  "O5'" . DT  B 1 5  ? -4.001  7.163   2.057   1.00 37.29 ? 2   DT  B "O5'" 1 
ATOM   294 C  "C5'" . DT  B 1 5  ? -3.497  8.277   2.835   1.00 41.18 ? 2   DT  B "C5'" 1 
ATOM   295 C  "C4'" . DT  B 1 5  ? -2.003  8.139   3.017   1.00 42.49 ? 2   DT  B "C4'" 1 
ATOM   296 O  "O4'" . DT  B 1 5  ? -1.709  6.897   3.691   1.00 39.85 ? 2   DT  B "O4'" 1 
ATOM   297 C  "C3'" . DT  B 1 5  ? -1.215  8.033   1.725   1.00 42.44 ? 2   DT  B "C3'" 1 
ATOM   298 O  "O3'" . DT  B 1 5  ? -0.974  9.275   1.078   1.00 48.11 ? 2   DT  B "O3'" 1 
ATOM   299 C  "C2'" . DT  B 1 5  ? 0.063   7.370   2.190   1.00 39.65 ? 2   DT  B "C2'" 1 
ATOM   300 C  "C1'" . DT  B 1 5  ? -0.445  6.412   3.255   1.00 40.98 ? 2   DT  B "C1'" 1 
ATOM   301 N  N1    . DT  B 1 5  ? -0.608  4.998   2.834   1.00 41.30 ? 2   DT  B N1    1 
ATOM   302 C  C2    . DT  B 1 5  ? 0.517   4.205   2.846   1.00 40.70 ? 2   DT  B C2    1 
ATOM   303 O  O2    . DT  B 1 5  ? 1.622   4.622   3.160   1.00 36.34 ? 2   DT  B O2    1 
ATOM   304 N  N3    . DT  B 1 5  ? 0.297   2.891   2.506   1.00 39.97 ? 2   DT  B N3    1 
ATOM   305 C  C4    . DT  B 1 5  ? -0.904  2.316   2.133   1.00 39.51 ? 2   DT  B C4    1 
ATOM   306 O  O4    . DT  B 1 5  ? -0.945  1.124   1.832   1.00 41.93 ? 2   DT  B O4    1 
ATOM   307 C  C5    . DT  B 1 5  ? -2.040  3.212   2.126   1.00 35.78 ? 2   DT  B C5    1 
ATOM   308 C  C7    . DT  B 1 5  ? -3.379  2.683   1.719   1.00 31.55 ? 2   DT  B C7    1 
ATOM   309 C  C6    . DT  B 1 5  ? -1.836  4.492   2.468   1.00 38.78 ? 2   DT  B C6    1 
ATOM   310 P  P     . DA  B 1 6  ? -0.762  9.278   -0.509  1.00 58.81 ? 3   DA  B P     1 
ATOM   311 O  OP1   . DA  B 1 6  ? -0.643  10.694  -0.943  1.00 60.59 ? 3   DA  B OP1   1 
ATOM   312 O  OP2   . DA  B 1 6  ? -1.800  8.392   -1.092  1.00 44.79 ? 3   DA  B OP2   1 
ATOM   313 O  "O5'" . DA  B 1 6  ? 0.640   8.549   -0.698  1.00 52.64 ? 3   DA  B "O5'" 1 
ATOM   314 C  "C5'" . DA  B 1 6  ? 1.838   9.080   -0.112  1.00 51.64 ? 3   DA  B "C5'" 1 
ATOM   315 C  "C4'" . DA  B 1 6  ? 2.971   8.095   -0.274  1.00 52.53 ? 3   DA  B "C4'" 1 
ATOM   316 O  "O4'" . DA  B 1 6  ? 2.681   6.887   0.463   1.00 55.57 ? 3   DA  B "O4'" 1 
ATOM   317 C  "C3'" . DA  B 1 6  ? 3.214   7.615   -1.701  1.00 52.31 ? 3   DA  B "C3'" 1 
ATOM   318 O  "O3'" . DA  B 1 6  ? 4.067   8.515   -2.410  1.00 52.55 ? 3   DA  B "O3'" 1 
ATOM   319 C  "C2'" . DA  B 1 6  ? 3.910   6.287   -1.476  1.00 52.05 ? 3   DA  B "C2'" 1 
ATOM   320 C  "C1'" . DA  B 1 6  ? 3.282   5.769   -0.191  1.00 48.80 ? 3   DA  B "C1'" 1 
ATOM   321 N  N9    . DA  B 1 6  ? 2.254   4.755   -0.411  1.00 46.61 ? 3   DA  B N9    1 
ATOM   322 C  C8    . DA  B 1 6  ? 0.914   4.921   -0.669  1.00 49.70 ? 3   DA  B C8    1 
ATOM   323 N  N7    . DA  B 1 6  ? 0.268   3.795   -0.856  1.00 46.23 ? 3   DA  B N7    1 
ATOM   324 C  C5    . DA  B 1 6  ? 1.249   2.821   -0.709  1.00 45.93 ? 3   DA  B C5    1 
ATOM   325 C  C6    . DA  B 1 6  ? 1.207   1.416   -0.770  1.00 39.02 ? 3   DA  B C6    1 
ATOM   326 N  N6    . DA  B 1 6  ? 0.097   0.714   -1.001  1.00 35.69 ? 3   DA  B N6    1 
ATOM   327 N  N1    . DA  B 1 6  ? 2.362   0.745   -0.571  1.00 39.96 ? 3   DA  B N1    1 
ATOM   328 C  C2    . DA  B 1 6  ? 3.481   1.442   -0.354  1.00 42.52 ? 3   DA  B C2    1 
ATOM   329 N  N3    . DA  B 1 6  ? 3.647   2.761   -0.270  1.00 49.88 ? 3   DA  B N3    1 
ATOM   330 C  C4    . DA  B 1 6  ? 2.476   3.399   -0.443  1.00 45.64 ? 3   DA  B C4    1 
ATOM   331 P  P     . DC  B 1 7  ? 4.187   8.446   -4.007  1.00 49.89 ? 4   DC  B P     1 
ATOM   332 O  OP1   . DC  B 1 7  ? 4.827   9.713   -4.474  1.00 50.13 ? 4   DC  B OP1   1 
ATOM   333 O  OP2   . DC  B 1 7  ? 2.861   8.081   -4.559  1.00 57.08 ? 4   DC  B OP2   1 
ATOM   334 O  "O5'" . DC  B 1 7  ? 5.214   7.250   -4.232  1.00 49.14 ? 4   DC  B "O5'" 1 
ATOM   335 C  "C5'" . DC  B 1 7  ? 6.570   7.309   -3.721  1.00 50.71 ? 4   DC  B "C5'" 1 
ATOM   336 C  "C4'" . DC  B 1 7  ? 7.228   5.951   -3.814  1.00 51.23 ? 4   DC  B "C4'" 1 
ATOM   337 O  "O4'" . DC  B 1 7  ? 6.507   4.994   -3.005  1.00 55.40 ? 4   DC  B "O4'" 1 
ATOM   338 C  "C3'" . DC  B 1 7  ? 7.249   5.352   -5.218  1.00 51.11 ? 4   DC  B "C3'" 1 
ATOM   339 O  "O3'" . DC  B 1 7  ? 8.486   5.662   -5.859  1.00 53.82 ? 4   DC  B "O3'" 1 
ATOM   340 C  "C2'" . DC  B 1 7  ? 7.195   3.857   -4.967  1.00 51.93 ? 4   DC  B "C2'" 1 
ATOM   341 C  "C1'" . DC  B 1 7  ? 6.449   3.723   -3.656  1.00 48.68 ? 4   DC  B "C1'" 1 
ATOM   342 N  N1    . DC  B 1 7  ? 5.032   3.359   -3.820  1.00 46.95 ? 4   DC  B N1    1 
ATOM   343 C  C2    . DC  B 1 7  ? 4.663   2.012   -3.710  1.00 43.07 ? 4   DC  B C2    1 
ATOM   344 O  O2    . DC  B 1 7  ? 5.539   1.169   -3.467  1.00 34.17 ? 4   DC  B O2    1 
ATOM   345 N  N3    . DC  B 1 7  ? 3.362   1.668   -3.876  1.00 39.29 ? 4   DC  B N3    1 
ATOM   346 C  C4    . DC  B 1 7  ? 2.449   2.613   -4.123  1.00 41.11 ? 4   DC  B C4    1 
ATOM   347 N  N4    . DC  B 1 7  ? 1.175   2.236   -4.266  1.00 40.35 ? 4   DC  B N4    1 
ATOM   348 C  C5    . DC  B 1 7  ? 2.803   3.986   -4.256  1.00 40.87 ? 4   DC  B C5    1 
ATOM   349 C  C6    . DC  B 1 7  ? 4.093   4.312   -4.096  1.00 42.97 ? 4   DC  B C6    1 
ATOM   350 P  P     . DC  B 1 8  ? 8.535   5.860   -7.434  1.00 54.55 ? 5   DC  B P     1 
ATOM   351 O  OP1   . DC  B 1 8  ? 9.868   6.422   -7.792  1.00 58.41 ? 5   DC  B OP1   1 
ATOM   352 O  OP2   . DC  B 1 8  ? 7.300   6.556   -7.854  1.00 56.75 ? 5   DC  B OP2   1 
ATOM   353 O  "O5'" . DC  B 1 8  ? 8.578   4.364   -7.962  1.00 56.39 ? 5   DC  B "O5'" 1 
ATOM   354 C  "C5'" . DC  B 1 8  ? 9.688   3.521   -7.591  1.00 53.55 ? 5   DC  B "C5'" 1 
ATOM   355 C  "C4'" . DC  B 1 8  ? 9.334   2.077   -7.855  1.00 51.37 ? 5   DC  B "C4'" 1 
ATOM   356 O  "O4'" . DC  B 1 8  ? 8.058   1.807   -7.215  1.00 52.13 ? 5   DC  B "O4'" 1 
ATOM   357 C  "C3'" . DC  B 1 8  ? 9.159   1.753   -9.344  1.00 48.39 ? 5   DC  B "C3'" 1 
ATOM   358 O  "O3'" . DC  B 1 8  ? 9.761   0.516   -9.742  1.00 53.45 ? 5   DC  B "O3'" 1 
ATOM   359 C  "C2'" . DC  B 1 8  ? 7.657   1.673   -9.519  1.00 50.96 ? 5   DC  B "C2'" 1 
ATOM   360 C  "C1'" . DC  B 1 8  ? 7.201   1.183   -8.153  1.00 52.39 ? 5   DC  B "C1'" 1 
ATOM   361 N  N1    . DC  B 1 8  ? 5.806   1.532   -7.826  1.00 49.15 ? 5   DC  B N1    1 
ATOM   362 C  C2    . DC  B 1 8  ? 4.925   0.498   -7.494  1.00 43.34 ? 5   DC  B C2    1 
ATOM   363 O  O2    . DC  B 1 8  ? 5.365   -0.656  -7.403  1.00 53.38 ? 5   DC  B O2    1 
ATOM   364 N  N3    . DC  B 1 8  ? 3.624   0.784   -7.263  1.00 38.25 ? 5   DC  B N3    1 
ATOM   365 C  C4    . DC  B 1 8  ? 3.189   2.043   -7.368  1.00 42.85 ? 5   DC  B C4    1 
ATOM   366 N  N4    . DC  B 1 8  ? 1.898   2.283   -7.111  1.00 36.80 ? 5   DC  B N4    1 
ATOM   367 C  C5    . DC  B 1 8  ? 4.064   3.117   -7.711  1.00 46.04 ? 5   DC  B C5    1 
ATOM   368 C  C6    . DC  B 1 8  ? 5.349   2.815   -7.952  1.00 48.65 ? 5   DC  B C6    1 
ATOM   369 P  P     . DC  B 1 9  ? 9.841   0.122   -11.298 1.00 44.77 ? 6   DC  B P     1 
ATOM   370 O  OP1   . DC  B 1 9  ? 11.152  -0.524  -11.540 1.00 52.41 ? 6   DC  B OP1   1 
ATOM   371 O  OP2   . DC  B 1 9  ? 9.441   1.299   -12.073 1.00 41.78 ? 6   DC  B OP2   1 
ATOM   372 O  "O5'" . DC  B 1 9  ? 8.728   -1.014  -11.450 1.00 50.13 ? 6   DC  B "O5'" 1 
ATOM   373 C  "C5'" . DC  B 1 9  ? 8.878   -2.260  -10.749 1.00 50.12 ? 6   DC  B "C5'" 1 
ATOM   374 C  "C4'" . DC  B 1 9  ? 7.599   -3.068  -10.742 1.00 48.22 ? 6   DC  B "C4'" 1 
ATOM   375 O  "O4'" . DC  B 1 9  ? 6.577   -2.408  -9.976  1.00 42.40 ? 6   DC  B "O4'" 1 
ATOM   376 C  "C3'" . DC  B 1 9  ? 6.943   -3.333  -12.091 1.00 48.29 ? 6   DC  B "C3'" 1 
ATOM   377 O  "O3'" . DC  B 1 9  ? 7.555   -4.425  -12.794 1.00 45.91 ? 6   DC  B "O3'" 1 
ATOM   378 C  "C2'" . DC  B 1 9  ? 5.517   -3.664  -11.694 1.00 43.99 ? 6   DC  B "C2'" 1 
ATOM   379 C  "C1'" . DC  B 1 9  ? 5.305   -2.897  -10.384 1.00 43.20 ? 6   DC  B "C1'" 1 
ATOM   380 N  N1    . DC  B 1 9  ? 4.385   -1.747  -10.490 1.00 40.10 ? 6   DC  B N1    1 
ATOM   381 C  C2    . DC  B 1 9  ? 3.008   -1.979  -10.434 1.00 39.38 ? 6   DC  B C2    1 
ATOM   382 O  O2    . DC  B 1 9  ? 2.603   -3.144  -10.286 1.00 39.42 ? 6   DC  B O2    1 
ATOM   383 N  N3    . DC  B 1 9  ? 2.158   -0.930  -10.542 1.00 35.97 ? 6   DC  B N3    1 
ATOM   384 C  C4    . DC  B 1 9  ? 2.640   0.303   -10.723 1.00 33.59 ? 6   DC  B C4    1 
ATOM   385 N  N4    . DC  B 1 9  ? 1.771   1.311   -10.812 1.00 31.57 ? 6   DC  B N4    1 
ATOM   386 C  C5    . DC  B 1 9  ? 4.036   0.560   -10.804 1.00 35.42 ? 6   DC  B C5    1 
ATOM   387 C  C6    . DC  B 1 9  ? 4.865   -0.480  -10.673 1.00 36.68 ? 6   DC  B C6    1 
ATOM   388 P  P     . DT  B 1 10 ? 7.239   -4.635  -14.341 1.00 47.68 ? 7   DT  B P     1 
ATOM   389 O  OP1   . DT  B 1 10 ? 8.163   -5.673  -14.879 1.00 48.91 ? 7   DT  B OP1   1 
ATOM   390 O  OP2   . DT  B 1 10 ? 7.144   -3.296  -14.987 1.00 43.44 ? 7   DT  B OP2   1 
ATOM   391 O  "O5'" . DT  B 1 10 ? 5.812   -5.321  -14.326 1.00 51.64 ? 7   DT  B "O5'" 1 
ATOM   392 C  "C5'" . DT  B 1 10 ? 5.663   -6.674  -13.887 1.00 48.48 ? 7   DT  B "C5'" 1 
ATOM   393 C  "C4'" . DT  B 1 10 ? 4.213   -7.070  -14.027 1.00 48.99 ? 7   DT  B "C4'" 1 
ATOM   394 O  "O4'" . DT  B 1 10 ? 3.400   -6.192  -13.227 1.00 47.28 ? 7   DT  B "O4'" 1 
ATOM   395 C  "C3'" . DT  B 1 10 ? 3.644   -6.937  -15.434 1.00 47.24 ? 7   DT  B "C3'" 1 
ATOM   396 O  "O3'" . DT  B 1 10 ? 3.899   -8.118  -16.186 1.00 45.99 ? 7   DT  B "O3'" 1 
ATOM   397 C  "C2'" . DT  B 1 10 ? 2.161   -6.768  -15.173 1.00 48.40 ? 7   DT  B "C2'" 1 
ATOM   398 C  "C1'" . DT  B 1 10 ? 2.112   -6.068  -13.815 1.00 50.35 ? 7   DT  B "C1'" 1 
ATOM   399 N  N1    . DT  B 1 10 ? 1.776   -4.632  -13.885 1.00 47.90 ? 7   DT  B N1    1 
ATOM   400 C  C2    . DT  B 1 10 ? 0.446   -4.294  -13.938 1.00 44.21 ? 7   DT  B C2    1 
ATOM   401 O  O2    . DT  B 1 10 ? -0.449  -5.119  -13.918 1.00 43.71 ? 7   DT  B O2    1 
ATOM   402 N  N3    . DT  B 1 10 ? 0.201   -2.948  -14.020 1.00 48.24 ? 7   DT  B N3    1 
ATOM   403 C  C4    . DT  B 1 10 ? 1.134   -1.930  -14.042 1.00 47.95 ? 7   DT  B C4    1 
ATOM   404 O  O4    . DT  B 1 10 ? 0.762   -0.761  -14.109 1.00 58.63 ? 7   DT  B O4    1 
ATOM   405 C  C5    . DT  B 1 10 ? 2.509   -2.355  -13.996 1.00 45.82 ? 7   DT  B C5    1 
ATOM   406 C  C7    . DT  B 1 10 ? 3.590   -1.322  -14.047 1.00 47.70 ? 7   DT  B C7    1 
ATOM   407 C  C6    . DT  B 1 10 ? 2.760   -3.669  -13.927 1.00 49.06 ? 7   DT  B C6    1 
HETATM 408 C  C     . 6O7 C 2 .  ? 7.192   -9.895  -12.087 1.00 43.14 ? 101 6O7 A C     1 
HETATM 409 N  N     . 6O7 C 2 .  ? 9.874   -11.858 -12.685 1.00 54.96 ? 101 6O7 A N     1 
HETATM 410 O  O14   . 6O7 C 2 .  ? 4.452   -8.564  -10.008 1.00 46.59 ? 101 6O7 A O14   1 
HETATM 411 C  C20   . 6O7 C 2 .  ? 5.606   -8.842  -10.341 1.00 42.42 ? 101 6O7 A C20   1 
HETATM 412 C  C19   . 6O7 C 2 .  ? 6.728   -7.967  -9.869  1.00 42.97 ? 101 6O7 A C19   1 
HETATM 413 C  C41   . 6O7 C 2 .  ? 6.479   -6.916  -8.997  1.00 44.89 ? 101 6O7 A C41   1 
HETATM 414 O  O15   . 6O7 C 2 .  ? 5.227   -6.693  -8.502  1.00 42.29 ? 101 6O7 A O15   1 
HETATM 415 C  C42   . 6O7 C 2 .  ? 7.511   -6.062  -8.617  1.00 48.46 ? 101 6O7 A C42   1 
HETATM 416 C  C60   . 6O7 C 2 .  ? 7.247   -5.011  -7.744  1.00 51.44 ? 101 6O7 A C60   1 
HETATM 417 O  O23   . 6O7 C 2 .  ? 5.973   -4.828  -7.253  1.00 52.13 ? 101 6O7 A O23   1 
HETATM 418 C  C58   . 6O7 C 2 .  ? 8.273   -4.160  -7.360  1.00 52.59 ? 101 6O7 A C58   1 
HETATM 419 C  C59   . 6O7 C 2 .  ? 7.944   -3.045  -6.401  1.00 49.07 ? 101 6O7 A C59   1 
HETATM 420 C  C45   . 6O7 C 2 .  ? 9.572   -4.349  -7.852  1.00 55.75 ? 101 6O7 A C45   1 
HETATM 421 O  O16   . 6O7 C 2 .  ? 10.588  -3.505  -7.462  1.00 58.31 ? 101 6O7 A O16   1 
HETATM 422 C  C46   . 6O7 C 2 .  ? 11.745  -3.280  -8.270  1.00 60.01 ? 101 6O7 A C46   1 
HETATM 423 O  O17   . 6O7 C 2 .  ? 12.671  -4.342  -8.022  1.00 66.11 ? 101 6O7 A O17   1 
HETATM 424 C  C50   . 6O7 C 2 .  ? 13.934  -4.234  -8.683  1.00 63.99 ? 101 6O7 A C50   1 
HETATM 425 C  C51   . 6O7 C 2 .  ? 14.789  -5.386  -8.188  1.00 66.49 ? 101 6O7 A C51   1 
HETATM 426 C  C49   . 6O7 C 2 .  ? 14.607  -2.891  -8.385  1.00 66.99 ? 101 6O7 A C49   1 
HETATM 427 O  O18   . 6O7 C 2 .  ? 15.822  -2.763  -9.128  1.00 66.93 ? 101 6O7 A O18   1 
HETATM 428 C  C48   . 6O7 C 2 .  ? 13.664  -1.745  -8.733  1.00 63.81 ? 101 6O7 A C48   1 
HETATM 429 O  O19   . 6O7 C 2 .  ? 14.264  -0.472  -8.462  1.00 57.15 ? 101 6O7 A O19   1 
HETATM 430 C  C52   . 6O7 C 2 .  ? 13.724  0.559   -9.309  1.00 60.52 ? 101 6O7 A C52   1 
HETATM 431 O  O20   . 6O7 C 2 .  ? 14.409  0.559   -10.559 1.00 62.58 ? 101 6O7 A O20   1 
HETATM 432 C  C56   . 6O7 C 2 .  ? 13.905  1.508   -11.506 1.00 60.94 ? 101 6O7 A C56   1 
HETATM 433 C  C57   . 6O7 C 2 .  ? 14.595  1.313   -12.863 1.00 57.62 ? 101 6O7 A C57   1 
HETATM 434 C  C55   . 6O7 C 2 .  ? 14.087  2.924   -10.946 1.00 58.66 ? 101 6O7 A C55   1 
HETATM 435 O  O21   . 6O7 C 2 .  ? 13.564  3.876   -11.882 1.00 56.47 ? 101 6O7 A O21   1 
HETATM 436 C  C54   . 6O7 C 2 .  ? 13.376  3.043   -9.592  1.00 60.40 ? 101 6O7 A C54   1 
HETATM 437 O  O22   . 6O7 C 2 .  ? 13.613  4.332   -8.981  1.00 57.75 ? 101 6O7 A O22   1 
HETATM 438 C  C53   . 6O7 C 2 .  ? 13.851  1.930   -8.653  1.00 59.12 ? 101 6O7 A C53   1 
HETATM 439 C  C47   . 6O7 C 2 .  ? 12.378  -1.937  -7.930  1.00 60.28 ? 101 6O7 A C47   1 
HETATM 440 C  C44   . 6O7 C 2 .  ? 9.832   -5.410  -8.730  1.00 53.64 ? 101 6O7 A C44   1 
HETATM 441 C  C43   . 6O7 C 2 .  ? 8.800   -6.263  -9.110  1.00 51.71 ? 101 6O7 A C43   1 
HETATM 442 C  C18   . 6O7 C 2 .  ? 9.049   -7.307  -9.992  1.00 46.54 ? 101 6O7 A C18   1 
HETATM 443 C  C17   . 6O7 C 2 .  ? 8.014   -8.147  -10.380 1.00 47.03 ? 101 6O7 A C17   1 
HETATM 444 C  C16   . 6O7 C 2 .  ? 8.367   -9.284  -11.321 1.00 47.41 ? 101 6O7 A C16   1 
HETATM 445 C  C21   . 6O7 C 2 .  ? 5.881   -9.974  -11.310 1.00 44.08 ? 101 6O7 A C21   1 
HETATM 446 C  C1    . 6O7 C 2 .  ? 7.524   -11.311 -12.587 1.00 46.85 ? 101 6O7 A C1    1 
HETATM 447 O  O3    . 6O7 C 2 .  ? 7.585   -12.223 -11.492 1.00 50.95 ? 101 6O7 A O3    1 
HETATM 448 C  C15   . 6O7 C 2 .  ? 7.302   -13.571 -11.871 1.00 51.75 ? 101 6O7 A C15   1 
HETATM 449 C  C2    . 6O7 C 2 .  ? 8.819   -11.380 -13.329 1.00 45.93 ? 101 6O7 A C2    1 
HETATM 450 O  O2    . 6O7 C 2 .  ? 8.859   -11.015 -14.471 1.00 49.84 ? 101 6O7 A O2    1 
HETATM 451 C  C3    . 6O7 C 2 .  ? 11.161  -12.084 -13.340 1.00 59.15 ? 101 6O7 A C3    1 
HETATM 452 C  C13   . 6O7 C 2 .  ? 11.106  -13.224 -14.314 1.00 56.79 ? 101 6O7 A C13   1 
HETATM 453 O  O1    . 6O7 C 2 .  ? 11.722  -13.160 -15.350 1.00 63.46 ? 101 6O7 A O1    1 
HETATM 454 O  O     . 6O7 C 2 .  ? 10.305  -14.411 -14.047 1.00 61.74 ? 101 6O7 A O     1 
HETATM 455 C  C14   . 6O7 C 2 .  ? 10.876  -15.713 -14.177 1.00 62.92 ? 101 6O7 A C14   1 
HETATM 456 C  C4    . 6O7 C 2 .  ? 12.242  -12.360 -12.306 1.00 55.15 ? 101 6O7 A C4    1 
HETATM 457 C  C5    . 6O7 C 2 .  ? 12.404  -11.106 -11.481 1.00 59.83 ? 101 6O7 A C5    1 
HETATM 458 C  C10   . 6O7 C 2 .  ? 13.094  -10.023 -12.030 1.00 56.28 ? 101 6O7 A C10   1 
HETATM 459 C  C9    . 6O7 C 2 .  ? 13.239  -8.854  -11.294 1.00 56.65 ? 101 6O7 A C9    1 
HETATM 460 C  C8    . 6O7 C 2 .  ? 12.692  -8.766  -10.009 1.00 56.06 ? 101 6O7 A C8    1 
HETATM 461 C  C7    . 6O7 C 2 .  ? 11.998  -9.849  -9.455  1.00 55.93 ? 101 6O7 A C7    1 
HETATM 462 C  C6    . 6O7 C 2 .  ? 11.850  -11.025 -10.191 1.00 59.51 ? 101 6O7 A C6    1 
HETATM 463 O  O4    . 6O7 C 2 .  ? 4.904   -10.062 -12.352 1.00 41.29 ? 101 6O7 A O4    1 
HETATM 464 C  C22   . 6O7 C 2 .  ? 3.754   -10.797 -11.966 1.00 37.94 ? 101 6O7 A C22   1 
HETATM 465 O  O5    . 6O7 C 2 .  ? 4.040   -12.196 -11.824 1.00 35.62 ? 101 6O7 A O5    1 
HETATM 466 C  C26   . 6O7 C 2 .  ? 2.866   -12.915 -11.412 1.00 34.23 ? 101 6O7 A C26   1 
HETATM 467 C  C27   . 6O7 C 2 .  ? 3.306   -14.314 -11.025 1.00 33.28 ? 101 6O7 A C27   1 
HETATM 468 C  C25   . 6O7 C 2 .  ? 1.839   -12.818 -12.563 1.00 37.64 ? 101 6O7 A C25   1 
HETATM 469 O  O6    . 6O7 C 2 .  ? 0.710   -13.684 -12.338 1.00 38.91 ? 101 6O7 A O6    1 
HETATM 470 C  C24   . 6O7 C 2 .  ? 1.426   -11.328 -12.685 1.00 37.36 ? 101 6O7 A C24   1 
HETATM 471 C  C23   . 6O7 C 2 .  ? 2.690   -10.541 -12.996 1.00 35.13 ? 101 6O7 A C23   1 
HETATM 472 O  O7    . 6O7 C 2 .  ? 0.532   -11.020 -13.767 1.00 36.74 ? 101 6O7 A O7    1 
HETATM 473 C  C28   . 6O7 C 2 .  ? -0.857  -10.943 -13.518 1.00 34.88 ? 101 6O7 A C28   1 
HETATM 474 O  O8    . 6O7 C 2 .  ? -1.390  -12.281 -13.455 1.00 31.84 ? 101 6O7 A O8    1 
HETATM 475 C  C32   . 6O7 C 2 .  ? -2.748  -12.232 -13.074 1.00 33.46 ? 101 6O7 A C32   1 
HETATM 476 C  C33   . 6O7 C 2 .  ? -3.260  -13.666 -12.908 1.00 36.47 ? 101 6O7 A C33   1 
HETATM 477 C  C31   . 6O7 C 2 .  ? -3.555  -11.468 -14.121 1.00 32.47 ? 101 6O7 A C31   1 
HETATM 478 O  O9    . 6O7 C 2 .  ? -3.423  -12.114 -15.385 1.00 35.35 ? 101 6O7 A O9    1 
HETATM 479 C  C30   . 6O7 C 2 .  ? -3.060  -10.068 -14.360 1.00 34.27 ? 101 6O7 A C30   1 
HETATM 480 C  C29   . 6O7 C 2 .  ? -1.550  -10.125 -14.630 1.00 33.04 ? 101 6O7 A C29   1 
HETATM 481 O  O10   . 6O7 C 2 .  ? -3.805  -9.543  -15.474 1.00 38.11 ? 101 6O7 A O10   1 
HETATM 482 C  C34   . 6O7 C 2 .  ? -4.101  -8.159  -15.438 1.00 38.38 ? 101 6O7 A C34   1 
HETATM 483 O  O12   . 6O7 C 2 .  ? -5.303  -7.993  -14.692 1.00 39.00 ? 101 6O7 A O12   1 
HETATM 484 C  C38   . 6O7 C 2 .  ? -5.813  -6.658  -14.692 1.00 40.65 ? 101 6O7 A C38   1 
HETATM 485 C  C39   . 6O7 C 2 .  ? -7.106  -6.638  -13.892 1.00 40.01 ? 101 6O7 A C39   1 
HETATM 486 C  C37   . 6O7 C 2 .  ? -6.068  -6.127  -16.104 1.00 41.05 ? 101 6O7 A C37   1 
HETATM 487 O  O13   . 6O7 C 2 .  ? -6.433  -4.733  -16.072 1.00 41.62 ? 101 6O7 A O13   1 
HETATM 488 C  C36   . 6O7 C 2 .  ? -4.840  -6.274  -16.980 1.00 38.44 ? 101 6O7 A C36   1 
HETATM 489 C  C40   . 6O7 C 2 .  ? -5.196  -5.880  -18.401 1.00 37.98 ? 101 6O7 A C40   1 
HETATM 490 O  O11   . 6O7 C 2 .  ? -3.820  -5.449  -16.530 1.00 35.74 ? 101 6O7 A O11   1 
HETATM 491 C  C35   . 6O7 C 2 .  ? -4.265  -7.676  -16.874 1.00 40.21 ? 101 6O7 A C35   1 
HETATM 492 C  C     . 6O7 D 2 .  ? 2.455   -12.167 -6.441  1.00 36.99 ? 102 6O7 A C     1 
HETATM 493 N  N     . 6O7 D 2 .  ? 1.779   -15.511 -5.719  1.00 45.57 ? 102 6O7 A N     1 
HETATM 494 O  O14   . 6O7 D 2 .  ? 3.449   -8.983  -7.861  1.00 32.67 ? 102 6O7 A O14   1 
HETATM 495 C  C20   . 6O7 D 2 .  ? 2.872   -10.092 -7.831  1.00 34.54 ? 102 6O7 A C20   1 
HETATM 496 C  C19   . 6O7 D 2 .  ? 1.488   -10.204 -8.419  1.00 32.77 ? 102 6O7 A C19   1 
HETATM 497 C  C41   . 6O7 D 2 .  ? 0.989   -9.194  -9.212  1.00 31.67 ? 102 6O7 A C41   1 
HETATM 498 O  O15   . 6O7 D 2 .  ? 1.750   -8.123  -9.547  1.00 34.60 ? 102 6O7 A O15   1 
HETATM 499 C  C42   . 6O7 D 2 .  ? -0.293  -9.230  -9.708  1.00 32.16 ? 102 6O7 A C42   1 
HETATM 500 C  C60   . 6O7 D 2 .  ? -0.737  -8.209  -10.532 1.00 33.00 ? 102 6O7 A C60   1 
HETATM 501 O  O23   . 6O7 D 2 .  ? 0.063   -7.141  -10.840 1.00 33.49 ? 102 6O7 A O23   1 
HETATM 502 C  C58   . 6O7 D 2 .  ? -2.010  -8.249  -11.059 1.00 38.56 ? 102 6O7 A C58   1 
HETATM 503 C  C59   . 6O7 D 2 .  ? -2.470  -7.096  -11.933 1.00 40.44 ? 102 6O7 A C59   1 
HETATM 504 C  C45   . 6O7 D 2 .  ? -2.852  -9.297  -10.745 1.00 36.20 ? 102 6O7 A C45   1 
HETATM 505 O  O16   . 6O7 D 2 .  ? -4.131  -9.274  -11.239 1.00 40.91 ? 102 6O7 A O16   1 
HETATM 506 C  C46   . 6O7 D 2 .  ? -5.202  -9.910  -10.507 1.00 39.08 ? 102 6O7 A C46   1 
HETATM 507 O  O17   . 6O7 D 2 .  ? -5.309  -11.242 -11.003 1.00 39.66 ? 102 6O7 A O17   1 
HETATM 508 C  C50   . 6O7 D 2 .  ? -6.235  -11.991 -10.194 1.00 47.42 ? 102 6O7 A C50   1 
HETATM 509 C  C51   . 6O7 D 2 .  ? -6.147  -13.487 -10.454 1.00 47.95 ? 102 6O7 A C51   1 
HETATM 510 C  C49   . 6O7 D 2 .  ? -7.627  -11.462 -10.494 1.00 46.22 ? 102 6O7 A C49   1 
HETATM 511 O  O18   . 6O7 D 2 .  ? -8.575  -12.157 -9.722  1.00 44.71 ? 102 6O7 A O18   1 
HETATM 512 C  C48   . 6O7 D 2 .  ? -7.698  -9.992  -10.094 1.00 47.68 ? 102 6O7 A C48   1 
HETATM 513 O  O19   . 6O7 D 2 .  ? -8.974  -9.488  -10.496 1.00 50.34 ? 102 6O7 A O19   1 
HETATM 514 C  C52   . 6O7 D 2 .  ? -9.474  -8.535  -9.548  1.00 47.87 ? 102 6O7 A C52   1 
HETATM 515 O  O20   . 6O7 D 2 .  ? -9.892  -9.258  -8.391  1.00 47.71 ? 102 6O7 A O20   1 
HETATM 516 C  C56   . 6O7 D 2 .  ? -10.376 -8.413  -7.336  1.00 53.20 ? 102 6O7 A C56   1 
HETATM 517 C  C57   . 6O7 D 2 .  ? -10.972 -9.278  -6.215  1.00 51.05 ? 102 6O7 A C57   1 
HETATM 518 C  C55   . 6O7 D 2 .  ? -11.425 -7.372  -7.793  1.00 48.13 ? 102 6O7 A C55   1 
HETATM 519 O  O21   . 6O7 D 2 .  ? -11.385 -6.338  -6.801  1.00 51.32 ? 102 6O7 A O21   1 
HETATM 520 C  C54   . 6O7 D 2 .  ? -11.125 -6.696  -9.124  1.00 46.87 ? 102 6O7 A C54   1 
HETATM 521 O  O22   . 6O7 D 2 .  ? -12.285 -5.950  -9.567  1.00 43.49 ? 102 6O7 A O22   1 
HETATM 522 C  C53   . 6O7 D 2 .  ? -10.611 -7.700  -10.163 1.00 44.15 ? 102 6O7 A C53   1 
HETATM 523 C  C47   . 6O7 D 2 .  ? -6.549  -9.186  -10.688 1.00 42.07 ? 102 6O7 A C47   1 
HETATM 524 C  C44   . 6O7 D 2 .  ? -2.399  -10.351 -9.941  1.00 33.69 ? 102 6O7 A C44   1 
HETATM 525 C  C43   . 6O7 D 2 .  ? -1.107  -10.319 -9.417  1.00 35.36 ? 102 6O7 A C43   1 
HETATM 526 C  C18   . 6O7 D 2 .  ? -0.625  -11.334 -8.582  1.00 31.96 ? 102 6O7 A C18   1 
HETATM 527 C  C17   . 6O7 D 2 .  ? 0.665   -11.276 -8.077  1.00 34.40 ? 102 6O7 A C17   1 
HETATM 528 C  C16   . 6O7 D 2 .  ? 1.155   -12.433 -7.212  1.00 35.28 ? 102 6O7 A C16   1 
HETATM 529 C  C21   . 6O7 D 2 .  ? 3.488   -11.277 -7.109  1.00 35.31 ? 102 6O7 A C21   1 
HETATM 530 C  C1    . 6O7 D 2 .  ? 3.131   -13.459 -5.933  1.00 39.94 ? 102 6O7 A C1    1 
HETATM 531 O  O3    . 6O7 D 2 .  ? 3.745   -14.160 -7.006  1.00 39.06 ? 102 6O7 A O3    1 
HETATM 532 C  C15   . 6O7 D 2 .  ? 5.106   -14.500 -6.776  1.00 41.49 ? 102 6O7 A C15   1 
HETATM 533 C  C2    . 6O7 D 2 .  ? 2.107   -14.313 -5.238  1.00 43.12 ? 102 6O7 A C2    1 
HETATM 534 O  O2    . 6O7 D 2 .  ? 1.585   -13.866 -4.241  1.00 47.52 ? 102 6O7 A O2    1 
HETATM 535 C  C3    . 6O7 D 2 .  ? 0.712   -16.302 -5.090  1.00 47.27 ? 102 6O7 A C3    1 
HETATM 536 C  C13   . 6O7 D 2 .  ? 1.222   -17.119 -3.935  1.00 48.21 ? 102 6O7 A C13   1 
HETATM 537 O  O1    . 6O7 D 2 .  ? 0.574   -17.259 -2.916  1.00 50.78 ? 102 6O7 A O1    1 
HETATM 538 O  O     . 6O7 D 2 .  ? 2.515   -17.780 -4.003  1.00 52.89 ? 102 6O7 A O     1 
HETATM 539 C  C14   . 6O7 D 2 .  ? 3.722   -17.044 -3.736  1.00 56.23 ? 102 6O7 A C14   1 
HETATM 540 C  C4    . 6O7 D 2 .  ? 0.051   -17.244 -6.094  1.00 45.24 ? 102 6O7 A C4    1 
HETATM 541 C  C5    . 6O7 D 2 .  ? -0.727  -16.497 -7.173  1.00 46.22 ? 102 6O7 A C5    1 
HETATM 542 C  C10   . 6O7 D 2 .  ? -0.077  -15.772 -8.188  1.00 47.35 ? 102 6O7 A C10   1 
HETATM 543 C  C9    . 6O7 D 2 .  ? -0.809  -15.100 -9.180  1.00 46.07 ? 102 6O7 A C9    1 
HETATM 544 C  C8    . 6O7 D 2 .  ? -2.193  -15.152 -9.186  1.00 43.18 ? 102 6O7 A C8    1 
HETATM 545 C  C7    . 6O7 D 2 .  ? -2.853  -15.868 -8.184  1.00 50.38 ? 102 6O7 A C7    1 
HETATM 546 C  C6    . 6O7 D 2 .  ? -2.125  -16.542 -7.185  1.00 50.33 ? 102 6O7 A C6    1 
HETATM 547 O  O4    . 6O7 D 2 .  ? 4.393   -10.915 -6.024  1.00 34.93 ? 102 6O7 A O4    1 
HETATM 548 C  C22   . 6O7 D 2 .  ? 5.665   -10.410 -6.447  1.00 39.27 ? 102 6O7 A C22   1 
HETATM 549 O  O5    . 6O7 D 2 .  ? 6.524   -11.496 -6.822  1.00 40.95 ? 102 6O7 A O5    1 
HETATM 550 C  C26   . 6O7 D 2 .  ? 7.837   -11.092 -7.246  1.00 46.51 ? 102 6O7 A C26   1 
HETATM 551 C  C27   . 6O7 D 2 .  ? 8.682   -12.355 -7.503  1.00 46.37 ? 102 6O7 A C27   1 
HETATM 552 C  C25   . 6O7 D 2 .  ? 8.525   -10.186 -6.216  1.00 43.60 ? 102 6O7 A C25   1 
HETATM 553 O  O6    . 6O7 D 2 .  ? 9.760   -9.731  -6.786  1.00 44.74 ? 102 6O7 A O6    1 
HETATM 554 C  C24   . 6O7 D 2 .  ? 7.643   -9.010  -5.798  1.00 39.74 ? 102 6O7 A C24   1 
HETATM 555 C  C23   . 6O7 D 2 .  ? 6.282   -9.546  -5.338  1.00 39.58 ? 102 6O7 A C23   1 
HETATM 556 O  O7    . 6O7 D 2 .  ? 8.245   -8.288  -4.726  1.00 43.64 ? 102 6O7 A O7    1 
HETATM 557 C  C28   . 6O7 D 2 .  ? 9.200   -7.258  -5.078  1.00 48.10 ? 102 6O7 A C28   1 
HETATM 558 O  O8    . 6O7 D 2 .  ? 10.527  -7.806  -5.121  1.00 49.90 ? 102 6O7 A O8    1 
HETATM 559 C  C32   . 6O7 D 2 .  ? 11.540  -6.856  -5.423  1.00 55.48 ? 102 6O7 A C32   1 
HETATM 560 C  C33   . 6O7 D 2 .  ? 12.856  -7.555  -5.762  1.00 56.11 ? 102 6O7 A C33   1 
HETATM 561 C  C31   . 6O7 D 2 .  ? 11.630  -5.972  -4.187  1.00 54.42 ? 102 6O7 A C31   1 
HETATM 562 O  O9    . 6O7 D 2 .  ? 11.793  -6.803  -3.029  1.00 51.29 ? 102 6O7 A O9    1 
HETATM 563 C  C30   . 6O7 D 2 .  ? 10.321  -5.206  -4.074  1.00 52.99 ? 102 6O7 A C30   1 
HETATM 564 C  C29   . 6O7 D 2 .  ? 9.129   -6.161  -4.027  1.00 49.23 ? 102 6O7 A C29   1 
HETATM 565 O  O10   . 6O7 D 2 .  ? 10.347  -4.427  -2.879  1.00 50.77 ? 102 6O7 A O10   1 
HETATM 566 C  C34   . 6O7 D 2 .  ? 9.567   -3.240  -2.987  1.00 48.14 ? 102 6O7 A C34   1 
HETATM 567 O  O12   . 6O7 D 2 .  ? 10.326  -2.280  -3.736  1.00 53.59 ? 102 6O7 A O12   1 
HETATM 568 C  C38   . 6O7 D 2 .  ? 9.648   -1.026  -3.895  1.00 55.14 ? 102 6O7 A C38   1 
HETATM 569 C  C39   . 6O7 D 2 .  ? 10.487  -0.093  -4.769  1.00 58.96 ? 102 6O7 A C39   1 
HETATM 570 C  C37   . 6O7 D 2 .  ? 9.343   -0.429  -2.525  1.00 48.76 ? 102 6O7 A C37   1 
HETATM 571 O  O13   . 6O7 D 2 .  ? 8.656   0.806   -2.731  1.00 44.79 ? 102 6O7 A O13   1 
HETATM 572 C  C36   . 6O7 D 2 .  ? 8.484   -1.396  -1.701  1.00 49.83 ? 102 6O7 A C36   1 
HETATM 573 C  C40   . 6O7 D 2 .  ? 8.160   -0.866  -0.308  1.00 46.90 ? 102 6O7 A C40   1 
HETATM 574 O  O11   . 6O7 D 2 .  ? 7.216   -1.612  -2.350  1.00 49.80 ? 102 6O7 A O11   1 
HETATM 575 C  C35   . 6O7 D 2 .  ? 9.243   -2.709  -1.599  1.00 45.53 ? 102 6O7 A C35   1 
HETATM 576 C  C     . 6O7 E 2 .  ? 0.016   11.175  11.410  1.00 38.26 ? 103 6O7 A C     1 
HETATM 577 N  N     . 6O7 E 2 .  ? 1.875   13.919  12.468  1.00 40.20 ? 103 6O7 A N     1 
HETATM 578 O  O14   . 6O7 E 2 .  ? -1.807  8.765   9.516   1.00 39.04 ? 103 6O7 A O14   1 
HETATM 579 C  C20   . 6O7 E 2 .  ? -0.879  9.583   9.679   1.00 37.61 ? 103 6O7 A C20   1 
HETATM 580 C  C19   . 6O7 E 2 .  ? 0.539   9.244   9.268   1.00 35.61 ? 103 6O7 A C19   1 
HETATM 581 C  C41   . 6O7 E 2 .  ? 0.858   8.219   8.375   1.00 38.89 ? 103 6O7 A C41   1 
HETATM 582 O  O15   . 6O7 E 2 .  ? -0.122  7.479   7.814   1.00 44.73 ? 103 6O7 A O15   1 
HETATM 583 C  C42   . 6O7 E 2 .  ? 2.176   7.909   8.015   1.00 40.11 ? 103 6O7 A C42   1 
HETATM 584 C  C60   . 6O7 E 2 .  ? 2.470   6.871   7.107   1.00 39.93 ? 103 6O7 A C60   1 
HETATM 585 O  O23   . 6O7 E 2 .  ? 1.481   6.142   6.504   1.00 36.11 ? 103 6O7 A O23   1 
HETATM 586 C  C58   . 6O7 E 2 .  ? 3.790   6.579   6.788   1.00 39.73 ? 103 6O7 A C58   1 
HETATM 587 C  C59   . 6O7 E 2 .  ? 4.068   5.447   5.830   1.00 38.92 ? 103 6O7 A C59   1 
HETATM 588 C  C45   . 6O7 E 2 .  ? 4.834   7.290   7.386   1.00 39.30 ? 103 6O7 A C45   1 
HETATM 589 O  O16   . 6O7 E 2 .  ? 6.134   6.964   7.088   1.00 45.32 ? 103 6O7 A O16   1 
HETATM 590 C  C46   . 6O7 E 2 .  ? 7.219   7.172   8.008   1.00 46.75 ? 103 6O7 A C46   1 
HETATM 591 O  O17   . 6O7 E 2 .  ? 7.847   8.440   7.761   1.00 45.10 ? 103 6O7 A O17   1 
HETATM 592 C  C50   . 6O7 E 2 .  ? 8.808   8.813   8.744   1.00 46.44 ? 103 6O7 A C50   1 
HETATM 593 C  C51   . 6O7 E 2 .  ? 9.445   10.161  8.373   1.00 43.80 ? 103 6O7 A C51   1 
HETATM 594 C  C49   . 6O7 E 2 .  ? 9.901   7.757   8.913   1.00 47.37 ? 103 6O7 A C49   1 
HETATM 595 O  O18   . 6O7 E 2 .  ? 10.515  8.083   10.162  1.00 45.05 ? 103 6O7 A O18   1 
HETATM 596 C  C48   . 6O7 E 2 .  ? 9.379   6.308   8.895   1.00 49.57 ? 103 6O7 A C48   1 
HETATM 597 O  O19   . 6O7 E 2 .  ? 10.434  5.390   8.586   1.00 50.57 ? 103 6O7 A O19   1 
HETATM 598 C  C52   . 6O7 E 2 .  ? 10.509  4.261   9.447   1.00 51.95 ? 103 6O7 A C52   1 
HETATM 599 O  O20   . 6O7 E 2 .  ? 11.055  4.714   10.665  1.00 49.46 ? 103 6O7 A O20   1 
HETATM 600 C  C56   . 6O7 E 2 .  ? 10.996  3.744   11.708  1.00 55.65 ? 103 6O7 A C56   1 
HETATM 601 C  C57   . 6O7 E 2 .  ? 11.561  4.365   12.994  1.00 56.44 ? 103 6O7 A C57   1 
HETATM 602 C  C55   . 6O7 E 2 .  ? 11.775  2.492   11.312  1.00 55.52 ? 103 6O7 A C55   1 
HETATM 603 O  O21   . 6O7 E 2 .  ? 11.517  1.453   12.267  1.00 55.79 ? 103 6O7 A O21   1 
HETATM 604 C  C54   . 6O7 E 2 .  ? 11.402  1.982   9.921   1.00 55.57 ? 103 6O7 A C54   1 
HETATM 605 O  O22   . 6O7 E 2 .  ? 12.353  0.957   9.601   1.00 55.40 ? 103 6O7 A O22   1 
HETATM 606 C  C53   . 6O7 E 2 .  ? 11.383  3.126   8.897   1.00 51.83 ? 103 6O7 A C53   1 
HETATM 607 C  C47   . 6O7 E 2 .  ? 8.290   6.112   7.838   1.00 47.98 ? 103 6O7 A C47   1 
HETATM 608 C  C44   . 6O7 E 2 .  ? 4.548   8.319   8.287   1.00 40.43 ? 103 6O7 A C44   1 
HETATM 609 C  C43   . 6O7 E 2 .  ? 3.226   8.626   8.598   1.00 41.63 ? 103 6O7 A C43   1 
HETATM 610 C  C18   . 6O7 E 2 .  ? 2.930   9.658   9.488   1.00 40.99 ? 103 6O7 A C18   1 
HETATM 611 C  C17   . 6O7 E 2 .  ? 1.603   9.947   9.831   1.00 37.96 ? 103 6O7 A C17   1 
HETATM 612 C  C16   . 6O7 E 2 .  ? 1.407   11.081  10.794  1.00 37.22 ? 103 6O7 A C16   1 
HETATM 613 C  C21   . 6O7 E 2 .  ? -1.134  10.889  10.422  1.00 39.38 ? 103 6O7 A C21   1 
HETATM 614 C  C1    . 6O7 E 2 .  ? -0.145  12.545  12.090  1.00 39.92 ? 103 6O7 A C1    1 
HETATM 615 O  O3    . 6O7 E 2 .  ? -0.400  13.544  11.116  1.00 39.00 ? 103 6O7 A O3    1 
HETATM 616 C  C15   . 6O7 E 2 .  ? -1.309  14.509  11.660  1.00 41.79 ? 103 6O7 A C15   1 
HETATM 617 C  C2    . 6O7 E 2 .  ? 1.063   12.945  12.909  1.00 40.44 ? 103 6O7 A C2    1 
HETATM 618 O  O2    . 6O7 E 2 .  ? 1.258   12.361  13.953  1.00 43.36 ? 103 6O7 A O2    1 
HETATM 619 C  C3    . 6O7 E 2 .  ? 3.025   14.374  13.265  1.00 40.75 ? 103 6O7 A C3    1 
HETATM 620 C  C13   . 6O7 E 2 .  ? 2.589   15.292  14.329  1.00 40.25 ? 103 6O7 A C13   1 
HETATM 621 O  O1    . 6O7 E 2 .  ? 1.417   15.495  14.531  1.00 46.99 ? 103 6O7 A O1    1 
HETATM 622 O  O     . 6O7 E 2 .  ? 3.550   15.990  15.156  1.00 49.74 ? 103 6O7 A O     1 
HETATM 623 C  C14   . 6O7 E 2 .  ? 3.133   17.356  15.458  1.00 58.15 ? 103 6O7 A C14   1 
HETATM 624 C  C4    . 6O7 E 2 .  ? 4.073   15.142  12.489  1.00 35.07 ? 103 6O7 A C4    1 
HETATM 625 C  C5    . 6O7 E 2 .  ? 4.615   14.249  11.432  1.00 36.12 ? 103 6O7 A C5    1 
HETATM 626 C  C10   . 6O7 E 2 .  ? 4.098   14.334  10.146  1.00 32.26 ? 103 6O7 A C10   1 
HETATM 627 C  C9    . 6O7 E 2 .  ? 4.623   13.519  9.162   1.00 31.96 ? 103 6O7 A C9    1 
HETATM 628 C  C8    . 6O7 E 2 .  ? 5.632   12.593  9.475   1.00 32.85 ? 103 6O7 A C8    1 
HETATM 629 C  C7    . 6O7 E 2 .  ? 6.144   12.500  10.758  1.00 33.06 ? 103 6O7 A C7    1 
HETATM 630 C  C6    . 6O7 E 2 .  ? 5.648   13.335  11.755  1.00 36.41 ? 103 6O7 A C6    1 
HETATM 631 O  O4    . 6O7 E 2 .  ? -2.324  10.851  11.224  1.00 36.15 ? 103 6O7 A O4    1 
HETATM 632 C  C22   . 6O7 E 2 .  ? -3.536  11.029  10.514  1.00 40.10 ? 103 6O7 A C22   1 
HETATM 633 O  O5    . 6O7 E 2 .  ? -3.974  12.374  10.620  1.00 42.02 ? 103 6O7 A O5    1 
HETATM 634 C  C26   . 6O7 E 2 .  ? -5.112  12.576  9.772   1.00 40.95 ? 103 6O7 A C26   1 
HETATM 635 C  C27   . 6O7 E 2 .  ? -5.304  14.066  9.475   1.00 38.26 ? 103 6O7 A C27   1 
HETATM 636 C  C25   . 6O7 E 2 .  ? -6.267  11.950  10.545  1.00 38.81 ? 103 6O7 A C25   1 
HETATM 637 O  O6    . 6O7 E 2 .  ? -7.476  12.152  9.807   1.00 37.58 ? 103 6O7 A O6    1 
HETATM 638 C  C24   . 6O7 E 2 .  ? -6.022  10.460  10.740  1.00 37.52 ? 103 6O7 A C24   1 
HETATM 639 C  C23   . 6O7 E 2 .  ? -4.593  10.102  11.120  1.00 41.38 ? 103 6O7 A C23   1 
HETATM 640 O  O7    . 6O7 E 2 .  ? -6.882  9.966   11.767  1.00 36.19 ? 103 6O7 A O7    1 
HETATM 641 C  C28   . 6O7 E 2 .  ? -8.035  9.351   11.229  1.00 37.26 ? 103 6O7 A C28   1 
HETATM 642 O  O8    . 6O7 E 2 .  ? -8.917  10.383  10.793  1.00 40.28 ? 103 6O7 A O8    1 
HETATM 643 C  C32   . 6O7 E 2 .  ? -10.097 9.844   10.188  1.00 44.38 ? 103 6O7 A C32   1 
HETATM 644 C  C33   . 6O7 E 2 .  ? -10.952 11.001  9.678   1.00 43.70 ? 103 6O7 A C33   1 
HETATM 645 C  C31   . 6O7 E 2 .  ? -10.852 8.948   11.172  1.00 39.32 ? 103 6O7 A C31   1 
HETATM 646 O  O9    . 6O7 E 2 .  ? -11.219 9.742   12.295  1.00 42.23 ? 103 6O7 A O9    1 
HETATM 647 C  C30   . 6O7 E 2 .  ? -9.959  7.853   11.704  1.00 41.00 ? 103 6O7 A C30   1 
HETATM 648 C  C29   . 6O7 E 2 .  ? -8.676  8.462   12.275  1.00 38.74 ? 103 6O7 A C29   1 
HETATM 649 O  O10   . 6O7 E 2 .  ? -10.651 7.145   12.736  1.00 42.48 ? 103 6O7 A O10   1 
HETATM 650 C  C34   . 6O7 E 2 .  ? -10.559 5.728   12.701  1.00 38.52 ? 103 6O7 A C34   1 
HETATM 651 O  O12   . 6O7 E 2 .  ? -11.348 5.204   11.628  1.00 45.23 ? 103 6O7 A O12   1 
HETATM 652 C  C38   . 6O7 E 2 .  ? -11.181 3.787   11.489  1.00 41.98 ? 103 6O7 A C38   1 
HETATM 653 C  C39   . 6O7 E 2 .  ? -11.879 3.357   10.213  1.00 43.30 ? 103 6O7 A C39   1 
HETATM 654 C  C37   . 6O7 E 2 .  ? -11.759 3.121   12.739  1.00 41.27 ? 103 6O7 A C37   1 
HETATM 655 O  O13   . 6O7 E 2 .  ? -11.615 1.702   12.670  1.00 44.54 ? 103 6O7 A O13   1 
HETATM 656 C  C36   . 6O7 E 2 .  ? -11.080 3.638   14.003  1.00 40.29 ? 103 6O7 A C36   1 
HETATM 657 C  C40   . 6O7 E 2 .  ? -11.792 3.083   15.240  1.00 42.96 ? 103 6O7 A C40   1 
HETATM 658 O  O11   . 6O7 E 2 .  ? -9.719  3.181   14.054  1.00 36.67 ? 103 6O7 A O11   1 
HETATM 659 C  C35   . 6O7 E 2 .  ? -11.123 5.165   13.989  1.00 37.79 ? 103 6O7 A C35   1 
HETATM 660 ZN ZN    . ZN  F 3 .  ? 3.371   -7.267  -8.880  1.00 37.56 ? 104 ZN  A ZN    1 
HETATM 661 ZN ZN    . ZN  G 3 .  ? -3.202  -1.219  -6.078  0.80 65.92 ? 105 ZN  A ZN    1 
HETATM 662 ZN ZN    . ZN  H 3 .  ? -2.053  7.335   8.128   1.00 41.69 ? 106 ZN  A ZN    1 
HETATM 663 ZN ZN    . ZN  I 3 .  ? 1.966   -4.228  3.443   0.20 26.78 ? 107 ZN  A ZN    1 
HETATM 664 ZN ZN    . ZN  J 3 .  ? -4.602  1.466   -10.606 0.20 36.06 ? 108 ZN  A ZN    1 
HETATM 665 C  C     . 6O7 K 2 .  ? -4.024  11.487  4.942   1.00 43.84 ? 101 6O7 B C     1 
HETATM 666 N  N     . 6O7 K 2 .  ? -5.546  13.654  2.837   1.00 49.72 ? 101 6O7 B N     1 
HETATM 667 O  O14   . 6O7 K 2 .  ? -2.288  8.914   6.905   1.00 38.69 ? 101 6O7 B O14   1 
HETATM 668 C  C20   . 6O7 K 2 .  ? -3.219  9.726   6.643   1.00 40.53 ? 101 6O7 B C20   1 
HETATM 669 C  C19   . 6O7 K 2 .  ? -4.654  9.337   6.863   1.00 37.07 ? 101 6O7 B C19   1 
HETATM 670 C  C41   . 6O7 K 2 .  ? -4.988  8.171   7.562   1.00 38.81 ? 101 6O7 B C41   1 
HETATM 671 O  O15   . 6O7 K 2 .  ? -4.025  7.406   8.163   1.00 35.06 ? 101 6O7 B O15   1 
HETATM 672 C  C42   . 6O7 K 2 .  ? -6.325  7.787   7.703   1.00 42.75 ? 101 6O7 B C42   1 
HETATM 673 C  C60   . 6O7 K 2 .  ? -6.684  6.635   8.407   1.00 39.98 ? 101 6O7 B C60   1 
HETATM 674 O  O23   . 6O7 K 2 .  ? -5.707  5.891   8.973   1.00 45.35 ? 101 6O7 B O23   1 
HETATM 675 C  C58   . 6O7 K 2 .  ? -8.000  6.253   8.512   1.00 43.91 ? 101 6O7 B C58   1 
HETATM 676 C  C59   . 6O7 K 2 .  ? -8.401  5.019   9.279   1.00 47.98 ? 101 6O7 B C59   1 
HETATM 677 C  C45   . 6O7 K 2 .  ? -9.000  7.024   7.939   1.00 43.95 ? 101 6O7 B C45   1 
HETATM 678 O  O16   . 6O7 K 2 .  ? -10.308 6.633   8.084   1.00 43.60 ? 101 6O7 B O16   1 
HETATM 679 C  C46   . 6O7 K 2 .  ? -11.217 6.847   7.006   1.00 46.36 ? 101 6O7 B C46   1 
HETATM 680 O  O17   . 6O7 K 2 .  ? -11.863 8.100   7.259   1.00 44.70 ? 101 6O7 B O17   1 
HETATM 681 C  C50   . 6O7 K 2 .  ? -13.001 8.433   6.493   1.00 46.90 ? 101 6O7 B C50   1 
HETATM 682 C  C51   . 6O7 K 2 .  ? -13.637 9.659   7.149   1.00 43.97 ? 101 6O7 B C51   1 
HETATM 683 C  C49   . 6O7 K 2 .  ? -14.007 7.289   6.453   1.00 48.98 ? 101 6O7 B C49   1 
HETATM 684 O  O18   . 6O7 K 2 .  ? -14.983 7.624   5.471   1.00 49.67 ? 101 6O7 B O18   1 
HETATM 685 C  C48   . 6O7 K 2 .  ? -13.368 5.962   6.087   1.00 49.60 ? 101 6O7 B C48   1 
HETATM 686 O  O19   . 6O7 K 2 .  ? -14.326 4.940   6.331   1.00 50.77 ? 101 6O7 B O19   1 
HETATM 687 C  C52   . 6O7 K 2 .  ? -14.823 4.121   5.263   1.00 50.44 ? 101 6O7 B C52   1 
HETATM 688 O  O20   . 6O7 K 2 .  ? -15.073 2.810   5.805   1.00 55.70 ? 101 6O7 B O20   1 
HETATM 689 C  C56   . 6O7 K 2 .  ? -15.773 1.953   4.883   1.00 51.67 ? 101 6O7 B C56   1 
HETATM 690 C  C57   . 6O7 K 2 .  ? -16.340 0.717   5.570   1.00 52.58 ? 101 6O7 B C57   1 
HETATM 691 C  C55   . 6O7 K 2 .  ? -14.785 1.641   3.776   1.00 48.10 ? 101 6O7 B C55   1 
HETATM 692 O  O21   . 6O7 K 2 .  ? -15.323 0.640   2.923   1.00 47.62 ? 101 6O7 B O21   1 
HETATM 693 C  C54   . 6O7 K 2 .  ? -14.526 2.969   3.049   1.00 48.08 ? 101 6O7 B C54   1 
HETATM 694 O  O22   . 6O7 K 2 .  ? -13.654 2.765   1.926   1.00 47.13 ? 101 6O7 B O22   1 
HETATM 695 C  C53   . 6O7 K 2 .  ? -13.940 4.003   4.029   1.00 47.30 ? 101 6O7 B C53   1 
HETATM 696 C  C47   . 6O7 K 2 .  ? -12.152 5.659   6.951   1.00 47.23 ? 101 6O7 B C47   1 
HETATM 697 C  C44   . 6O7 K 2 .  ? -8.667  8.172   7.235   1.00 41.87 ? 101 6O7 B C44   1 
HETATM 698 C  C43   . 6O7 K 2 .  ? -7.330  8.559   7.123   1.00 43.86 ? 101 6O7 B C43   1 
HETATM 699 C  C18   . 6O7 K 2 .  ? -6.992  9.701   6.424   1.00 40.61 ? 101 6O7 B C18   1 
HETATM 700 C  C17   . 6O7 K 2 .  ? -5.661  10.084  6.279   1.00 40.55 ? 101 6O7 B C17   1 
HETATM 701 C  C16   . 6O7 K 2 .  ? -5.428  11.363  5.493   1.00 40.52 ? 101 6O7 B C16   1 
HETATM 702 C  C21   . 6O7 K 2 .  ? -2.919  11.015  5.913   1.00 42.57 ? 101 6O7 B C21   1 
HETATM 703 C  C1    . 6O7 K 2 .  ? -3.729  12.878  4.317   1.00 46.27 ? 101 6O7 B C1    1 
HETATM 704 O  O3    . 6O7 K 2 .  ? -2.913  13.652  5.217   1.00 49.30 ? 101 6O7 B O3    1 
HETATM 705 C  C15   . 6O7 K 2 .  ? -3.514  14.154  6.414   1.00 46.07 ? 101 6O7 B C15   1 
HETATM 706 C  C2    . 6O7 K 2 .  ? -4.876  13.777  3.954   1.00 48.26 ? 101 6O7 B C2    1 
HETATM 707 O  O2    . 6O7 K 2 .  ? -5.166  14.680  4.692   1.00 56.59 ? 101 6O7 B O2    1 
HETATM 708 C  C3    . 6O7 K 2 .  ? -6.608  14.602  2.476   1.00 53.12 ? 101 6O7 B C3    1 
HETATM 709 C  C13   . 6O7 K 2 .  ? -6.028  15.832  1.853   1.00 50.94 ? 101 6O7 B C13   1 
HETATM 710 O  O1    . 6O7 K 2 .  ? -5.108  16.409  2.409   1.00 52.30 ? 101 6O7 B O1    1 
HETATM 711 O  O     . 6O7 K 2 .  ? -6.562  16.345  0.602   1.00 50.88 ? 101 6O7 B O     1 
HETATM 712 C  C14   . 6O7 K 2 .  ? -5.971  15.949  -0.636  1.00 52.03 ? 101 6O7 B C14   1 
HETATM 713 C  C4    . 6O7 K 2 .  ? -7.508  15.182  3.573   1.00 50.63 ? 101 6O7 B C4    1 
HETATM 714 C  C5    . 6O7 K 2 .  ? -8.295  14.214  4.413   1.00 51.87 ? 101 6O7 B C5    1 
HETATM 715 C  C10   . 6O7 K 2 .  ? -9.322  13.464  3.847   1.00 55.79 ? 101 6O7 B C10   1 
HETATM 716 C  C9    . 6O7 K 2 .  ? -10.063 12.601  4.641   1.00 53.22 ? 101 6O7 B C9    1 
HETATM 717 C  C8    . 6O7 K 2 .  ? -9.791  12.504  6.000   1.00 51.49 ? 101 6O7 B C8    1 
HETATM 718 C  C7    . 6O7 K 2 .  ? -8.790  13.259  6.570   1.00 50.37 ? 101 6O7 B C7    1 
HETATM 719 C  C6    . 6O7 K 2 .  ? -8.041  14.117  5.775   1.00 52.84 ? 101 6O7 B C6    1 
HETATM 720 O  O4    . 6O7 K 2 .  ? -1.788  10.845  5.058   1.00 42.38 ? 101 6O7 B O4    1 
HETATM 721 C  C22   . 6O7 K 2 .  ? -0.502  11.024  5.655   1.00 48.62 ? 101 6O7 B C22   1 
HETATM 722 O  O5    . 6O7 K 2 .  ? -0.217  12.413  5.727   1.00 49.64 ? 101 6O7 B O5    1 
HETATM 723 C  C26   . 6O7 K 2 .  ? 1.099   12.658  6.203   1.00 51.18 ? 101 6O7 B C26   1 
HETATM 724 C  C27   . 6O7 K 2 .  ? 1.236   14.178  6.297   1.00 53.76 ? 101 6O7 B C27   1 
HETATM 725 C  C25   . 6O7 K 2 .  ? 2.168   12.053  5.292   1.00 46.85 ? 101 6O7 B C25   1 
HETATM 726 O  O6    . 6O7 K 2 .  ? 3.464   12.361  5.828   1.00 49.23 ? 101 6O7 B O6    1 
HETATM 727 C  C24   . 6O7 K 2 .  ? 1.959   10.549  5.170   1.00 45.23 ? 101 6O7 B C24   1 
HETATM 728 C  C23   . 6O7 K 2 .  ? 0.517   10.323  4.758   1.00 45.59 ? 101 6O7 B C23   1 
HETATM 729 O  O7    . 6O7 K 2 .  ? 2.762   9.895   4.153   1.00 43.78 ? 101 6O7 B O7    1 
HETATM 730 C  C28   . 6O7 K 2 .  ? 4.074   9.484   4.522   1.00 41.54 ? 101 6O7 B C28   1 
HETATM 731 O  O8    . 6O7 K 2 .  ? 4.934   10.600  4.760   1.00 40.17 ? 101 6O7 B O8    1 
HETATM 732 C  C32   . 6O7 K 2 .  ? 6.226   10.206  5.253   1.00 45.43 ? 101 6O7 B C32   1 
HETATM 733 C  C33   . 6O7 K 2 .  ? 7.086   11.454  5.507   1.00 45.05 ? 101 6O7 B C33   1 
HETATM 734 C  C31   . 6O7 K 2 .  ? 6.947   9.276   4.270   1.00 45.82 ? 101 6O7 B C31   1 
HETATM 735 O  O9    . 6O7 K 2 .  ? 7.331   10.089  3.149   1.00 46.36 ? 101 6O7 B O9    1 
HETATM 736 C  C30   . 6O7 K 2 .  ? 6.056   8.119   3.816   1.00 45.25 ? 101 6O7 B C30   1 
HETATM 737 C  C29   . 6O7 K 2 .  ? 4.683   8.647   3.394   1.00 44.51 ? 101 6O7 B C29   1 
HETATM 738 O  O10   . 6O7 K 2 .  ? 6.644   7.440   2.721   1.00 48.94 ? 101 6O7 B O10   1 
HETATM 739 C  C34   . 6O7 K 2 .  ? 6.584   6.004   2.791   1.00 52.91 ? 101 6O7 B C34   1 
HETATM 740 O  O12   . 6O7 K 2 .  ? 7.567   5.482   3.693   1.00 57.10 ? 101 6O7 B O12   1 
HETATM 741 C  C38   . 6O7 K 2 .  ? 7.411   4.070   3.896   1.00 55.61 ? 101 6O7 B C38   1 
HETATM 742 C  C39   . 6O7 K 2 .  ? 8.453   3.603   4.913   1.00 54.38 ? 101 6O7 B C39   1 
HETATM 743 C  C37   . 6O7 K 2 .  ? 7.533   3.283   2.579   1.00 53.43 ? 101 6O7 B C37   1 
HETATM 744 O  O13   . 6O7 K 2 .  ? 7.136   1.926   2.853   1.00 47.49 ? 101 6O7 B O13   1 
HETATM 745 C  C36   . 6O7 K 2 .  ? 6.729   3.889   1.401   1.00 53.24 ? 101 6O7 B C36   1 
HETATM 746 C  C40   . 6O7 K 2 .  ? 7.254   3.369   0.057   1.00 52.65 ? 101 6O7 B C40   1 
HETATM 747 O  O11   . 6O7 K 2 .  ? 5.334   3.506   1.464   1.00 48.78 ? 101 6O7 B O11   1 
HETATM 748 C  C35   . 6O7 K 2 .  ? 6.869   5.413   1.413   1.00 49.69 ? 101 6O7 B C35   1 
HETATM 749 ZN ZN    . ZN  L 3 .  ? -6.304  -3.603  7.416   1.00 53.63 ? 102 ZN  B ZN    1 
HETATM 750 O  O     . HOH M 4 .  ? -2.088  5.586   9.081   1.00 40.10 ? 201 HOH A O     1 
HETATM 751 O  O     . HOH M 4 .  ? -6.459  1.881   -11.183 1.00 47.48 ? 202 HOH A O     1 
HETATM 752 O  O     . HOH M 4 .  ? -1.770  6.474   6.359   1.00 40.21 ? 203 HOH A O     1 
HETATM 753 O  O     . HOH M 4 .  ? 3.529   -5.828  -10.213 1.00 32.34 ? 204 HOH A O     1 
HETATM 754 O  O     . HOH M 4 .  ? 2.901   -6.149  -7.267  1.00 39.03 ? 205 HOH A O     1 
HETATM 755 O  O     . HOH M 4 .  ? -4.309  -0.894  -7.707  1.00 41.56 ? 206 HOH A O     1 
HETATM 756 O  O     . HOH M 4 .  ? -2.586  -0.944  -4.201  1.00 52.25 ? 207 HOH A O     1 
HETATM 757 O  O     . HOH N 4 .  ? -5.210  -3.184  5.823   1.00 39.57 ? 201 HOH B O     1 
HETATM 758 O  O     . HOH N 4 .  ? -8.131  -3.982  8.117   1.00 55.11 ? 202 HOH B O     1 
HETATM 759 O  O     . HOH N 4 .  ? -6.060  -5.525  6.855   1.00 52.14 ? 203 HOH B O     1 
# 
